data_8R6T
#
_entry.id   8R6T
#
_entity_poly.entity_id   1
_entity_poly.type   'polypeptide(L)'
_entity_poly.pdbx_seq_one_letter_code
;GAMGKCLAEHHEKSKSTHSQVGDDIPKCNLASGYYEQMQCNTQQHWCVDPESGTALGERRSGGCTEAARDHC
;
_entity_poly.pdbx_strand_id   A
#
# COMPACT_ATOMS: atom_id res chain seq x y z
N LYS A 5 -13.45 -0.36 -1.20
CA LYS A 5 -13.40 -1.55 -0.36
C LYS A 5 -12.26 -1.46 0.66
N CYS A 6 -11.03 -1.50 0.17
CA CYS A 6 -9.87 -1.41 1.03
C CYS A 6 -9.95 -0.19 1.95
N LEU A 7 -10.40 0.93 1.40
CA LEU A 7 -10.54 2.16 2.16
C LEU A 7 -11.69 2.06 3.16
N ALA A 8 -12.80 1.48 2.71
CA ALA A 8 -13.98 1.32 3.56
C ALA A 8 -13.65 0.47 4.78
N GLU A 9 -12.95 -0.64 4.56
CA GLU A 9 -12.58 -1.54 5.65
C GLU A 9 -11.48 -0.93 6.51
N HIS A 10 -10.43 -0.45 5.86
CA HIS A 10 -9.31 0.16 6.58
C HIS A 10 -9.78 1.34 7.42
N HIS A 11 -10.66 2.16 6.85
CA HIS A 11 -11.19 3.32 7.56
C HIS A 11 -12.13 2.89 8.69
N GLU A 12 -13.05 1.98 8.36
CA GLU A 12 -14.02 1.49 9.33
C GLU A 12 -13.31 0.93 10.56
N LYS A 13 -12.22 0.19 10.33
CA LYS A 13 -11.45 -0.40 11.41
C LYS A 13 -10.63 0.65 12.14
N SER A 14 -10.04 1.57 11.38
CA SER A 14 -9.23 2.64 11.95
C SER A 14 -10.07 3.53 12.87
N LYS A 15 -11.29 3.82 12.44
CA LYS A 15 -12.20 4.65 13.22
C LYS A 15 -12.78 3.89 14.40
N SER A 16 -13.34 2.71 14.11
CA SER A 16 -13.93 1.88 15.14
C SER A 16 -12.88 1.41 16.14
N THR A 17 -13.11 1.71 17.42
CA THR A 17 -12.16 1.33 18.47
C THR A 17 -10.81 2.00 18.27
N HIS A 18 -9.87 1.68 19.16
CA HIS A 18 -8.53 2.25 19.09
C HIS A 18 -7.58 1.33 18.33
N SER A 19 -7.88 1.12 17.05
CA SER A 19 -7.05 0.25 16.22
C SER A 19 -7.00 0.76 14.78
N GLN A 20 -5.98 1.54 14.47
CA GLN A 20 -5.80 2.10 13.13
C GLN A 20 -4.41 1.82 12.60
N VAL A 21 -4.07 0.54 12.46
CA VAL A 21 -2.75 0.15 11.96
C VAL A 21 -2.83 -0.24 10.48
N GLY A 22 -1.81 0.15 9.73
CA GLY A 22 -1.77 -0.16 8.31
C GLY A 22 -0.47 -0.84 7.90
N ASP A 23 -0.49 -2.17 7.82
CA ASP A 23 0.68 -2.93 7.44
C ASP A 23 0.29 -4.14 6.60
N ASP A 24 -0.51 -5.03 7.18
CA ASP A 24 -0.95 -6.23 6.48
C ASP A 24 -2.30 -5.99 5.79
N ILE A 25 -2.42 -4.84 5.14
CA ILE A 25 -3.65 -4.49 4.44
C ILE A 25 -3.37 -4.19 2.97
N PRO A 26 -4.42 -4.28 2.14
CA PRO A 26 -4.32 -4.03 0.69
C PRO A 26 -4.07 -2.56 0.39
N LYS A 27 -2.80 -2.16 0.40
CA LYS A 27 -2.43 -0.78 0.11
C LYS A 27 -3.05 -0.30 -1.20
N CYS A 28 -3.91 0.71 -1.10
CA CYS A 28 -4.57 1.26 -2.28
C CYS A 28 -4.47 2.78 -2.30
N ASN A 29 -3.76 3.30 -3.30
CA ASN A 29 -3.58 4.74 -3.43
C ASN A 29 -4.93 5.45 -3.57
N LEU A 30 -5.16 6.46 -2.73
CA LEU A 30 -6.41 7.21 -2.75
C LEU A 30 -6.62 7.85 -4.13
N ALA A 31 -5.54 7.98 -4.89
CA ALA A 31 -5.62 8.57 -6.22
C ALA A 31 -6.69 7.90 -7.06
N SER A 32 -6.72 6.57 -7.04
CA SER A 32 -7.68 5.81 -7.80
C SER A 32 -8.60 5.01 -6.88
N GLY A 33 -8.08 4.66 -5.70
CA GLY A 33 -8.86 3.90 -4.75
C GLY A 33 -8.70 2.40 -4.93
N TYR A 34 -7.72 2.00 -5.74
CA TYR A 34 -7.47 0.59 -6.00
C TYR A 34 -6.20 0.13 -5.31
N TYR A 35 -6.15 -1.17 -4.98
CA TYR A 35 -4.99 -1.74 -4.31
C TYR A 35 -3.98 -2.25 -5.34
N GLU A 36 -4.07 -1.75 -6.56
CA GLU A 36 -3.17 -2.16 -7.63
C GLU A 36 -2.19 -1.03 -7.98
N GLN A 37 -2.28 0.07 -7.23
CA GLN A 37 -1.41 1.21 -7.46
C GLN A 37 -0.08 1.05 -6.72
N MET A 38 -0.15 1.08 -5.40
CA MET A 38 1.05 0.95 -4.56
C MET A 38 0.84 -0.11 -3.49
N GLN A 39 1.93 -0.74 -3.05
CA GLN A 39 1.86 -1.76 -2.03
C GLN A 39 3.03 -1.63 -1.04
N CYS A 40 2.81 -0.86 0.02
CA CYS A 40 3.84 -0.64 1.03
C CYS A 40 3.57 -1.49 2.27
N ASN A 41 4.63 -2.02 2.86
CA ASN A 41 4.50 -2.86 4.05
C ASN A 41 5.48 -2.42 5.13
N THR A 42 5.31 -2.94 6.34
CA THR A 42 6.18 -2.60 7.45
C THR A 42 7.59 -3.12 7.22
N GLN A 43 7.69 -4.29 6.59
CA GLN A 43 8.99 -4.89 6.30
C GLN A 43 9.34 -4.78 4.82
N GLN A 44 8.31 -4.90 3.98
CA GLN A 44 8.51 -4.82 2.54
C GLN A 44 7.90 -3.53 1.98
N HIS A 45 8.09 -3.31 0.68
CA HIS A 45 7.57 -2.11 0.03
C HIS A 45 7.77 -2.19 -1.49
N TRP A 46 6.66 -2.39 -2.20
CA TRP A 46 6.72 -2.48 -3.66
C TRP A 46 5.56 -1.73 -4.30
N CYS A 47 5.58 -1.62 -5.62
CA CYS A 47 4.54 -0.91 -6.35
C CYS A 47 3.90 -1.83 -7.39
N VAL A 48 2.70 -1.46 -7.84
CA VAL A 48 1.99 -2.25 -8.84
C VAL A 48 1.22 -1.34 -9.81
N ASP A 49 0.56 -1.96 -10.78
CA ASP A 49 -0.20 -1.21 -11.77
C ASP A 49 -1.67 -1.65 -11.78
N PRO A 50 -2.57 -0.68 -12.02
CA PRO A 50 -4.01 -0.94 -12.06
C PRO A 50 -4.43 -1.78 -13.26
N GLU A 51 -3.59 -1.76 -14.30
CA GLU A 51 -3.87 -2.51 -15.51
C GLU A 51 -4.21 -3.96 -15.18
N SER A 52 -3.31 -4.63 -14.46
CA SER A 52 -3.51 -6.02 -14.08
C SER A 52 -3.17 -6.24 -12.62
N GLY A 53 -2.14 -5.53 -12.13
CA GLY A 53 -1.74 -5.66 -10.76
C GLY A 53 -0.37 -6.30 -10.60
N THR A 54 0.50 -6.07 -11.58
CA THR A 54 1.84 -6.63 -11.57
C THR A 54 2.85 -5.62 -11.02
N ALA A 55 3.97 -6.14 -10.52
CA ALA A 55 5.01 -5.28 -9.96
C ALA A 55 5.72 -4.49 -11.06
N LEU A 56 6.28 -3.34 -10.69
CA LEU A 56 6.99 -2.50 -11.65
C LEU A 56 8.45 -2.32 -11.25
N GLY A 57 8.71 -2.26 -9.95
CA GLY A 57 10.06 -2.11 -9.46
C GLY A 57 10.53 -3.30 -8.66
N GLU A 58 11.58 -3.11 -7.87
CA GLU A 58 12.13 -4.17 -7.04
C GLU A 58 11.57 -4.11 -5.62
N ARG A 59 11.96 -5.08 -4.79
CA ARG A 59 11.51 -5.14 -3.42
C ARG A 59 12.66 -5.44 -2.47
N ARG A 60 13.48 -4.43 -2.20
CA ARG A 60 14.61 -4.59 -1.30
C ARG A 60 15.37 -3.27 -1.15
N SER A 61 15.18 -2.61 -0.01
CA SER A 61 15.83 -1.33 0.26
C SER A 61 15.45 -0.80 1.63
N GLY A 62 16.16 0.23 2.08
CA GLY A 62 15.87 0.81 3.38
C GLY A 62 14.58 1.61 3.39
N GLY A 63 13.81 1.50 4.46
CA GLY A 63 12.56 2.21 4.56
C GLY A 63 11.61 1.88 3.44
N CYS A 64 10.40 2.42 3.51
CA CYS A 64 9.39 2.18 2.49
C CYS A 64 9.38 3.31 1.46
N THR A 65 8.84 4.46 1.86
CA THR A 65 8.77 5.62 0.98
C THR A 65 10.13 5.93 0.36
N GLU A 66 11.19 5.67 1.13
CA GLU A 66 12.54 5.93 0.65
C GLU A 66 12.79 5.25 -0.69
N ALA A 67 12.67 3.93 -0.71
CA ALA A 67 12.88 3.17 -1.94
C ALA A 67 11.70 3.32 -2.89
N ALA A 68 10.50 3.41 -2.32
CA ALA A 68 9.29 3.56 -3.11
C ALA A 68 9.36 4.79 -4.01
N ARG A 69 9.81 5.91 -3.45
CA ARG A 69 9.94 7.15 -4.20
C ARG A 69 11.23 7.17 -5.01
N ASP A 70 12.31 6.74 -4.38
CA ASP A 70 13.62 6.71 -5.04
C ASP A 70 13.56 5.89 -6.32
N HIS A 71 12.90 4.74 -6.25
CA HIS A 71 12.77 3.86 -7.39
C HIS A 71 11.84 2.68 -7.08
N CYS A 72 10.67 2.99 -6.55
CA CYS A 72 9.69 1.97 -6.20
C CYS A 72 10.28 0.97 -5.20
N LYS A 5 -13.43 0.00 -0.41
CA LYS A 5 -12.77 -1.01 0.41
C LYS A 5 -11.66 -0.39 1.27
N CYS A 6 -10.59 0.03 0.61
CA CYS A 6 -9.46 0.63 1.31
C CYS A 6 -9.89 1.91 2.03
N LEU A 7 -10.71 2.71 1.37
CA LEU A 7 -11.20 3.96 1.94
C LEU A 7 -12.08 3.69 3.16
N ALA A 8 -12.93 2.68 3.06
CA ALA A 8 -13.82 2.32 4.15
C ALA A 8 -13.04 1.73 5.32
N GLU A 9 -12.15 0.78 5.03
CA GLU A 9 -11.35 0.14 6.07
C GLU A 9 -10.43 1.17 6.73
N HIS A 10 -9.69 1.92 5.92
CA HIS A 10 -8.77 2.92 6.44
C HIS A 10 -9.51 3.96 7.28
N HIS A 11 -10.56 4.55 6.70
CA HIS A 11 -11.36 5.55 7.39
C HIS A 11 -11.95 4.99 8.67
N GLU A 12 -12.56 3.81 8.56
CA GLU A 12 -13.17 3.15 9.72
C GLU A 12 -12.16 2.95 10.84
N LYS A 13 -11.03 2.32 10.49
CA LYS A 13 -9.97 2.06 11.46
C LYS A 13 -9.47 3.37 12.08
N SER A 14 -9.33 4.40 11.26
CA SER A 14 -8.85 5.69 11.73
C SER A 14 -9.79 6.25 12.80
N LYS A 15 -11.08 6.32 12.47
CA LYS A 15 -12.08 6.84 13.40
C LYS A 15 -12.10 6.03 14.69
N SER A 16 -12.26 4.72 14.55
CA SER A 16 -12.30 3.83 15.71
C SER A 16 -11.32 2.67 15.54
N THR A 17 -10.07 2.90 15.93
CA THR A 17 -9.04 1.88 15.82
C THR A 17 -9.41 0.63 16.62
N HIS A 18 -9.25 -0.54 15.99
CA HIS A 18 -9.57 -1.80 16.64
C HIS A 18 -9.17 -2.98 15.76
N SER A 19 -8.27 -3.81 16.27
CA SER A 19 -7.79 -4.97 15.54
C SER A 19 -7.19 -4.56 14.20
N GLN A 20 -5.91 -4.17 14.24
CA GLN A 20 -5.21 -3.75 13.02
C GLN A 20 -4.10 -4.72 12.67
N VAL A 21 -4.46 -5.83 12.03
CA VAL A 21 -3.49 -6.84 11.63
C VAL A 21 -3.71 -7.28 10.19
N GLY A 22 -2.71 -7.95 9.63
CA GLY A 22 -2.82 -8.42 8.25
C GLY A 22 -1.50 -8.33 7.51
N ASP A 23 -1.24 -7.19 6.89
CA ASP A 23 0.00 -6.98 6.14
C ASP A 23 0.20 -5.51 5.81
N ASP A 24 0.43 -4.71 6.84
CA ASP A 24 0.64 -3.27 6.66
C ASP A 24 -0.59 -2.62 6.04
N ILE A 25 -0.45 -1.36 5.64
CA ILE A 25 -1.54 -0.62 5.02
C ILE A 25 -1.33 -0.49 3.51
N PRO A 26 -2.40 -0.78 2.74
CA PRO A 26 -2.35 -0.69 1.28
C PRO A 26 -2.25 0.76 0.79
N LYS A 27 -1.67 0.93 -0.40
CA LYS A 27 -1.53 2.25 -0.98
C LYS A 27 -2.59 2.51 -2.05
N CYS A 28 -3.84 2.28 -1.68
CA CYS A 28 -4.96 2.49 -2.61
C CYS A 28 -4.90 3.88 -3.22
N ASN A 29 -4.99 3.92 -4.55
CA ASN A 29 -4.94 5.19 -5.28
C ASN A 29 -5.94 6.19 -4.68
N LEU A 30 -5.67 7.47 -4.89
CA LEU A 30 -6.54 8.53 -4.38
C LEU A 30 -7.88 8.53 -5.11
N ALA A 31 -7.82 8.58 -6.44
CA ALA A 31 -9.02 8.59 -7.26
C ALA A 31 -9.43 7.16 -7.64
N SER A 32 -8.45 6.35 -8.00
CA SER A 32 -8.71 4.97 -8.39
C SER A 32 -9.15 4.13 -7.20
N GLY A 33 -8.69 4.52 -6.01
CA GLY A 33 -9.05 3.80 -4.80
C GLY A 33 -8.61 2.36 -4.83
N TYR A 34 -7.69 2.04 -5.74
CA TYR A 34 -7.18 0.68 -5.87
C TYR A 34 -5.76 0.57 -5.34
N TYR A 35 -5.51 -0.47 -4.54
CA TYR A 35 -4.19 -0.68 -3.97
C TYR A 35 -3.32 -1.54 -4.88
N GLU A 36 -3.70 -1.61 -6.15
CA GLU A 36 -2.97 -2.40 -7.14
C GLU A 36 -1.88 -1.56 -7.80
N GLN A 37 -1.73 -0.32 -7.34
CA GLN A 37 -0.73 0.58 -7.88
C GLN A 37 0.55 0.53 -7.06
N MET A 38 0.41 0.47 -5.74
CA MET A 38 1.55 0.42 -4.84
C MET A 38 1.27 -0.51 -3.67
N GLN A 39 2.29 -1.26 -3.25
CA GLN A 39 2.15 -2.18 -2.14
C GLN A 39 3.26 -1.97 -1.11
N CYS A 40 2.87 -1.72 0.14
CA CYS A 40 3.82 -1.50 1.21
C CYS A 40 3.68 -2.56 2.30
N ASN A 41 4.80 -3.13 2.73
CA ASN A 41 4.80 -4.15 3.77
C ASN A 41 5.91 -3.91 4.78
N THR A 42 5.64 -4.22 6.04
CA THR A 42 6.62 -4.04 7.10
C THR A 42 7.96 -4.68 6.73
N GLN A 43 7.89 -5.80 6.01
CA GLN A 43 9.10 -6.51 5.60
C GLN A 43 9.79 -5.77 4.46
N GLN A 44 9.01 -5.31 3.50
CA GLN A 44 9.55 -4.59 2.35
C GLN A 44 8.44 -3.90 1.57
N HIS A 45 8.82 -3.20 0.50
CA HIS A 45 7.86 -2.50 -0.34
C HIS A 45 8.03 -2.89 -1.80
N TRP A 46 7.00 -2.64 -2.61
CA TRP A 46 7.04 -2.96 -4.03
C TRP A 46 5.85 -2.35 -4.76
N CYS A 47 6.10 -1.88 -5.98
CA CYS A 47 5.05 -1.26 -6.78
C CYS A 47 4.31 -2.30 -7.62
N VAL A 48 3.05 -2.03 -7.92
CA VAL A 48 2.24 -2.95 -8.71
C VAL A 48 1.38 -2.19 -9.72
N ASP A 49 0.78 -2.93 -10.64
CA ASP A 49 -0.06 -2.33 -11.67
C ASP A 49 -1.53 -2.60 -11.39
N PRO A 50 -2.39 -1.67 -11.81
CA PRO A 50 -3.85 -1.78 -11.61
C PRO A 50 -4.47 -2.89 -12.47
N GLU A 51 -3.77 -3.26 -13.54
CA GLU A 51 -4.25 -4.30 -14.44
C GLU A 51 -4.63 -5.56 -13.65
N SER A 52 -3.71 -6.06 -12.86
CA SER A 52 -3.95 -7.26 -12.06
C SER A 52 -3.45 -7.06 -10.63
N GLY A 53 -2.34 -6.35 -10.49
CA GLY A 53 -1.78 -6.10 -9.16
C GLY A 53 -0.47 -6.84 -8.94
N THR A 54 0.28 -7.02 -10.02
CA THR A 54 1.56 -7.72 -9.93
C THR A 54 2.73 -6.75 -9.92
N ALA A 55 3.87 -7.20 -9.43
CA ALA A 55 5.07 -6.36 -9.37
C ALA A 55 5.52 -5.96 -10.76
N LEU A 56 6.21 -4.83 -10.85
CA LEU A 56 6.71 -4.33 -12.13
C LEU A 56 8.23 -4.34 -12.17
N GLY A 57 8.85 -3.92 -11.08
CA GLY A 57 10.30 -3.89 -11.00
C GLY A 57 10.85 -4.92 -10.03
N GLU A 58 11.74 -4.48 -9.15
CA GLU A 58 12.34 -5.38 -8.17
C GLU A 58 11.73 -5.17 -6.79
N ARG A 59 12.29 -5.83 -5.79
CA ARG A 59 11.81 -5.72 -4.42
C ARG A 59 12.92 -6.02 -3.42
N ARG A 60 13.52 -4.97 -2.88
CA ARG A 60 14.61 -5.13 -1.91
C ARG A 60 15.11 -3.77 -1.43
N SER A 61 14.54 -3.28 -0.33
CA SER A 61 14.93 -2.00 0.23
C SER A 61 14.57 -1.90 1.71
N GLY A 62 14.75 -0.73 2.28
CA GLY A 62 14.44 -0.53 3.69
C GLY A 62 13.18 0.29 3.89
N GLY A 63 13.22 1.55 3.48
CA GLY A 63 12.06 2.41 3.63
C GLY A 63 10.88 1.96 2.79
N CYS A 64 9.69 1.98 3.38
CA CYS A 64 8.49 1.57 2.67
C CYS A 64 7.92 2.71 1.83
N THR A 65 7.51 3.79 2.49
CA THR A 65 6.96 4.95 1.80
C THR A 65 8.06 5.85 1.28
N GLU A 66 9.15 5.95 2.03
CA GLU A 66 10.29 6.79 1.64
C GLU A 66 10.75 6.44 0.23
N ALA A 67 11.04 5.16 -0.01
CA ALA A 67 11.49 4.70 -1.31
C ALA A 67 10.34 4.70 -2.31
N ALA A 68 9.15 4.38 -1.84
CA ALA A 68 7.97 4.34 -2.70
C ALA A 68 7.80 5.66 -3.45
N ARG A 69 7.87 6.77 -2.73
CA ARG A 69 7.72 8.09 -3.32
C ARG A 69 9.03 8.54 -3.97
N ASP A 70 10.14 8.29 -3.28
CA ASP A 70 11.45 8.68 -3.77
C ASP A 70 11.69 8.11 -5.16
N HIS A 71 11.32 6.85 -5.35
CA HIS A 71 11.50 6.18 -6.64
C HIS A 71 10.91 4.77 -6.61
N CYS A 72 9.65 4.68 -6.20
CA CYS A 72 8.97 3.39 -6.12
C CYS A 72 9.65 2.47 -5.11
N LYS A 5 -15.16 -1.35 -0.81
CA LYS A 5 -14.40 -2.36 -0.10
C LYS A 5 -13.16 -1.75 0.55
N CYS A 6 -12.21 -1.32 -0.28
CA CYS A 6 -10.98 -0.71 0.23
C CYS A 6 -11.29 0.53 1.06
N LEU A 7 -12.07 1.44 0.49
CA LEU A 7 -12.44 2.67 1.17
C LEU A 7 -13.19 2.37 2.47
N ALA A 8 -14.10 1.39 2.41
CA ALA A 8 -14.88 1.01 3.57
C ALA A 8 -13.98 0.49 4.69
N GLU A 9 -13.10 -0.45 4.35
CA GLU A 9 -12.19 -1.03 5.32
C GLU A 9 -11.28 0.03 5.91
N HIS A 10 -10.65 0.82 5.05
CA HIS A 10 -9.76 1.88 5.48
C HIS A 10 -10.47 2.86 6.40
N HIS A 11 -11.69 3.22 6.03
CA HIS A 11 -12.49 4.16 6.82
C HIS A 11 -12.79 3.58 8.20
N GLU A 12 -13.40 2.40 8.23
CA GLU A 12 -13.73 1.75 9.50
C GLU A 12 -12.49 1.56 10.36
N LYS A 13 -11.44 1.00 9.76
CA LYS A 13 -10.20 0.76 10.48
C LYS A 13 -9.65 2.06 11.07
N SER A 14 -9.64 3.11 10.26
CA SER A 14 -9.14 4.41 10.71
C SER A 14 -9.96 4.93 11.89
N LYS A 15 -11.28 4.87 11.75
CA LYS A 15 -12.18 5.34 12.80
C LYS A 15 -11.94 4.57 14.10
N SER A 16 -12.20 3.26 14.05
CA SER A 16 -12.01 2.41 15.22
C SER A 16 -11.56 1.02 14.82
N THR A 17 -11.43 0.14 15.80
CA THR A 17 -11.00 -1.24 15.55
C THR A 17 -9.65 -1.27 14.83
N HIS A 18 -8.74 -0.39 15.25
CA HIS A 18 -7.42 -0.32 14.64
C HIS A 18 -6.43 -1.19 15.41
N SER A 19 -6.57 -1.22 16.73
CA SER A 19 -5.68 -2.01 17.58
C SER A 19 -4.23 -1.55 17.44
N GLN A 20 -3.36 -2.09 18.27
CA GLN A 20 -1.94 -1.74 18.23
C GLN A 20 -1.18 -2.62 17.25
N VAL A 21 -1.56 -2.55 15.98
CA VAL A 21 -0.90 -3.34 14.95
C VAL A 21 -1.02 -2.67 13.58
N GLY A 22 -0.01 -2.88 12.75
CA GLY A 22 -0.01 -2.29 11.42
C GLY A 22 1.15 -2.76 10.57
N ASP A 23 0.88 -3.68 9.66
CA ASP A 23 1.92 -4.22 8.77
C ASP A 23 1.30 -5.00 7.63
N ASP A 24 0.22 -4.47 7.07
CA ASP A 24 -0.46 -5.12 5.95
C ASP A 24 -1.65 -4.29 5.48
N ILE A 25 -1.42 -2.99 5.30
CA ILE A 25 -2.46 -2.08 4.85
C ILE A 25 -2.31 -1.74 3.37
N PRO A 26 -3.41 -1.83 2.63
CA PRO A 26 -3.41 -1.52 1.19
C PRO A 26 -3.21 -0.04 0.90
N LYS A 27 -2.37 0.26 -0.08
CA LYS A 27 -2.09 1.64 -0.45
C LYS A 27 -2.94 2.07 -1.64
N CYS A 28 -4.25 1.99 -1.48
CA CYS A 28 -5.18 2.38 -2.54
C CYS A 28 -4.86 3.77 -3.07
N ASN A 29 -4.89 3.92 -4.39
CA ASN A 29 -4.60 5.19 -5.02
C ASN A 29 -5.51 6.29 -4.47
N LEU A 30 -5.08 7.53 -4.61
CA LEU A 30 -5.85 8.68 -4.13
C LEU A 30 -7.12 8.86 -4.97
N ALA A 31 -6.94 8.93 -6.28
CA ALA A 31 -8.07 9.11 -7.19
C ALA A 31 -8.61 7.76 -7.67
N SER A 32 -7.70 6.85 -7.99
CA SER A 32 -8.08 5.52 -8.46
C SER A 32 -8.71 4.71 -7.34
N GLY A 33 -8.30 4.99 -6.11
CA GLY A 33 -8.83 4.28 -4.96
C GLY A 33 -8.57 2.79 -5.03
N TYR A 34 -7.63 2.40 -5.88
CA TYR A 34 -7.28 0.99 -6.04
C TYR A 34 -5.91 0.70 -5.44
N TYR A 35 -5.80 -0.43 -4.76
CA TYR A 35 -4.55 -0.83 -4.12
C TYR A 35 -3.66 -1.59 -5.11
N GLU A 36 -3.95 -1.44 -6.39
CA GLU A 36 -3.18 -2.11 -7.44
C GLU A 36 -2.09 -1.20 -7.98
N GLN A 37 -1.96 -0.01 -7.38
CA GLN A 37 -0.95 0.95 -7.81
C GLN A 37 0.31 0.84 -6.95
N MET A 38 0.11 0.82 -5.64
CA MET A 38 1.23 0.71 -4.71
C MET A 38 0.89 -0.23 -3.56
N GLN A 39 1.90 -0.93 -3.04
CA GLN A 39 1.71 -1.85 -1.94
C GLN A 39 2.86 -1.76 -0.94
N CYS A 40 2.71 -0.89 0.05
CA CYS A 40 3.73 -0.71 1.07
C CYS A 40 3.37 -1.47 2.34
N ASN A 41 4.37 -2.14 2.92
CA ASN A 41 4.16 -2.90 4.14
C ASN A 41 5.31 -2.69 5.13
N THR A 42 5.12 -3.16 6.36
CA THR A 42 6.14 -3.01 7.39
C THR A 42 7.35 -3.90 7.11
N GLN A 43 7.07 -5.08 6.57
CA GLN A 43 8.14 -6.03 6.25
C GLN A 43 8.90 -5.60 5.00
N GLN A 44 8.16 -5.14 3.99
CA GLN A 44 8.75 -4.71 2.74
C GLN A 44 7.81 -3.79 1.97
N HIS A 45 8.27 -3.31 0.82
CA HIS A 45 7.46 -2.42 -0.01
C HIS A 45 7.64 -2.73 -1.49
N TRP A 46 6.56 -2.68 -2.24
CA TRP A 46 6.60 -2.95 -3.68
C TRP A 46 5.51 -2.19 -4.42
N CYS A 47 5.70 -1.99 -5.72
CA CYS A 47 4.74 -1.28 -6.54
C CYS A 47 3.97 -2.24 -7.44
N VAL A 48 2.86 -1.77 -7.99
CA VAL A 48 2.03 -2.59 -8.87
C VAL A 48 1.25 -1.72 -9.84
N ASP A 49 0.59 -2.36 -10.81
CA ASP A 49 -0.21 -1.65 -11.80
C ASP A 49 -1.69 -1.97 -11.63
N PRO A 50 -2.55 -1.00 -12.01
CA PRO A 50 -4.00 -1.15 -11.91
C PRO A 50 -4.55 -2.16 -12.91
N GLU A 51 -3.80 -2.40 -13.97
CA GLU A 51 -4.22 -3.35 -15.00
C GLU A 51 -4.59 -4.69 -14.38
N SER A 52 -3.69 -5.25 -13.60
CA SER A 52 -3.93 -6.54 -12.95
C SER A 52 -3.44 -6.53 -11.51
N GLY A 53 -2.32 -5.84 -11.28
CA GLY A 53 -1.76 -5.75 -9.94
C GLY A 53 -0.44 -6.48 -9.82
N THR A 54 0.32 -6.50 -10.91
CA THR A 54 1.61 -7.18 -10.92
C THR A 54 2.74 -6.20 -10.64
N ALA A 55 3.85 -6.71 -10.10
CA ALA A 55 5.00 -5.89 -9.78
C ALA A 55 5.64 -5.33 -11.05
N LEU A 56 6.04 -4.06 -10.99
CA LEU A 56 6.67 -3.41 -12.13
C LEU A 56 8.19 -3.40 -11.99
N GLY A 57 8.67 -3.17 -10.78
CA GLY A 57 10.10 -3.15 -10.53
C GLY A 57 10.56 -4.29 -9.65
N GLU A 58 10.97 -3.96 -8.42
CA GLU A 58 11.44 -4.97 -7.48
C GLU A 58 11.14 -4.54 -6.05
N ARG A 59 11.62 -5.35 -5.09
CA ARG A 59 11.41 -5.06 -3.68
C ARG A 59 12.74 -4.86 -2.96
N ARG A 60 12.67 -4.44 -1.70
CA ARG A 60 13.87 -4.22 -0.91
C ARG A 60 14.71 -3.10 -1.50
N SER A 61 14.68 -1.93 -0.87
CA SER A 61 15.44 -0.77 -1.34
C SER A 61 15.91 0.09 -0.17
N GLY A 62 14.98 0.43 0.71
CA GLY A 62 15.31 1.26 1.86
C GLY A 62 14.22 2.25 2.19
N GLY A 63 13.41 1.94 3.20
CA GLY A 63 12.34 2.83 3.60
C GLY A 63 11.06 2.59 2.81
N CYS A 64 9.98 2.29 3.52
CA CYS A 64 8.70 2.04 2.88
C CYS A 64 8.34 3.18 1.92
N THR A 65 8.12 4.36 2.49
CA THR A 65 7.76 5.53 1.69
C THR A 65 9.00 6.17 1.05
N GLU A 66 10.11 6.14 1.79
CA GLU A 66 11.36 6.71 1.30
C GLU A 66 11.72 6.13 -0.07
N ALA A 67 11.76 4.81 -0.15
CA ALA A 67 12.10 4.13 -1.40
C ALA A 67 10.93 4.18 -2.38
N ALA A 68 9.71 4.10 -1.85
CA ALA A 68 8.52 4.14 -2.68
C ALA A 68 8.47 5.41 -3.52
N ARG A 69 8.80 6.54 -2.89
CA ARG A 69 8.79 7.82 -3.58
C ARG A 69 10.09 8.04 -4.34
N ASP A 70 11.20 7.68 -3.70
CA ASP A 70 12.52 7.84 -4.31
C ASP A 70 12.60 7.07 -5.63
N HIS A 71 12.02 5.88 -5.65
CA HIS A 71 12.03 5.04 -6.84
C HIS A 71 11.23 3.76 -6.62
N CYS A 72 10.03 3.91 -6.08
CA CYS A 72 9.16 2.78 -5.82
C CYS A 72 9.84 1.78 -4.88
N LYS A 5 -12.73 0.78 -2.07
CA LYS A 5 -12.83 -0.05 -0.87
C LYS A 5 -11.71 0.29 0.12
N CYS A 6 -10.52 0.56 -0.41
CA CYS A 6 -9.38 0.90 0.42
C CYS A 6 -9.65 2.17 1.22
N LEU A 7 -10.17 3.18 0.56
CA LEU A 7 -10.48 4.46 1.21
C LEU A 7 -11.50 4.27 2.33
N ALA A 8 -12.55 3.51 2.03
CA ALA A 8 -13.60 3.24 3.01
C ALA A 8 -13.07 2.42 4.18
N GLU A 9 -12.47 1.28 3.87
CA GLU A 9 -11.92 0.41 4.90
C GLU A 9 -10.88 1.16 5.75
N HIS A 10 -9.92 1.78 5.08
CA HIS A 10 -8.87 2.53 5.77
C HIS A 10 -9.47 3.61 6.66
N HIS A 11 -10.43 4.36 6.11
CA HIS A 11 -11.09 5.43 6.85
C HIS A 11 -11.74 4.88 8.12
N GLU A 12 -12.54 3.82 7.96
CA GLU A 12 -13.23 3.21 9.09
C GLU A 12 -12.23 2.77 10.16
N LYS A 13 -11.20 2.05 9.73
CA LYS A 13 -10.17 1.57 10.65
C LYS A 13 -9.50 2.73 11.38
N SER A 14 -9.21 3.79 10.66
CA SER A 14 -8.57 4.97 11.24
C SER A 14 -9.44 5.57 12.34
N LYS A 15 -10.72 5.77 12.03
CA LYS A 15 -11.66 6.34 12.99
C LYS A 15 -11.81 5.43 14.20
N SER A 16 -11.78 4.12 13.96
CA SER A 16 -11.93 3.14 15.03
C SER A 16 -10.61 2.95 15.77
N THR A 17 -10.60 2.03 16.74
CA THR A 17 -9.41 1.75 17.52
C THR A 17 -8.91 0.34 17.26
N HIS A 18 -9.83 -0.59 17.05
CA HIS A 18 -9.48 -1.98 16.80
C HIS A 18 -8.66 -2.10 15.51
N SER A 19 -7.87 -3.17 15.41
CA SER A 19 -7.03 -3.40 14.24
C SER A 19 -6.78 -4.89 14.04
N GLN A 20 -5.91 -5.21 13.08
CA GLN A 20 -5.58 -6.60 12.78
C GLN A 20 -4.06 -6.80 12.76
N VAL A 21 -3.64 -8.03 12.53
CA VAL A 21 -2.22 -8.36 12.47
C VAL A 21 -1.87 -9.05 11.16
N GLY A 22 -0.66 -8.81 10.67
CA GLY A 22 -0.22 -9.41 9.43
C GLY A 22 0.33 -8.38 8.45
N ASP A 23 -0.01 -8.55 7.17
CA ASP A 23 0.46 -7.64 6.14
C ASP A 23 0.10 -6.20 6.48
N ASP A 24 0.99 -5.27 6.14
CA ASP A 24 0.77 -3.86 6.42
C ASP A 24 -0.46 -3.36 5.68
N ILE A 25 -0.66 -2.04 5.70
CA ILE A 25 -1.81 -1.43 5.04
C ILE A 25 -1.65 -1.46 3.51
N PRO A 26 -2.70 -1.88 2.81
CA PRO A 26 -2.70 -1.96 1.35
C PRO A 26 -2.70 -0.58 0.70
N LYS A 27 -1.50 -0.09 0.38
CA LYS A 27 -1.35 1.21 -0.26
C LYS A 27 -2.25 1.33 -1.48
N CYS A 28 -3.03 2.41 -1.54
CA CYS A 28 -3.94 2.65 -2.65
C CYS A 28 -3.85 4.09 -3.13
N ASN A 29 -3.63 4.26 -4.43
CA ASN A 29 -3.52 5.59 -5.02
C ASN A 29 -4.88 6.28 -5.06
N LEU A 30 -4.95 7.48 -4.49
CA LEU A 30 -6.19 8.24 -4.47
C LEU A 30 -6.70 8.51 -5.88
N ALA A 31 -5.80 8.40 -6.85
CA ALA A 31 -6.15 8.63 -8.25
C ALA A 31 -7.36 7.79 -8.65
N SER A 32 -7.35 6.52 -8.28
CA SER A 32 -8.44 5.61 -8.61
C SER A 32 -9.12 5.09 -7.34
N GLY A 33 -8.36 5.04 -6.25
CA GLY A 33 -8.89 4.56 -4.99
C GLY A 33 -8.72 3.07 -4.82
N TYR A 34 -7.82 2.48 -5.60
CA TYR A 34 -7.56 1.05 -5.53
C TYR A 34 -6.21 0.77 -4.89
N TYR A 35 -6.10 -0.36 -4.20
CA TYR A 35 -4.86 -0.75 -3.53
C TYR A 35 -3.99 -1.59 -4.46
N GLU A 36 -4.25 -1.50 -5.76
CA GLU A 36 -3.50 -2.25 -6.74
C GLU A 36 -2.46 -1.37 -7.44
N GLN A 37 -2.36 -0.12 -6.99
CA GLN A 37 -1.42 0.83 -7.56
C GLN A 37 -0.07 0.75 -6.85
N MET A 38 -0.11 0.75 -5.52
CA MET A 38 1.12 0.68 -4.73
C MET A 38 0.98 -0.34 -3.61
N GLN A 39 2.11 -0.76 -3.05
CA GLN A 39 2.11 -1.73 -1.97
C GLN A 39 3.31 -1.54 -1.05
N CYS A 40 3.14 -0.73 -0.03
CA CYS A 40 4.23 -0.45 0.92
C CYS A 40 3.96 -1.13 2.27
N ASN A 41 4.97 -1.80 2.80
CA ASN A 41 4.83 -2.50 4.07
C ASN A 41 6.05 -2.23 4.95
N THR A 42 5.96 -2.65 6.22
CA THR A 42 7.06 -2.46 7.17
C THR A 42 8.24 -3.35 6.81
N GLN A 43 7.96 -4.60 6.48
CA GLN A 43 9.01 -5.55 6.12
C GLN A 43 9.64 -5.19 4.79
N GLN A 44 8.80 -4.90 3.80
CA GLN A 44 9.28 -4.54 2.47
C GLN A 44 8.33 -3.54 1.81
N HIS A 45 8.73 -3.07 0.62
CA HIS A 45 7.92 -2.11 -0.12
C HIS A 45 8.02 -2.35 -1.62
N TRP A 46 6.93 -2.11 -2.33
CA TRP A 46 6.90 -2.31 -3.77
C TRP A 46 5.65 -1.68 -4.38
N CYS A 47 5.56 -1.72 -5.71
CA CYS A 47 4.41 -1.15 -6.42
C CYS A 47 3.67 -2.22 -7.20
N VAL A 48 2.42 -1.93 -7.56
CA VAL A 48 1.60 -2.87 -8.31
C VAL A 48 0.78 -2.15 -9.38
N ASP A 49 0.01 -2.91 -10.14
CA ASP A 49 -0.82 -2.36 -11.20
C ASP A 49 -2.29 -2.70 -10.98
N PRO A 50 -3.19 -1.80 -11.40
CA PRO A 50 -4.63 -2.00 -11.26
C PRO A 50 -5.16 -3.08 -12.18
N GLU A 51 -4.41 -3.37 -13.24
CA GLU A 51 -4.80 -4.41 -14.20
C GLU A 51 -5.16 -5.70 -13.48
N SER A 52 -4.24 -6.21 -12.67
CA SER A 52 -4.46 -7.45 -11.94
C SER A 52 -4.08 -7.28 -10.47
N GLY A 53 -3.03 -6.49 -10.21
CA GLY A 53 -2.59 -6.26 -8.86
C GLY A 53 -1.29 -6.97 -8.54
N THR A 54 -0.44 -7.12 -9.55
CA THR A 54 0.84 -7.79 -9.38
C THR A 54 1.99 -6.78 -9.33
N ALA A 55 3.14 -7.22 -8.84
CA ALA A 55 4.31 -6.37 -8.74
C ALA A 55 4.84 -6.00 -10.12
N LEU A 56 5.59 -4.90 -10.20
CA LEU A 56 6.14 -4.43 -11.46
C LEU A 56 7.67 -4.41 -11.40
N GLY A 57 8.21 -3.84 -10.33
CA GLY A 57 9.65 -3.76 -10.18
C GLY A 57 10.16 -4.67 -9.06
N GLU A 58 11.16 -4.20 -8.34
CA GLU A 58 11.74 -4.96 -7.25
C GLU A 58 11.37 -4.36 -5.90
N ARG A 59 11.96 -4.90 -4.83
CA ARG A 59 11.69 -4.42 -3.48
C ARG A 59 12.95 -4.45 -2.63
N ARG A 60 13.66 -3.33 -2.58
CA ARG A 60 14.88 -3.22 -1.80
C ARG A 60 15.48 -1.82 -1.90
N SER A 61 15.68 -1.19 -0.74
CA SER A 61 16.24 0.16 -0.70
C SER A 61 16.38 0.64 0.74
N GLY A 62 15.26 0.78 1.43
CA GLY A 62 15.28 1.23 2.81
C GLY A 62 13.90 1.63 3.31
N GLY A 63 13.73 2.92 3.59
CA GLY A 63 12.45 3.39 4.08
C GLY A 63 11.29 2.98 3.19
N CYS A 64 10.07 3.16 3.70
CA CYS A 64 8.88 2.80 2.94
C CYS A 64 8.46 3.93 2.01
N THR A 65 8.13 5.08 2.59
CA THR A 65 7.71 6.24 1.82
C THR A 65 8.86 6.77 0.96
N GLU A 66 10.08 6.69 1.48
CA GLU A 66 11.26 7.16 0.76
C GLU A 66 11.41 6.40 -0.56
N ALA A 67 11.34 5.08 -0.50
CA ALA A 67 11.48 4.25 -1.68
C ALA A 67 10.20 4.27 -2.51
N ALA A 68 9.06 4.33 -1.83
CA ALA A 68 7.77 4.35 -2.51
C ALA A 68 7.64 5.58 -3.41
N ARG A 69 8.13 6.71 -2.93
CA ARG A 69 8.08 7.96 -3.68
C ARG A 69 9.24 8.05 -4.66
N ASP A 70 10.44 7.75 -4.17
CA ASP A 70 11.63 7.81 -5.01
C ASP A 70 11.50 6.89 -6.22
N HIS A 71 10.84 5.75 -6.03
CA HIS A 71 10.63 4.80 -7.11
C HIS A 71 9.29 5.03 -7.79
N CYS A 72 8.23 5.16 -7.00
CA CYS A 72 6.90 5.40 -7.52
C CYS A 72 6.35 6.74 -7.07
N LYS A 5 -13.27 0.00 -1.42
CA LYS A 5 -13.11 -1.12 -0.50
C LYS A 5 -11.99 -0.84 0.51
N CYS A 6 -10.75 -0.85 0.03
CA CYS A 6 -9.61 -0.60 0.89
C CYS A 6 -9.78 0.71 1.66
N LEU A 7 -10.40 1.70 1.01
CA LEU A 7 -10.62 3.00 1.64
C LEU A 7 -11.59 2.88 2.80
N ALA A 8 -12.67 2.11 2.60
CA ALA A 8 -13.67 1.91 3.64
C ALA A 8 -13.11 1.12 4.81
N GLU A 9 -12.39 0.04 4.50
CA GLU A 9 -11.80 -0.80 5.52
C GLU A 9 -10.70 -0.06 6.27
N HIS A 10 -9.76 0.52 5.52
CA HIS A 10 -8.66 1.27 6.10
C HIS A 10 -9.17 2.41 6.98
N HIS A 11 -10.15 3.15 6.46
CA HIS A 11 -10.72 4.27 7.19
C HIS A 11 -11.40 3.79 8.48
N GLU A 12 -12.18 2.71 8.36
CA GLU A 12 -12.88 2.15 9.51
C GLU A 12 -11.89 1.63 10.56
N LYS A 13 -10.86 0.94 10.09
CA LYS A 13 -9.84 0.38 10.98
C LYS A 13 -9.08 1.49 11.69
N SER A 14 -8.64 2.50 10.92
CA SER A 14 -7.90 3.62 11.48
C SER A 14 -8.73 4.34 12.54
N LYS A 15 -9.96 4.68 12.19
CA LYS A 15 -10.85 5.37 13.12
C LYS A 15 -11.17 4.49 14.33
N SER A 16 -11.56 3.25 14.07
CA SER A 16 -11.89 2.32 15.14
C SER A 16 -10.64 1.92 15.92
N THR A 17 -10.56 2.37 17.17
CA THR A 17 -9.42 2.06 18.02
C THR A 17 -8.12 2.55 17.40
N HIS A 18 -7.01 2.36 18.11
CA HIS A 18 -5.71 2.78 17.63
C HIS A 18 -4.99 1.64 16.93
N SER A 19 -5.34 1.41 15.66
CA SER A 19 -4.73 0.34 14.88
C SER A 19 -4.08 0.89 13.62
N GLN A 20 -2.77 1.14 13.69
CA GLN A 20 -2.03 1.66 12.55
C GLN A 20 -2.00 0.66 11.40
N VAL A 21 -1.29 -0.45 11.61
CA VAL A 21 -1.18 -1.49 10.59
C VAL A 21 -0.73 -0.90 9.26
N GLY A 22 0.53 -0.48 9.21
CA GLY A 22 1.07 0.09 7.98
C GLY A 22 1.78 -0.93 7.12
N ASP A 23 1.10 -2.04 6.83
CA ASP A 23 1.67 -3.10 6.01
C ASP A 23 0.59 -4.03 5.50
N ASP A 24 -0.10 -4.70 6.43
CA ASP A 24 -1.16 -5.63 6.08
C ASP A 24 -2.19 -4.96 5.17
N ILE A 25 -2.46 -3.67 5.42
CA ILE A 25 -3.42 -2.92 4.63
C ILE A 25 -3.01 -2.88 3.17
N PRO A 26 -3.98 -3.15 2.28
CA PRO A 26 -3.75 -3.15 0.83
C PRO A 26 -3.51 -1.75 0.28
N LYS A 27 -2.24 -1.40 0.10
CA LYS A 27 -1.87 -0.08 -0.41
C LYS A 27 -2.63 0.23 -1.69
N CYS A 28 -3.50 1.24 -1.63
CA CYS A 28 -4.29 1.64 -2.78
C CYS A 28 -4.27 3.15 -2.96
N ASN A 29 -3.91 3.60 -4.16
CA ASN A 29 -3.84 5.03 -4.46
C ASN A 29 -5.25 5.63 -4.54
N LEU A 30 -5.48 6.69 -3.78
CA LEU A 30 -6.78 7.36 -3.77
C LEU A 30 -7.14 7.86 -5.17
N ALA A 31 -6.14 7.99 -6.04
CA ALA A 31 -6.35 8.45 -7.40
C ALA A 31 -7.45 7.63 -8.09
N SER A 32 -7.36 6.31 -7.95
CA SER A 32 -8.34 5.42 -8.56
C SER A 32 -9.10 4.63 -7.51
N GLY A 33 -8.45 4.41 -6.37
CA GLY A 33 -9.07 3.67 -5.29
C GLY A 33 -8.80 2.19 -5.37
N TYR A 34 -7.79 1.81 -6.15
CA TYR A 34 -7.43 0.41 -6.31
C TYR A 34 -6.12 0.10 -5.59
N TYR A 35 -6.00 -1.14 -5.10
CA TYR A 35 -4.81 -1.57 -4.38
C TYR A 35 -3.79 -2.18 -5.34
N GLU A 36 -3.93 -1.87 -6.63
CA GLU A 36 -3.02 -2.38 -7.65
C GLU A 36 -1.94 -1.36 -7.99
N GLN A 37 -1.93 -0.25 -7.26
CA GLN A 37 -0.95 0.81 -7.48
C GLN A 37 0.30 0.56 -6.64
N MET A 38 0.12 0.45 -5.33
CA MET A 38 1.23 0.23 -4.42
C MET A 38 1.02 -1.04 -3.61
N GLN A 39 2.11 -1.72 -3.27
CA GLN A 39 2.04 -2.95 -2.50
C GLN A 39 3.05 -2.93 -1.35
N CYS A 40 2.61 -2.44 -0.20
CA CYS A 40 3.46 -2.36 0.98
C CYS A 40 3.12 -3.46 1.98
N ASN A 41 4.14 -4.13 2.49
CA ASN A 41 3.95 -5.21 3.46
C ASN A 41 5.03 -5.16 4.54
N THR A 42 4.86 -5.98 5.57
CA THR A 42 5.81 -6.03 6.67
C THR A 42 7.13 -6.65 6.22
N GLN A 43 7.04 -7.70 5.42
CA GLN A 43 8.23 -8.39 4.92
C GLN A 43 8.98 -7.51 3.93
N GLN A 44 8.25 -6.90 3.00
CA GLN A 44 8.84 -6.03 1.98
C GLN A 44 7.84 -5.01 1.48
N HIS A 45 8.29 -4.13 0.60
CA HIS A 45 7.44 -3.10 0.04
C HIS A 45 7.73 -2.88 -1.45
N TRP A 46 6.82 -3.35 -2.29
CA TRP A 46 6.98 -3.23 -3.73
C TRP A 46 5.84 -2.43 -4.34
N CYS A 47 5.93 -2.15 -5.64
CA CYS A 47 4.90 -1.40 -6.34
C CYS A 47 4.24 -2.25 -7.42
N VAL A 48 2.98 -1.95 -7.71
CA VAL A 48 2.22 -2.69 -8.72
C VAL A 48 1.53 -1.75 -9.69
N ASP A 49 0.83 -2.31 -10.66
CA ASP A 49 0.11 -1.52 -11.65
C ASP A 49 -1.36 -1.93 -11.72
N PRO A 50 -2.23 -0.96 -12.03
CA PRO A 50 -3.67 -1.19 -12.12
C PRO A 50 -4.04 -2.05 -13.33
N GLU A 51 -3.16 -2.07 -14.32
CA GLU A 51 -3.38 -2.85 -15.53
C GLU A 51 -3.78 -4.29 -15.20
N SER A 52 -2.95 -4.95 -14.40
CA SER A 52 -3.20 -6.33 -14.01
C SER A 52 -2.99 -6.51 -12.51
N GLY A 53 -2.02 -5.80 -11.97
CA GLY A 53 -1.72 -5.90 -10.55
C GLY A 53 -0.45 -6.65 -10.27
N THR A 54 0.52 -6.54 -11.18
CA THR A 54 1.80 -7.23 -11.02
C THR A 54 2.90 -6.25 -10.63
N ALA A 55 4.02 -6.78 -10.14
CA ALA A 55 5.14 -5.95 -9.73
C ALA A 55 5.81 -5.30 -10.94
N LEU A 56 6.36 -4.11 -10.74
CA LEU A 56 7.03 -3.39 -11.81
C LEU A 56 8.55 -3.44 -11.65
N GLY A 57 9.00 -3.41 -10.40
CA GLY A 57 10.42 -3.45 -10.12
C GLY A 57 10.77 -4.43 -9.00
N GLU A 58 12.04 -4.46 -8.63
CA GLU A 58 12.49 -5.35 -7.57
C GLU A 58 12.04 -4.85 -6.20
N ARG A 59 12.56 -5.47 -5.15
CA ARG A 59 12.21 -5.10 -3.78
C ARG A 59 13.29 -4.22 -3.17
N ARG A 60 13.01 -3.66 -2.00
CA ARG A 60 13.96 -2.80 -1.31
C ARG A 60 13.68 -2.78 0.20
N SER A 61 14.49 -2.03 0.94
CA SER A 61 14.33 -1.92 2.37
C SER A 61 14.01 -0.50 2.79
N GLY A 62 13.83 -0.29 4.09
CA GLY A 62 13.51 1.04 4.59
C GLY A 62 12.06 1.16 5.03
N GLY A 63 11.64 2.39 5.34
CA GLY A 63 10.27 2.61 5.76
C GLY A 63 9.26 2.16 4.72
N CYS A 64 8.01 2.01 5.15
CA CYS A 64 6.94 1.58 4.25
C CYS A 64 6.58 2.70 3.27
N THR A 65 5.87 3.72 3.77
CA THR A 65 5.46 4.84 2.95
C THR A 65 6.66 5.65 2.48
N GLU A 66 7.67 5.77 3.34
CA GLU A 66 8.88 6.52 3.01
C GLU A 66 9.48 6.02 1.70
N ALA A 67 9.74 4.72 1.63
CA ALA A 67 10.31 4.12 0.43
C ALA A 67 9.26 3.97 -0.67
N ALA A 68 8.03 3.68 -0.26
CA ALA A 68 6.94 3.50 -1.21
C ALA A 68 6.73 4.76 -2.04
N ARG A 69 6.81 5.92 -1.39
CA ARG A 69 6.64 7.18 -2.08
C ARG A 69 7.95 7.65 -2.72
N ASP A 70 9.03 7.56 -1.95
CA ASP A 70 10.34 7.98 -2.44
C ASP A 70 10.67 7.28 -3.76
N HIS A 71 10.24 6.03 -3.90
CA HIS A 71 10.50 5.26 -5.10
C HIS A 71 9.28 5.30 -6.03
N CYS A 72 8.10 5.15 -5.45
CA CYS A 72 6.86 5.17 -6.22
C CYS A 72 5.90 6.22 -5.68
N LYS A 5 -13.14 0.79 -1.11
CA LYS A 5 -12.78 -0.30 -0.22
C LYS A 5 -11.62 0.09 0.68
N CYS A 6 -10.46 0.33 0.08
CA CYS A 6 -9.27 0.73 0.84
C CYS A 6 -9.53 2.01 1.63
N LEU A 7 -10.16 2.99 0.99
CA LEU A 7 -10.47 4.26 1.64
C LEU A 7 -11.44 4.05 2.80
N ALA A 8 -12.48 3.27 2.56
CA ALA A 8 -13.48 2.99 3.58
C ALA A 8 -12.87 2.24 4.76
N GLU A 9 -12.21 1.13 4.46
CA GLU A 9 -11.58 0.33 5.50
C GLU A 9 -10.55 1.14 6.28
N HIS A 10 -9.65 1.79 5.55
CA HIS A 10 -8.61 2.60 6.17
C HIS A 10 -9.22 3.69 7.05
N HIS A 11 -10.28 4.32 6.54
CA HIS A 11 -10.95 5.38 7.29
C HIS A 11 -11.49 4.86 8.61
N GLU A 12 -12.33 3.82 8.54
CA GLU A 12 -12.92 3.23 9.73
C GLU A 12 -11.84 2.78 10.71
N LYS A 13 -10.76 2.24 10.16
CA LYS A 13 -9.65 1.76 10.98
C LYS A 13 -8.99 2.92 11.73
N SER A 14 -8.83 4.04 11.04
CA SER A 14 -8.22 5.22 11.64
C SER A 14 -9.09 5.79 12.76
N LYS A 15 -10.39 5.89 12.49
CA LYS A 15 -11.33 6.41 13.46
C LYS A 15 -11.43 5.49 14.67
N SER A 16 -11.71 4.22 14.43
CA SER A 16 -11.83 3.24 15.50
C SER A 16 -10.46 2.91 16.09
N THR A 17 -10.42 1.89 16.94
CA THR A 17 -9.17 1.47 17.58
C THR A 17 -8.61 0.22 16.90
N HIS A 18 -9.36 -0.87 16.96
CA HIS A 18 -8.94 -2.13 16.35
C HIS A 18 -10.02 -2.68 15.43
N SER A 19 -9.64 -3.01 14.21
CA SER A 19 -10.57 -3.55 13.22
C SER A 19 -9.83 -4.13 12.03
N GLN A 20 -9.49 -5.42 12.12
CA GLN A 20 -8.77 -6.10 11.05
C GLN A 20 -7.45 -5.40 10.75
N VAL A 21 -6.38 -5.91 11.34
CA VAL A 21 -5.06 -5.34 11.13
C VAL A 21 -4.01 -6.43 10.92
N GLY A 22 -3.41 -6.45 9.73
CA GLY A 22 -2.41 -7.45 9.43
C GLY A 22 -1.79 -7.25 8.06
N ASP A 23 -0.60 -7.79 7.85
CA ASP A 23 0.09 -7.67 6.58
C ASP A 23 0.22 -6.21 6.16
N ASP A 24 0.45 -5.34 7.12
CA ASP A 24 0.58 -3.91 6.86
C ASP A 24 -0.67 -3.37 6.18
N ILE A 25 -0.65 -2.07 5.88
CA ILE A 25 -1.79 -1.43 5.23
C ILE A 25 -1.64 -1.45 3.71
N PRO A 26 -2.72 -1.85 3.02
CA PRO A 26 -2.73 -1.92 1.55
C PRO A 26 -2.69 -0.54 0.90
N LYS A 27 -1.48 -0.09 0.58
CA LYS A 27 -1.30 1.22 -0.04
C LYS A 27 -2.19 1.36 -1.28
N CYS A 28 -3.01 2.41 -1.28
CA CYS A 28 -3.93 2.66 -2.40
C CYS A 28 -3.89 4.13 -2.80
N ASN A 29 -3.72 4.37 -4.10
CA ASN A 29 -3.66 5.74 -4.62
C ASN A 29 -5.06 6.36 -4.63
N LEU A 30 -5.18 7.53 -4.02
CA LEU A 30 -6.45 8.23 -3.96
C LEU A 30 -6.97 8.54 -5.37
N ALA A 31 -6.07 8.50 -6.34
CA ALA A 31 -6.43 8.77 -7.73
C ALA A 31 -7.61 7.90 -8.16
N SER A 32 -7.53 6.61 -7.85
CA SER A 32 -8.59 5.67 -8.21
C SER A 32 -9.24 5.07 -6.97
N GLY A 33 -8.46 4.99 -5.89
CA GLY A 33 -8.96 4.42 -4.65
C GLY A 33 -8.71 2.94 -4.55
N TYR A 34 -7.79 2.44 -5.35
CA TYR A 34 -7.46 1.02 -5.35
C TYR A 34 -6.09 0.77 -4.72
N TYR A 35 -5.96 -0.37 -4.06
CA TYR A 35 -4.70 -0.73 -3.40
C TYR A 35 -3.80 -1.52 -4.33
N GLU A 36 -4.06 -1.41 -5.63
CA GLU A 36 -3.27 -2.11 -6.64
C GLU A 36 -2.17 -1.22 -7.20
N GLN A 37 -2.05 -0.03 -6.63
CA GLN A 37 -1.04 0.94 -7.07
C GLN A 37 0.29 0.69 -6.36
N MET A 38 0.30 0.93 -5.06
CA MET A 38 1.51 0.74 -4.26
C MET A 38 1.30 -0.35 -3.20
N GLN A 39 2.35 -1.10 -2.90
CA GLN A 39 2.27 -2.16 -1.91
C GLN A 39 3.49 -2.14 -0.99
N CYS A 40 3.36 -1.46 0.15
CA CYS A 40 4.45 -1.37 1.10
C CYS A 40 4.22 -2.30 2.29
N ASN A 41 5.27 -2.97 2.72
CA ASN A 41 5.19 -3.90 3.85
C ASN A 41 6.41 -3.77 4.76
N THR A 42 6.31 -4.32 5.96
CA THR A 42 7.41 -4.28 6.91
C THR A 42 8.65 -4.98 6.36
N GLN A 43 8.44 -6.10 5.69
CA GLN A 43 9.54 -6.87 5.10
C GLN A 43 10.16 -6.12 3.93
N GLN A 44 9.31 -5.60 3.05
CA GLN A 44 9.78 -4.86 1.89
C GLN A 44 8.66 -4.02 1.28
N HIS A 45 9.01 -3.14 0.36
CA HIS A 45 8.03 -2.28 -0.30
C HIS A 45 8.10 -2.43 -1.82
N TRP A 46 7.03 -2.96 -2.40
CA TRP A 46 6.98 -3.16 -3.85
C TRP A 46 5.83 -2.37 -4.47
N CYS A 47 5.87 -2.19 -5.78
CA CYS A 47 4.84 -1.45 -6.49
C CYS A 47 4.00 -2.40 -7.36
N VAL A 48 2.69 -2.18 -7.35
CA VAL A 48 1.78 -2.99 -8.15
C VAL A 48 1.03 -2.17 -9.18
N ASP A 49 0.19 -2.82 -9.96
CA ASP A 49 -0.59 -2.13 -10.99
C ASP A 49 -2.06 -2.48 -10.87
N PRO A 50 -2.93 -1.53 -11.24
CA PRO A 50 -4.38 -1.71 -11.19
C PRO A 50 -4.89 -2.70 -12.23
N GLU A 51 -4.10 -2.91 -13.27
CA GLU A 51 -4.45 -3.83 -14.34
C GLU A 51 -4.86 -5.19 -13.77
N SER A 52 -3.98 -5.78 -12.96
CA SER A 52 -4.24 -7.07 -12.35
C SER A 52 -3.90 -7.05 -10.86
N GLY A 53 -2.85 -6.32 -10.52
CA GLY A 53 -2.44 -6.24 -9.13
C GLY A 53 -1.15 -6.99 -8.85
N THR A 54 -0.27 -7.05 -9.85
CA THR A 54 0.99 -7.76 -9.72
C THR A 54 2.14 -6.78 -9.53
N ALA A 55 3.22 -7.24 -8.90
CA ALA A 55 4.39 -6.41 -8.67
C ALA A 55 5.02 -5.96 -9.98
N LEU A 56 5.72 -4.83 -9.95
CA LEU A 56 6.37 -4.29 -11.14
C LEU A 56 7.85 -4.06 -10.88
N GLY A 57 8.15 -3.24 -9.88
CA GLY A 57 9.53 -2.94 -9.55
C GLY A 57 10.11 -3.93 -8.55
N GLU A 58 11.29 -3.60 -8.02
CA GLU A 58 11.96 -4.46 -7.06
C GLU A 58 11.30 -4.35 -5.69
N ARG A 59 11.93 -4.94 -4.67
CA ARG A 59 11.41 -4.92 -3.32
C ARG A 59 12.35 -4.13 -2.39
N ARG A 60 13.49 -4.73 -2.07
CA ARG A 60 14.47 -4.10 -1.20
C ARG A 60 14.95 -2.78 -1.79
N SER A 61 15.26 -1.83 -0.91
CA SER A 61 15.73 -0.51 -1.34
C SER A 61 16.03 0.37 -0.14
N GLY A 62 14.98 0.75 0.60
CA GLY A 62 15.16 1.59 1.76
C GLY A 62 13.85 1.83 2.50
N GLY A 63 13.62 3.09 2.88
CA GLY A 63 12.40 3.42 3.60
C GLY A 63 11.14 2.97 2.86
N CYS A 64 9.99 3.16 3.49
CA CYS A 64 8.72 2.77 2.89
C CYS A 64 8.23 3.84 1.93
N THR A 65 7.72 4.94 2.48
CA THR A 65 7.21 6.03 1.66
C THR A 65 8.34 6.74 0.91
N GLU A 66 9.50 6.82 1.55
CA GLU A 66 10.65 7.47 0.94
C GLU A 66 10.95 6.88 -0.44
N ALA A 67 11.14 5.57 -0.47
CA ALA A 67 11.43 4.88 -1.73
C ALA A 67 10.17 4.74 -2.58
N ALA A 68 9.04 4.54 -1.92
CA ALA A 68 7.76 4.39 -2.61
C ALA A 68 7.47 5.61 -3.49
N ARG A 69 7.71 6.80 -2.94
CA ARG A 69 7.47 8.04 -3.67
C ARG A 69 8.65 8.38 -4.56
N ASP A 70 9.86 8.19 -4.05
CA ASP A 70 11.07 8.47 -4.80
C ASP A 70 11.12 7.67 -6.09
N HIS A 71 10.71 6.40 -6.01
CA HIS A 71 10.70 5.52 -7.17
C HIS A 71 10.08 4.17 -6.82
N CYS A 72 8.93 4.21 -6.15
CA CYS A 72 8.23 2.98 -5.76
C CYS A 72 9.12 2.12 -4.87
N LYS A 5 -12.64 1.04 -2.69
CA LYS A 5 -12.86 0.26 -1.49
C LYS A 5 -11.78 0.55 -0.45
N CYS A 6 -10.55 0.78 -0.92
CA CYS A 6 -9.44 1.07 -0.02
C CYS A 6 -9.72 2.33 0.79
N LEU A 7 -10.22 3.36 0.13
CA LEU A 7 -10.54 4.62 0.80
C LEU A 7 -11.59 4.42 1.88
N ALA A 8 -12.65 3.70 1.53
CA ALA A 8 -13.73 3.44 2.47
C ALA A 8 -13.25 2.58 3.63
N GLU A 9 -12.65 1.44 3.32
CA GLU A 9 -12.14 0.53 4.33
C GLU A 9 -11.14 1.24 5.24
N HIS A 10 -10.15 1.87 4.62
CA HIS A 10 -9.12 2.59 5.37
C HIS A 10 -9.73 3.67 6.25
N HIS A 11 -10.73 4.37 5.72
CA HIS A 11 -11.41 5.43 6.45
C HIS A 11 -12.04 4.88 7.73
N GLU A 12 -12.95 3.93 7.56
CA GLU A 12 -13.63 3.31 8.70
C GLU A 12 -12.63 2.75 9.70
N LYS A 13 -11.69 1.95 9.19
CA LYS A 13 -10.66 1.34 10.04
C LYS A 13 -9.93 2.40 10.85
N SER A 14 -9.60 3.51 10.20
CA SER A 14 -8.89 4.61 10.87
C SER A 14 -9.74 5.21 11.98
N LYS A 15 -11.02 5.44 11.69
CA LYS A 15 -11.93 6.01 12.66
C LYS A 15 -12.06 5.11 13.88
N SER A 16 -12.10 3.80 13.64
CA SER A 16 -12.23 2.83 14.72
C SER A 16 -10.91 2.69 15.48
N THR A 17 -9.80 2.77 14.75
CA THR A 17 -8.48 2.64 15.35
C THR A 17 -8.29 1.28 15.99
N HIS A 18 -7.17 1.10 16.68
CA HIS A 18 -6.87 -0.16 17.34
C HIS A 18 -6.77 -1.31 16.33
N SER A 19 -5.54 -1.70 16.02
CA SER A 19 -5.30 -2.78 15.06
C SER A 19 -5.21 -4.13 15.78
N GLN A 20 -4.81 -5.16 15.03
CA GLN A 20 -4.68 -6.49 15.59
C GLN A 20 -3.39 -7.15 15.14
N VAL A 21 -2.33 -6.35 15.03
CA VAL A 21 -1.03 -6.85 14.61
C VAL A 21 -1.14 -7.61 13.29
N GLY A 22 -0.97 -6.89 12.18
CA GLY A 22 -1.04 -7.51 10.88
C GLY A 22 -0.20 -6.80 9.84
N ASP A 23 -0.27 -7.25 8.59
CA ASP A 23 0.49 -6.65 7.51
C ASP A 23 0.26 -5.14 7.46
N ASP A 24 1.16 -4.44 6.77
CA ASP A 24 1.05 -2.99 6.64
C ASP A 24 -0.24 -2.59 5.94
N ILE A 25 -0.34 -1.32 5.58
CA ILE A 25 -1.54 -0.81 4.91
C ILE A 25 -1.37 -0.89 3.39
N PRO A 26 -2.41 -1.40 2.71
CA PRO A 26 -2.40 -1.54 1.25
C PRO A 26 -2.48 -0.19 0.54
N LYS A 27 -1.33 0.36 0.19
CA LYS A 27 -1.27 1.64 -0.49
C LYS A 27 -2.18 1.66 -1.72
N CYS A 28 -3.00 2.70 -1.81
CA CYS A 28 -3.93 2.83 -2.94
C CYS A 28 -3.93 4.26 -3.47
N ASN A 29 -3.68 4.38 -4.77
CA ASN A 29 -3.65 5.70 -5.42
C ASN A 29 -5.03 6.32 -5.45
N LEU A 30 -5.14 7.53 -4.90
CA LEU A 30 -6.42 8.24 -4.87
C LEU A 30 -6.97 8.45 -6.27
N ALA A 31 -6.08 8.36 -7.26
CA ALA A 31 -6.48 8.54 -8.65
C ALA A 31 -7.67 7.64 -9.01
N SER A 32 -7.59 6.37 -8.60
CA SER A 32 -8.65 5.42 -8.89
C SER A 32 -9.27 4.91 -7.59
N GLY A 33 -8.47 4.89 -6.53
CA GLY A 33 -8.96 4.42 -5.24
C GLY A 33 -8.71 2.95 -5.04
N TYR A 34 -7.79 2.39 -5.81
CA TYR A 34 -7.47 0.97 -5.72
C TYR A 34 -6.09 0.77 -5.08
N TYR A 35 -5.95 -0.33 -4.35
CA TYR A 35 -4.69 -0.65 -3.68
C TYR A 35 -3.80 -1.51 -4.57
N GLU A 36 -4.07 -1.47 -5.87
CA GLU A 36 -3.30 -2.25 -6.82
C GLU A 36 -2.21 -1.39 -7.47
N GLN A 37 -2.08 -0.16 -7.00
CA GLN A 37 -1.09 0.76 -7.54
C GLN A 37 0.23 0.64 -6.76
N MET A 38 0.14 0.73 -5.45
CA MET A 38 1.32 0.63 -4.59
C MET A 38 1.12 -0.41 -3.49
N GLN A 39 2.20 -1.05 -3.08
CA GLN A 39 2.13 -2.06 -2.02
C GLN A 39 3.21 -1.83 -0.97
N CYS A 40 2.83 -1.95 0.30
CA CYS A 40 3.76 -1.75 1.40
C CYS A 40 3.59 -2.85 2.45
N ASN A 41 4.72 -3.42 2.88
CA ASN A 41 4.70 -4.47 3.88
C ASN A 41 5.83 -4.28 4.89
N THR A 42 5.57 -4.67 6.14
CA THR A 42 6.57 -4.55 7.20
C THR A 42 7.89 -5.18 6.79
N GLN A 43 7.81 -6.27 6.03
CA GLN A 43 9.00 -6.97 5.57
C GLN A 43 9.69 -6.20 4.46
N GLN A 44 8.90 -5.74 3.49
CA GLN A 44 9.45 -4.99 2.36
C GLN A 44 8.34 -4.22 1.64
N HIS A 45 8.72 -3.48 0.60
CA HIS A 45 7.75 -2.70 -0.18
C HIS A 45 7.90 -2.99 -1.66
N TRP A 46 6.88 -2.64 -2.43
CA TRP A 46 6.88 -2.86 -3.87
C TRP A 46 5.68 -2.20 -4.54
N CYS A 47 5.81 -1.87 -5.81
CA CYS A 47 4.74 -1.24 -6.56
C CYS A 47 3.98 -2.27 -7.40
N VAL A 48 2.67 -2.08 -7.51
CA VAL A 48 1.84 -2.99 -8.29
C VAL A 48 1.05 -2.23 -9.36
N ASP A 49 0.28 -2.98 -10.16
CA ASP A 49 -0.51 -2.38 -11.23
C ASP A 49 -1.99 -2.70 -11.05
N PRO A 50 -2.86 -1.77 -11.48
CA PRO A 50 -4.31 -1.94 -11.37
C PRO A 50 -4.84 -3.02 -12.31
N GLU A 51 -4.09 -3.28 -13.38
CA GLU A 51 -4.49 -4.30 -14.35
C GLU A 51 -4.83 -5.61 -13.67
N SER A 52 -3.89 -6.12 -12.88
CA SER A 52 -4.09 -7.37 -12.16
C SER A 52 -3.54 -7.29 -10.75
N GLY A 53 -2.42 -6.58 -10.59
CA GLY A 53 -1.81 -6.43 -9.29
C GLY A 53 -0.45 -7.09 -9.21
N THR A 54 0.27 -7.12 -10.33
CA THR A 54 1.59 -7.74 -10.38
C THR A 54 2.68 -6.73 -10.05
N ALA A 55 3.63 -7.15 -9.24
CA ALA A 55 4.74 -6.28 -8.84
C ALA A 55 5.45 -5.70 -10.06
N LEU A 56 5.97 -4.49 -9.93
CA LEU A 56 6.68 -3.83 -11.02
C LEU A 56 8.09 -3.45 -10.60
N GLY A 57 8.20 -2.67 -9.53
CA GLY A 57 9.49 -2.24 -9.06
C GLY A 57 10.26 -3.37 -8.38
N GLU A 58 11.36 -3.02 -7.72
CA GLU A 58 12.18 -4.01 -7.03
C GLU A 58 12.22 -3.75 -5.53
N ARG A 59 11.95 -4.78 -4.74
CA ARG A 59 11.96 -4.65 -3.29
C ARG A 59 13.33 -4.23 -2.78
N ARG A 60 13.52 -4.28 -1.46
CA ARG A 60 14.78 -3.90 -0.85
C ARG A 60 15.08 -2.42 -1.09
N SER A 61 14.91 -1.61 -0.06
CA SER A 61 15.15 -0.17 -0.16
C SER A 61 14.92 0.51 1.19
N GLY A 62 14.91 1.84 1.17
CA GLY A 62 14.69 2.60 2.39
C GLY A 62 13.31 2.39 2.96
N GLY A 63 12.80 3.39 3.68
CA GLY A 63 11.48 3.30 4.27
C GLY A 63 10.42 2.90 3.27
N CYS A 64 9.23 2.58 3.75
CA CYS A 64 8.13 2.18 2.89
C CYS A 64 7.69 3.34 1.99
N THR A 65 7.14 4.38 2.61
CA THR A 65 6.67 5.54 1.87
C THR A 65 7.83 6.24 1.15
N GLU A 66 9.00 6.23 1.79
CA GLU A 66 10.19 6.86 1.22
C GLU A 66 10.45 6.34 -0.20
N ALA A 67 10.61 5.03 -0.32
CA ALA A 67 10.85 4.40 -1.62
C ALA A 67 9.58 4.34 -2.45
N ALA A 68 8.46 4.12 -1.78
CA ALA A 68 7.16 4.03 -2.46
C ALA A 68 6.88 5.30 -3.24
N ARG A 69 7.16 6.45 -2.63
CA ARG A 69 6.93 7.74 -3.28
C ARG A 69 8.09 8.11 -4.19
N ASP A 70 9.31 7.93 -3.68
CA ASP A 70 10.51 8.25 -4.45
C ASP A 70 10.53 7.49 -5.77
N HIS A 71 10.02 6.25 -5.74
CA HIS A 71 9.98 5.42 -6.94
C HIS A 71 8.64 5.53 -7.63
N CYS A 72 7.56 5.37 -6.86
CA CYS A 72 6.22 5.45 -7.41
C CYS A 72 5.49 6.69 -6.89
N LYS A 5 -13.31 0.80 -1.65
CA LYS A 5 -13.25 -0.31 -0.70
C LYS A 5 -12.09 -0.14 0.27
N CYS A 6 -10.87 -0.26 -0.25
CA CYS A 6 -9.68 -0.11 0.58
C CYS A 6 -9.71 1.19 1.36
N LEU A 7 -10.26 2.24 0.74
CA LEU A 7 -10.35 3.54 1.37
C LEU A 7 -11.30 3.51 2.56
N ALA A 8 -12.44 2.86 2.39
CA ALA A 8 -13.44 2.75 3.44
C ALA A 8 -12.94 1.85 4.57
N GLU A 9 -12.32 0.74 4.21
CA GLU A 9 -11.79 -0.21 5.19
C GLU A 9 -10.61 0.41 5.94
N HIS A 10 -9.64 0.92 5.19
CA HIS A 10 -8.45 1.52 5.79
C HIS A 10 -8.84 2.69 6.69
N HIS A 11 -9.70 3.56 6.18
CA HIS A 11 -10.15 4.73 6.94
C HIS A 11 -10.94 4.30 8.17
N GLU A 12 -11.91 3.42 7.97
CA GLU A 12 -12.73 2.93 9.07
C GLU A 12 -11.88 2.33 10.17
N LYS A 13 -10.84 1.60 9.78
CA LYS A 13 -9.93 0.96 10.74
C LYS A 13 -9.05 2.01 11.40
N SER A 14 -8.65 3.02 10.64
CA SER A 14 -7.79 4.07 11.16
C SER A 14 -8.54 4.93 12.19
N LYS A 15 -9.75 5.33 11.84
CA LYS A 15 -10.57 6.15 12.73
C LYS A 15 -11.04 5.33 13.93
N SER A 16 -11.49 4.11 13.68
CA SER A 16 -11.97 3.23 14.74
C SER A 16 -10.93 3.13 15.86
N THR A 17 -9.84 2.42 15.58
CA THR A 17 -8.79 2.24 16.56
C THR A 17 -7.41 2.47 15.93
N HIS A 18 -6.52 3.11 16.69
CA HIS A 18 -5.18 3.39 16.21
C HIS A 18 -4.14 2.58 16.98
N SER A 19 -2.87 2.81 16.69
CA SER A 19 -1.79 2.09 17.35
C SER A 19 -1.98 0.58 17.23
N GLN A 20 -2.49 0.15 16.08
CA GLN A 20 -2.74 -1.27 15.84
C GLN A 20 -1.61 -1.88 15.01
N VAL A 21 -1.53 -3.20 15.02
CA VAL A 21 -0.49 -3.91 14.27
C VAL A 21 -0.59 -3.61 12.78
N GLY A 22 -1.82 -3.47 12.30
CA GLY A 22 -2.03 -3.17 10.89
C GLY A 22 -1.32 -4.15 9.98
N ASP A 23 -0.51 -3.62 9.05
CA ASP A 23 0.22 -4.47 8.12
C ASP A 23 -0.72 -5.26 7.23
N ASP A 24 -0.18 -5.81 6.15
CA ASP A 24 -0.99 -6.60 5.22
C ASP A 24 -2.14 -5.78 4.65
N ILE A 25 -1.88 -4.48 4.44
CA ILE A 25 -2.89 -3.59 3.90
C ILE A 25 -2.75 -3.42 2.40
N PRO A 26 -3.87 -3.53 1.66
CA PRO A 26 -3.89 -3.39 0.20
C PRO A 26 -3.62 -1.96 -0.24
N LYS A 27 -2.34 -1.62 -0.40
CA LYS A 27 -1.95 -0.29 -0.84
C LYS A 27 -2.69 0.12 -2.09
N CYS A 28 -3.48 1.19 -1.99
CA CYS A 28 -4.25 1.68 -3.14
C CYS A 28 -4.10 3.19 -3.27
N ASN A 29 -3.78 3.64 -4.48
CA ASN A 29 -3.60 5.06 -4.75
C ASN A 29 -4.96 5.76 -4.85
N LEU A 30 -5.03 6.96 -4.27
CA LEU A 30 -6.27 7.74 -4.29
C LEU A 30 -6.59 8.21 -5.70
N ALA A 31 -5.57 8.22 -6.56
CA ALA A 31 -5.74 8.65 -7.95
C ALA A 31 -6.90 7.91 -8.61
N SER A 32 -6.91 6.59 -8.45
CA SER A 32 -7.96 5.76 -9.04
C SER A 32 -8.78 5.06 -7.96
N GLY A 33 -8.15 4.83 -6.81
CA GLY A 33 -8.83 4.17 -5.72
C GLY A 33 -8.70 2.66 -5.77
N TYR A 34 -7.72 2.18 -6.53
CA TYR A 34 -7.50 0.75 -6.67
C TYR A 34 -6.23 0.32 -5.94
N TYR A 35 -6.22 -0.92 -5.47
CA TYR A 35 -5.07 -1.46 -4.74
C TYR A 35 -4.10 -2.15 -5.70
N GLU A 36 -4.20 -1.82 -6.98
CA GLU A 36 -3.33 -2.42 -7.99
C GLU A 36 -2.23 -1.45 -8.40
N GLN A 37 -2.18 -0.30 -7.74
CA GLN A 37 -1.17 0.71 -8.03
C GLN A 37 0.09 0.47 -7.21
N MET A 38 -0.08 0.20 -5.93
CA MET A 38 1.04 -0.05 -5.04
C MET A 38 0.75 -1.21 -4.10
N GLN A 39 1.79 -1.71 -3.44
CA GLN A 39 1.64 -2.83 -2.51
C GLN A 39 2.80 -2.86 -1.51
N CYS A 40 2.62 -2.19 -0.38
CA CYS A 40 3.64 -2.13 0.65
C CYS A 40 3.28 -3.04 1.83
N ASN A 41 4.27 -3.74 2.37
CA ASN A 41 4.05 -4.64 3.49
C ASN A 41 5.25 -4.65 4.42
N THR A 42 5.04 -5.05 5.67
CA THR A 42 6.11 -5.10 6.66
C THR A 42 7.27 -5.94 6.17
N GLN A 43 6.96 -7.03 5.45
CA GLN A 43 7.99 -7.91 4.92
C GLN A 43 8.78 -7.23 3.81
N GLN A 44 8.06 -6.58 2.89
CA GLN A 44 8.69 -5.88 1.78
C GLN A 44 7.74 -4.86 1.17
N HIS A 45 8.30 -3.90 0.44
CA HIS A 45 7.51 -2.86 -0.20
C HIS A 45 7.71 -2.88 -1.71
N TRP A 46 6.62 -3.10 -2.44
CA TRP A 46 6.67 -3.15 -3.89
C TRP A 46 5.47 -2.42 -4.50
N CYS A 47 5.51 -2.23 -5.82
CA CYS A 47 4.43 -1.55 -6.52
C CYS A 47 3.79 -2.47 -7.55
N VAL A 48 2.62 -2.06 -8.05
CA VAL A 48 1.90 -2.85 -9.05
C VAL A 48 1.21 -1.95 -10.07
N ASP A 49 0.55 -2.56 -11.04
CA ASP A 49 -0.15 -1.82 -12.08
C ASP A 49 -1.64 -2.16 -12.07
N PRO A 50 -2.47 -1.17 -12.43
CA PRO A 50 -3.93 -1.35 -12.48
C PRO A 50 -4.37 -2.26 -13.62
N GLU A 51 -3.51 -2.40 -14.62
CA GLU A 51 -3.81 -3.24 -15.77
C GLU A 51 -4.26 -4.62 -15.34
N SER A 52 -3.44 -5.28 -14.52
CA SER A 52 -3.75 -6.61 -14.03
C SER A 52 -3.56 -6.70 -12.51
N GLY A 53 -2.56 -5.98 -12.02
CA GLY A 53 -2.29 -5.98 -10.59
C GLY A 53 -1.05 -6.77 -10.23
N THR A 54 -0.08 -6.78 -11.14
CA THR A 54 1.18 -7.50 -10.92
C THR A 54 2.32 -6.54 -10.61
N ALA A 55 3.41 -7.08 -10.09
CA ALA A 55 4.58 -6.27 -9.75
C ALA A 55 5.25 -5.73 -11.01
N LEU A 56 5.88 -4.57 -10.88
CA LEU A 56 6.56 -3.95 -12.02
C LEU A 56 8.08 -4.12 -11.90
N GLY A 57 8.61 -3.82 -10.72
CA GLY A 57 10.04 -3.95 -10.49
C GLY A 57 10.51 -3.16 -9.29
N GLU A 58 10.11 -3.61 -8.10
CA GLU A 58 10.49 -2.95 -6.86
C GLU A 58 10.58 -3.95 -5.71
N ARG A 59 11.68 -3.88 -4.96
CA ARG A 59 11.89 -4.78 -3.83
C ARG A 59 13.02 -4.27 -2.94
N ARG A 60 12.99 -2.98 -2.63
CA ARG A 60 14.01 -2.37 -1.79
C ARG A 60 13.81 -2.76 -0.33
N SER A 61 14.68 -2.24 0.54
CA SER A 61 14.60 -2.53 1.97
C SER A 61 14.87 -1.28 2.80
N GLY A 62 13.82 -0.77 3.44
CA GLY A 62 13.97 0.41 4.26
C GLY A 62 12.76 1.34 4.17
N GLY A 63 12.00 1.41 5.26
CA GLY A 63 10.82 2.26 5.27
C GLY A 63 9.76 1.79 4.29
N CYS A 64 8.51 2.14 4.57
CA CYS A 64 7.40 1.75 3.71
C CYS A 64 7.01 2.90 2.77
N THR A 65 6.45 3.96 3.34
CA THR A 65 6.03 5.12 2.57
C THR A 65 7.23 5.82 1.94
N GLU A 66 8.32 5.90 2.71
CA GLU A 66 9.53 6.55 2.23
C GLU A 66 9.97 5.97 0.88
N ALA A 67 10.11 4.65 0.83
CA ALA A 67 10.51 3.97 -0.39
C ALA A 67 9.36 3.89 -1.39
N ALA A 68 8.15 3.72 -0.87
CA ALA A 68 6.96 3.62 -1.71
C ALA A 68 6.79 4.88 -2.56
N ARG A 69 7.03 6.04 -1.96
CA ARG A 69 6.91 7.30 -2.66
C ARG A 69 8.19 7.64 -3.42
N ASP A 70 9.33 7.47 -2.76
CA ASP A 70 10.62 7.75 -3.37
C ASP A 70 10.77 6.99 -4.69
N HIS A 71 10.24 5.77 -4.72
CA HIS A 71 10.31 4.94 -5.91
C HIS A 71 9.04 5.06 -6.75
N CYS A 72 7.90 4.98 -6.07
CA CYS A 72 6.61 5.07 -6.75
C CYS A 72 5.79 6.23 -6.19
N LYS A 5 -12.94 0.83 -2.59
CA LYS A 5 -13.07 -0.32 -1.70
C LYS A 5 -12.06 -0.25 -0.57
N CYS A 6 -10.82 0.12 -0.91
CA CYS A 6 -9.76 0.23 0.09
C CYS A 6 -10.04 1.36 1.07
N LEU A 7 -10.44 2.52 0.53
CA LEU A 7 -10.74 3.68 1.36
C LEU A 7 -11.90 3.38 2.31
N ALA A 8 -12.92 2.70 1.80
CA ALA A 8 -14.08 2.35 2.60
C ALA A 8 -13.72 1.35 3.68
N GLU A 9 -13.15 0.21 3.27
CA GLU A 9 -12.76 -0.83 4.21
C GLU A 9 -11.78 -0.29 5.25
N HIS A 10 -10.72 0.36 4.77
CA HIS A 10 -9.71 0.93 5.65
C HIS A 10 -10.34 1.91 6.64
N HIS A 11 -11.19 2.80 6.13
CA HIS A 11 -11.85 3.79 6.97
C HIS A 11 -12.61 3.12 8.10
N GLU A 12 -13.53 2.23 7.75
CA GLU A 12 -14.33 1.51 8.75
C GLU A 12 -13.44 0.75 9.71
N LYS A 13 -12.49 -0.01 9.17
CA LYS A 13 -11.57 -0.79 9.99
C LYS A 13 -10.85 0.10 11.00
N SER A 14 -10.38 1.26 10.54
CA SER A 14 -9.68 2.20 11.40
C SER A 14 -10.60 2.71 12.49
N LYS A 15 -11.75 3.26 12.08
CA LYS A 15 -12.71 3.81 13.02
C LYS A 15 -13.06 2.78 14.10
N SER A 16 -13.15 1.52 13.70
CA SER A 16 -13.47 0.45 14.63
C SER A 16 -12.28 0.11 15.52
N THR A 17 -11.10 0.04 14.91
CA THR A 17 -9.87 -0.27 15.63
C THR A 17 -8.68 0.45 15.03
N HIS A 18 -7.84 1.02 15.89
CA HIS A 18 -6.65 1.74 15.44
C HIS A 18 -5.62 0.77 14.88
N SER A 19 -4.89 1.22 13.85
CA SER A 19 -3.87 0.39 13.22
C SER A 19 -2.78 0.03 14.21
N GLN A 20 -1.79 -0.73 13.75
CA GLN A 20 -0.68 -1.15 14.60
C GLN A 20 0.58 -1.37 13.77
N VAL A 21 0.46 -2.18 12.72
CA VAL A 21 1.58 -2.48 11.85
C VAL A 21 1.23 -2.23 10.39
N GLY A 22 2.25 -2.21 9.53
CA GLY A 22 2.02 -1.98 8.11
C GLY A 22 1.91 -3.28 7.34
N ASP A 23 1.36 -4.30 7.97
CA ASP A 23 1.19 -5.59 7.33
C ASP A 23 -0.18 -6.18 7.64
N ASP A 24 -1.21 -5.65 6.99
CA ASP A 24 -2.58 -6.13 7.20
C ASP A 24 -3.55 -5.41 6.28
N ILE A 25 -3.30 -4.13 6.03
CA ILE A 25 -4.16 -3.34 5.16
C ILE A 25 -3.53 -3.19 3.77
N PRO A 26 -4.36 -3.41 2.73
CA PRO A 26 -3.92 -3.31 1.34
C PRO A 26 -3.63 -1.86 0.93
N LYS A 27 -2.35 -1.52 0.86
CA LYS A 27 -1.94 -0.17 0.48
C LYS A 27 -2.60 0.25 -0.82
N CYS A 28 -3.20 1.44 -0.81
CA CYS A 28 -3.87 1.97 -1.99
C CYS A 28 -3.56 3.43 -2.20
N ASN A 29 -3.92 3.97 -3.36
CA ASN A 29 -3.67 5.37 -3.68
C ASN A 29 -4.66 6.28 -2.95
N LEU A 30 -4.18 7.45 -2.55
CA LEU A 30 -5.02 8.42 -1.85
C LEU A 30 -6.10 8.99 -2.77
N ALA A 31 -5.71 9.29 -4.01
CA ALA A 31 -6.65 9.84 -4.98
C ALA A 31 -7.32 8.72 -5.77
N SER A 32 -6.53 7.76 -6.23
CA SER A 32 -7.05 6.64 -6.99
C SER A 32 -7.90 5.72 -6.12
N GLY A 33 -7.57 5.67 -4.83
CA GLY A 33 -8.30 4.83 -3.90
C GLY A 33 -8.25 3.36 -4.28
N TYR A 34 -7.25 3.00 -5.08
CA TYR A 34 -7.09 1.62 -5.53
C TYR A 34 -5.90 0.96 -4.83
N TYR A 35 -6.10 -0.28 -4.39
CA TYR A 35 -5.04 -1.01 -3.70
C TYR A 35 -4.20 -1.81 -4.69
N GLU A 36 -4.26 -1.42 -5.96
CA GLU A 36 -3.51 -2.09 -7.01
C GLU A 36 -2.43 -1.18 -7.58
N GLN A 37 -2.31 0.01 -7.03
CA GLN A 37 -1.32 0.99 -7.48
C GLN A 37 -0.05 0.91 -6.64
N MET A 38 -0.22 0.77 -5.33
CA MET A 38 0.91 0.68 -4.42
C MET A 38 0.75 -0.49 -3.45
N GLN A 39 1.87 -1.02 -2.97
CA GLN A 39 1.85 -2.14 -2.04
C GLN A 39 3.03 -2.08 -1.08
N CYS A 40 2.84 -1.42 0.05
CA CYS A 40 3.90 -1.28 1.04
C CYS A 40 3.69 -2.27 2.19
N ASN A 41 4.79 -2.70 2.79
CA ASN A 41 4.74 -3.65 3.90
C ASN A 41 5.48 -3.12 5.12
N THR A 42 5.35 -3.81 6.25
CA THR A 42 6.00 -3.40 7.48
C THR A 42 7.51 -3.52 7.36
N GLN A 43 7.97 -4.58 6.70
CA GLN A 43 9.40 -4.82 6.52
C GLN A 43 9.82 -4.48 5.09
N GLN A 44 8.95 -4.77 4.14
CA GLN A 44 9.23 -4.50 2.73
C GLN A 44 8.36 -3.36 2.21
N HIS A 45 8.56 -3.01 0.94
CA HIS A 45 7.79 -1.93 0.32
C HIS A 45 7.96 -1.95 -1.19
N TRP A 46 6.84 -1.94 -1.92
CA TRP A 46 6.88 -1.96 -3.38
C TRP A 46 5.59 -1.37 -3.96
N CYS A 47 5.48 -1.39 -5.28
CA CYS A 47 4.30 -0.86 -5.95
C CYS A 47 3.66 -1.92 -6.84
N VAL A 48 2.43 -1.66 -7.29
CA VAL A 48 1.72 -2.58 -8.15
C VAL A 48 0.96 -1.84 -9.24
N ASP A 49 0.67 -2.54 -10.33
CA ASP A 49 -0.05 -1.95 -11.45
C ASP A 49 -1.56 -2.08 -11.25
N PRO A 50 -2.29 -1.00 -11.56
CA PRO A 50 -3.75 -0.96 -11.42
C PRO A 50 -4.45 -1.85 -12.44
N GLU A 51 -3.76 -2.16 -13.53
CA GLU A 51 -4.32 -3.00 -14.58
C GLU A 51 -4.89 -4.29 -13.99
N SER A 52 -4.07 -5.01 -13.25
CA SER A 52 -4.50 -6.27 -12.64
C SER A 52 -4.21 -6.27 -11.14
N GLY A 53 -3.10 -5.65 -10.76
CA GLY A 53 -2.73 -5.59 -9.36
C GLY A 53 -1.51 -6.44 -9.04
N THR A 54 -0.62 -6.57 -10.01
CA THR A 54 0.58 -7.36 -9.83
C THR A 54 1.81 -6.48 -9.58
N ALA A 55 2.79 -7.02 -8.87
CA ALA A 55 4.01 -6.28 -8.58
C ALA A 55 4.62 -5.69 -9.84
N LEU A 56 5.53 -4.74 -9.67
CA LEU A 56 6.19 -4.10 -10.79
C LEU A 56 7.69 -4.35 -10.76
N GLY A 57 8.31 -4.10 -9.61
CA GLY A 57 9.74 -4.30 -9.46
C GLY A 57 10.10 -4.90 -8.12
N GLU A 58 11.32 -4.63 -7.67
CA GLU A 58 11.80 -5.15 -6.39
C GLU A 58 11.10 -4.46 -5.22
N ARG A 59 11.58 -4.70 -4.02
CA ARG A 59 11.00 -4.11 -2.82
C ARG A 59 12.07 -3.39 -2.00
N ARG A 60 13.16 -4.09 -1.70
CA ARG A 60 14.25 -3.52 -0.93
C ARG A 60 14.70 -2.19 -1.52
N SER A 61 14.97 -1.22 -0.65
CA SER A 61 15.41 0.10 -1.09
C SER A 61 15.70 1.00 0.10
N GLY A 62 14.64 1.47 0.76
CA GLY A 62 14.80 2.33 1.91
C GLY A 62 13.52 2.47 2.72
N GLY A 63 12.87 3.62 2.59
CA GLY A 63 11.63 3.86 3.33
C GLY A 63 10.44 3.19 2.68
N CYS A 64 9.25 3.46 3.19
CA CYS A 64 8.02 2.88 2.67
C CYS A 64 7.61 3.58 1.37
N THR A 65 7.08 4.79 1.51
CA THR A 65 6.64 5.56 0.35
C THR A 65 7.81 6.28 -0.31
N GLU A 66 8.75 6.73 0.51
CA GLU A 66 9.92 7.45 0.00
C GLU A 66 10.64 6.62 -1.06
N ALA A 67 10.94 5.37 -0.73
CA ALA A 67 11.63 4.48 -1.66
C ALA A 67 10.67 3.96 -2.73
N ALA A 68 9.42 3.74 -2.34
CA ALA A 68 8.41 3.25 -3.27
C ALA A 68 8.20 4.23 -4.43
N ARG A 69 8.17 5.51 -4.10
CA ARG A 69 7.98 6.55 -5.12
C ARG A 69 9.29 6.88 -5.81
N ASP A 70 10.34 7.05 -5.02
CA ASP A 70 11.66 7.38 -5.55
C ASP A 70 12.10 6.35 -6.59
N HIS A 71 11.74 5.09 -6.35
CA HIS A 71 12.10 4.01 -7.26
C HIS A 71 11.00 3.80 -8.30
N CYS A 72 9.76 3.73 -7.85
CA CYS A 72 8.62 3.54 -8.75
C CYS A 72 7.40 4.31 -8.25
N LYS A 5 -13.00 0.28 -2.22
CA LYS A 5 -12.81 -0.77 -1.22
C LYS A 5 -11.76 -0.35 -0.19
N CYS A 6 -10.55 -0.05 -0.67
CA CYS A 6 -9.47 0.36 0.21
C CYS A 6 -9.84 1.62 0.98
N LEU A 7 -10.44 2.58 0.28
CA LEU A 7 -10.86 3.83 0.90
C LEU A 7 -11.93 3.60 1.96
N ALA A 8 -12.91 2.76 1.63
CA ALA A 8 -13.99 2.45 2.56
C ALA A 8 -13.47 1.71 3.78
N GLU A 9 -12.74 0.62 3.53
CA GLU A 9 -12.18 -0.19 4.62
C GLU A 9 -11.27 0.66 5.51
N HIS A 10 -10.35 1.38 4.88
CA HIS A 10 -9.41 2.22 5.61
C HIS A 10 -10.16 3.23 6.48
N HIS A 11 -11.13 3.91 5.87
CA HIS A 11 -11.93 4.90 6.59
C HIS A 11 -12.58 4.30 7.83
N GLU A 12 -13.30 3.20 7.64
CA GLU A 12 -13.97 2.52 8.74
C GLU A 12 -12.97 2.15 9.83
N LYS A 13 -11.82 1.63 9.42
CA LYS A 13 -10.79 1.23 10.36
C LYS A 13 -10.30 2.42 11.18
N SER A 14 -10.14 3.55 10.52
CA SER A 14 -9.67 4.77 11.18
C SER A 14 -10.75 5.31 12.12
N LYS A 15 -12.00 5.22 11.70
CA LYS A 15 -13.11 5.70 12.50
C LYS A 15 -13.22 4.93 13.81
N SER A 16 -13.24 3.61 13.70
CA SER A 16 -13.34 2.74 14.88
C SER A 16 -12.05 2.78 15.68
N THR A 17 -10.92 2.65 14.99
CA THR A 17 -9.61 2.66 15.64
C THR A 17 -9.45 1.45 16.56
N HIS A 18 -8.23 1.23 17.03
CA HIS A 18 -7.94 0.12 17.93
C HIS A 18 -8.32 -1.22 17.28
N SER A 19 -7.34 -1.88 16.70
CA SER A 19 -7.56 -3.16 16.03
C SER A 19 -6.47 -4.16 16.40
N GLN A 20 -5.26 -3.91 15.91
CA GLN A 20 -4.13 -4.79 16.19
C GLN A 20 -4.42 -6.21 15.72
N VAL A 21 -3.97 -6.54 14.51
CA VAL A 21 -4.19 -7.86 13.94
C VAL A 21 -2.90 -8.39 13.30
N GLY A 22 -2.54 -7.83 12.16
CA GLY A 22 -1.35 -8.26 11.46
C GLY A 22 -1.16 -7.56 10.13
N ASP A 23 -0.03 -7.81 9.48
CA ASP A 23 0.25 -7.20 8.18
C ASP A 23 0.19 -5.68 8.27
N ASP A 24 0.26 -5.02 7.13
CA ASP A 24 0.20 -3.57 7.07
C ASP A 24 -1.01 -3.10 6.26
N ILE A 25 -1.04 -1.80 5.97
CA ILE A 25 -2.14 -1.22 5.21
C ILE A 25 -1.88 -1.32 3.70
N PRO A 26 -2.89 -1.77 2.95
CA PRO A 26 -2.80 -1.92 1.50
C PRO A 26 -2.74 -0.57 0.79
N LYS A 27 -1.52 -0.14 0.45
CA LYS A 27 -1.33 1.13 -0.24
C LYS A 27 -2.22 1.22 -1.47
N CYS A 28 -3.08 2.23 -1.51
CA CYS A 28 -3.98 2.42 -2.63
C CYS A 28 -4.01 3.89 -3.06
N ASN A 29 -3.79 4.12 -4.35
CA ASN A 29 -3.78 5.47 -4.90
C ASN A 29 -5.19 6.07 -4.91
N LEU A 30 -5.34 7.23 -4.29
CA LEU A 30 -6.63 7.90 -4.23
C LEU A 30 -7.17 8.18 -5.63
N ALA A 31 -6.28 8.16 -6.62
CA ALA A 31 -6.66 8.41 -7.99
C ALA A 31 -7.82 7.51 -8.42
N SER A 32 -7.70 6.22 -8.09
CA SER A 32 -8.74 5.25 -8.44
C SER A 32 -9.35 4.63 -7.18
N GLY A 33 -8.55 4.58 -6.11
CA GLY A 33 -9.04 4.02 -4.86
C GLY A 33 -8.74 2.53 -4.75
N TYR A 34 -7.81 2.05 -5.57
CA TYR A 34 -7.43 0.64 -5.55
C TYR A 34 -6.06 0.45 -4.93
N TYR A 35 -5.87 -0.69 -4.26
CA TYR A 35 -4.60 -1.00 -3.62
C TYR A 35 -3.69 -1.77 -4.56
N GLU A 36 -3.97 -1.67 -5.86
CA GLU A 36 -3.16 -2.35 -6.86
C GLU A 36 -2.14 -1.42 -7.47
N GLN A 37 -2.07 -0.20 -6.94
CA GLN A 37 -1.12 0.80 -7.43
C GLN A 37 0.22 0.68 -6.70
N MET A 38 0.17 0.60 -5.38
CA MET A 38 1.37 0.48 -4.57
C MET A 38 1.16 -0.49 -3.41
N GLN A 39 2.25 -0.88 -2.75
CA GLN A 39 2.18 -1.80 -1.64
C GLN A 39 3.39 -1.65 -0.73
N CYS A 40 3.22 -0.88 0.35
CA CYS A 40 4.30 -0.65 1.31
C CYS A 40 3.95 -1.24 2.67
N ASN A 41 4.90 -1.97 3.25
CA ASN A 41 4.71 -2.58 4.56
C ASN A 41 6.00 -2.60 5.36
N THR A 42 5.88 -2.69 6.68
CA THR A 42 7.04 -2.72 7.55
C THR A 42 7.98 -3.86 7.19
N GLN A 43 7.40 -4.98 6.77
CA GLN A 43 8.19 -6.15 6.39
C GLN A 43 8.92 -5.91 5.07
N GLN A 44 8.20 -5.36 4.10
CA GLN A 44 8.79 -5.08 2.78
C GLN A 44 7.97 -4.03 2.04
N HIS A 45 8.55 -3.47 0.99
CA HIS A 45 7.88 -2.45 0.19
C HIS A 45 8.00 -2.76 -1.30
N TRP A 46 6.99 -2.37 -2.06
CA TRP A 46 6.98 -2.60 -3.50
C TRP A 46 5.77 -1.93 -4.15
N CYS A 47 5.77 -1.89 -5.48
CA CYS A 47 4.69 -1.27 -6.22
C CYS A 47 3.94 -2.31 -7.07
N VAL A 48 2.77 -1.93 -7.56
CA VAL A 48 1.96 -2.82 -8.38
C VAL A 48 1.15 -2.05 -9.42
N ASP A 49 0.42 -2.77 -10.25
CA ASP A 49 -0.40 -2.14 -11.28
C ASP A 49 -1.88 -2.53 -11.10
N PRO A 50 -2.77 -1.61 -11.48
CA PRO A 50 -4.22 -1.81 -11.38
C PRO A 50 -4.72 -2.85 -12.37
N GLU A 51 -3.98 -3.05 -13.45
CA GLU A 51 -4.35 -4.02 -14.48
C GLU A 51 -4.66 -5.37 -13.85
N SER A 52 -3.73 -5.90 -13.08
CA SER A 52 -3.89 -7.20 -12.42
C SER A 52 -3.35 -7.16 -11.00
N GLY A 53 -2.26 -6.42 -10.80
CA GLY A 53 -1.67 -6.32 -9.49
C GLY A 53 -0.28 -6.94 -9.43
N THR A 54 0.44 -6.87 -10.54
CA THR A 54 1.79 -7.42 -10.61
C THR A 54 2.84 -6.37 -10.28
N ALA A 55 3.98 -6.82 -9.77
CA ALA A 55 5.06 -5.91 -9.41
C ALA A 55 5.62 -5.21 -10.65
N LEU A 56 6.19 -4.03 -10.44
CA LEU A 56 6.76 -3.25 -11.54
C LEU A 56 8.25 -3.03 -11.32
N GLY A 57 8.92 -4.00 -10.68
CA GLY A 57 10.33 -3.89 -10.43
C GLY A 57 10.64 -3.09 -9.19
N GLU A 58 10.17 -3.55 -8.04
CA GLU A 58 10.38 -2.86 -6.77
C GLU A 58 10.85 -3.84 -5.71
N ARG A 59 10.88 -3.38 -4.46
CA ARG A 59 11.31 -4.20 -3.34
C ARG A 59 12.80 -4.56 -3.46
N ARG A 60 13.64 -3.75 -2.83
CA ARG A 60 15.08 -3.98 -2.88
C ARG A 60 15.78 -3.19 -1.78
N SER A 61 15.16 -3.10 -0.61
CA SER A 61 15.72 -2.37 0.51
C SER A 61 15.81 -0.87 0.20
N GLY A 62 15.74 -0.05 1.24
CA GLY A 62 15.82 1.38 1.05
C GLY A 62 14.65 2.11 1.69
N GLY A 63 14.18 1.60 2.82
CA GLY A 63 13.06 2.22 3.51
C GLY A 63 11.75 1.97 2.82
N CYS A 64 10.67 2.51 3.38
CA CYS A 64 9.34 2.35 2.80
C CYS A 64 9.03 3.47 1.81
N THR A 65 8.74 4.65 2.34
CA THR A 65 8.42 5.81 1.51
C THR A 65 9.62 6.21 0.65
N GLU A 66 10.82 6.05 1.19
CA GLU A 66 12.04 6.39 0.47
C GLU A 66 12.08 5.68 -0.88
N ALA A 67 11.99 4.36 -0.86
CA ALA A 67 12.02 3.56 -2.07
C ALA A 67 10.69 3.65 -2.82
N ALA A 68 9.60 3.72 -2.06
CA ALA A 68 8.27 3.80 -2.65
C ALA A 68 8.15 5.01 -3.57
N ARG A 69 8.69 6.14 -3.13
CA ARG A 69 8.65 7.37 -3.92
C ARG A 69 9.80 7.41 -4.93
N ASP A 70 11.01 7.17 -4.44
CA ASP A 70 12.19 7.18 -5.31
C ASP A 70 11.99 6.25 -6.50
N HIS A 71 11.32 5.13 -6.26
CA HIS A 71 11.07 4.16 -7.33
C HIS A 71 9.70 4.39 -7.96
N CYS A 72 8.67 4.49 -7.12
CA CYS A 72 7.31 4.71 -7.61
C CYS A 72 6.84 6.13 -7.29
N LYS A 5 -13.81 0.27 -1.66
CA LYS A 5 -13.70 -0.76 -0.63
C LYS A 5 -12.49 -0.49 0.27
N CYS A 6 -11.32 -0.37 -0.35
CA CYS A 6 -10.09 -0.13 0.39
C CYS A 6 -10.16 1.21 1.14
N LEU A 7 -10.72 2.22 0.47
CA LEU A 7 -10.85 3.54 1.07
C LEU A 7 -11.73 3.48 2.32
N ALA A 8 -12.85 2.80 2.23
CA ALA A 8 -13.76 2.66 3.35
C ALA A 8 -13.13 1.87 4.50
N GLU A 9 -12.47 0.77 4.15
CA GLU A 9 -11.82 -0.06 5.15
C GLU A 9 -10.69 0.69 5.84
N HIS A 10 -9.81 1.30 5.04
CA HIS A 10 -8.69 2.06 5.58
C HIS A 10 -9.17 3.20 6.46
N HIS A 11 -10.09 4.00 5.94
CA HIS A 11 -10.63 5.13 6.68
C HIS A 11 -11.33 4.66 7.96
N GLU A 12 -12.22 3.67 7.81
CA GLU A 12 -12.95 3.13 8.96
C GLU A 12 -11.98 2.61 10.02
N LYS A 13 -10.98 1.86 9.58
CA LYS A 13 -9.99 1.29 10.49
C LYS A 13 -9.19 2.40 11.18
N SER A 14 -8.91 3.47 10.44
CA SER A 14 -8.16 4.59 10.98
C SER A 14 -9.00 5.38 11.97
N LYS A 15 -10.30 5.50 11.69
CA LYS A 15 -11.21 6.23 12.55
C LYS A 15 -11.50 5.44 13.83
N SER A 16 -11.98 4.21 13.66
CA SER A 16 -12.29 3.36 14.80
C SER A 16 -12.01 1.89 14.48
N THR A 17 -12.26 1.02 15.45
CA THR A 17 -12.03 -0.41 15.27
C THR A 17 -10.57 -0.70 14.98
N HIS A 18 -9.81 -1.00 16.02
CA HIS A 18 -8.40 -1.30 15.89
C HIS A 18 -7.63 -0.09 15.36
N SER A 19 -6.32 -0.22 15.26
CA SER A 19 -5.47 0.86 14.76
C SER A 19 -4.01 0.44 14.73
N GLN A 20 -3.36 0.67 13.60
CA GLN A 20 -1.95 0.31 13.43
C GLN A 20 -1.76 -1.20 13.53
N VAL A 21 -0.50 -1.63 13.61
CA VAL A 21 -0.19 -3.04 13.70
C VAL A 21 -0.64 -3.81 12.47
N GLY A 22 -0.02 -3.50 11.33
CA GLY A 22 -0.38 -4.17 10.09
C GLY A 22 0.82 -4.34 9.16
N ASP A 23 1.29 -5.57 9.03
CA ASP A 23 2.43 -5.87 8.17
C ASP A 23 1.96 -6.40 6.82
N ASP A 24 0.84 -5.86 6.33
CA ASP A 24 0.28 -6.28 5.05
C ASP A 24 -0.95 -5.46 4.70
N ILE A 25 -0.80 -4.14 4.71
CA ILE A 25 -1.91 -3.25 4.38
C ILE A 25 -1.93 -2.92 2.89
N PRO A 26 -3.13 -3.00 2.29
CA PRO A 26 -3.31 -2.71 0.87
C PRO A 26 -3.16 -1.22 0.56
N LYS A 27 -1.95 -0.83 0.18
CA LYS A 27 -1.67 0.56 -0.16
C LYS A 27 -2.40 0.98 -1.44
N CYS A 28 -3.64 1.42 -1.28
CA CYS A 28 -4.44 1.85 -2.43
C CYS A 28 -4.38 3.36 -2.59
N ASN A 29 -4.08 3.80 -3.81
CA ASN A 29 -4.00 5.23 -4.11
C ASN A 29 -5.39 5.85 -4.20
N LEU A 30 -5.57 6.97 -3.50
CA LEU A 30 -6.85 7.67 -3.50
C LEU A 30 -7.24 8.09 -4.92
N ALA A 31 -6.25 8.14 -5.81
CA ALA A 31 -6.49 8.52 -7.19
C ALA A 31 -7.62 7.69 -7.81
N SER A 32 -7.55 6.38 -7.61
CA SER A 32 -8.57 5.48 -8.15
C SER A 32 -9.30 4.75 -7.03
N GLY A 33 -8.61 4.57 -5.91
CA GLY A 33 -9.21 3.89 -4.77
C GLY A 33 -8.97 2.39 -4.80
N TYR A 34 -8.02 1.96 -5.62
CA TYR A 34 -7.69 0.55 -5.74
C TYR A 34 -6.35 0.24 -5.08
N TYR A 35 -6.23 -0.97 -4.55
CA TYR A 35 -4.99 -1.39 -3.88
C TYR A 35 -4.06 -2.07 -4.88
N GLU A 36 -4.27 -1.82 -6.15
CA GLU A 36 -3.44 -2.41 -7.20
C GLU A 36 -2.40 -1.42 -7.70
N GLN A 37 -2.36 -0.25 -7.08
CA GLN A 37 -1.41 0.79 -7.46
C GLN A 37 -0.13 0.67 -6.66
N MET A 38 -0.26 0.56 -5.34
CA MET A 38 0.88 0.45 -4.45
C MET A 38 0.75 -0.76 -3.52
N GLN A 39 1.87 -1.36 -3.16
CA GLN A 39 1.87 -2.53 -2.29
C GLN A 39 3.05 -2.47 -1.32
N CYS A 40 2.83 -1.87 -0.16
CA CYS A 40 3.88 -1.76 0.85
C CYS A 40 3.62 -2.71 2.01
N ASN A 41 4.67 -3.38 2.47
CA ASN A 41 4.56 -4.32 3.58
C ASN A 41 5.77 -4.23 4.51
N THR A 42 5.65 -4.81 5.69
CA THR A 42 6.73 -4.79 6.67
C THR A 42 7.95 -5.54 6.16
N GLN A 43 7.71 -6.64 5.45
CA GLN A 43 8.79 -7.45 4.91
C GLN A 43 9.47 -6.73 3.74
N GLN A 44 8.67 -6.04 2.94
CA GLN A 44 9.19 -5.31 1.79
C GLN A 44 8.13 -4.38 1.21
N HIS A 45 8.58 -3.38 0.45
CA HIS A 45 7.67 -2.41 -0.17
C HIS A 45 7.86 -2.38 -1.68
N TRP A 46 6.77 -2.58 -2.41
CA TRP A 46 6.82 -2.57 -3.88
C TRP A 46 5.59 -1.88 -4.44
N CYS A 47 5.60 -1.68 -5.76
CA CYS A 47 4.48 -1.02 -6.43
C CYS A 47 3.81 -1.97 -7.42
N VAL A 48 2.52 -1.77 -7.66
CA VAL A 48 1.76 -2.61 -8.58
C VAL A 48 0.96 -1.76 -9.56
N ASP A 49 0.27 -2.42 -10.48
CA ASP A 49 -0.54 -1.73 -11.47
C ASP A 49 -2.01 -2.15 -11.37
N PRO A 50 -2.91 -1.22 -11.71
CA PRO A 50 -4.35 -1.48 -11.67
C PRO A 50 -4.81 -2.45 -12.76
N GLU A 51 -4.00 -2.57 -13.80
CA GLU A 51 -4.32 -3.47 -14.91
C GLU A 51 -4.66 -4.86 -14.39
N SER A 52 -3.76 -5.44 -13.61
CA SER A 52 -3.96 -6.78 -13.06
C SER A 52 -3.63 -6.81 -11.58
N GLY A 53 -2.62 -6.04 -11.18
CA GLY A 53 -2.23 -5.98 -9.78
C GLY A 53 -0.91 -6.69 -9.53
N THR A 54 -0.02 -6.66 -10.52
CA THR A 54 1.28 -7.30 -10.40
C THR A 54 2.38 -6.28 -10.13
N ALA A 55 3.50 -6.74 -9.59
CA ALA A 55 4.63 -5.86 -9.30
C ALA A 55 5.19 -5.25 -10.58
N LEU A 56 5.91 -4.15 -10.43
CA LEU A 56 6.52 -3.47 -11.57
C LEU A 56 8.02 -3.33 -11.40
N GLY A 57 8.43 -2.94 -10.19
CA GLY A 57 9.86 -2.78 -9.91
C GLY A 57 10.37 -3.81 -8.92
N GLU A 58 11.37 -3.41 -8.14
CA GLU A 58 11.96 -4.32 -7.14
C GLU A 58 11.51 -3.93 -5.74
N ARG A 59 12.12 -4.55 -4.74
CA ARG A 59 11.78 -4.28 -3.35
C ARG A 59 13.04 -4.02 -2.52
N ARG A 60 12.85 -3.69 -1.24
CA ARG A 60 13.96 -3.42 -0.35
C ARG A 60 14.75 -2.20 -0.82
N SER A 61 14.57 -1.08 -0.12
CA SER A 61 15.25 0.16 -0.47
C SER A 61 15.45 1.03 0.76
N GLY A 62 14.35 1.50 1.33
CA GLY A 62 14.42 2.35 2.51
C GLY A 62 13.10 3.03 2.82
N GLY A 63 12.53 2.72 3.97
CA GLY A 63 11.26 3.31 4.36
C GLY A 63 10.12 2.88 3.47
N CYS A 64 8.92 2.83 4.04
CA CYS A 64 7.74 2.43 3.28
C CYS A 64 7.32 3.52 2.29
N THR A 65 6.74 4.58 2.82
CA THR A 65 6.30 5.70 1.99
C THR A 65 7.47 6.41 1.33
N GLU A 66 8.59 6.48 2.06
CA GLU A 66 9.79 7.12 1.55
C GLU A 66 10.21 6.52 0.20
N ALA A 67 10.37 5.20 0.18
CA ALA A 67 10.76 4.51 -1.04
C ALA A 67 9.58 4.36 -1.99
N ALA A 68 8.39 4.17 -1.44
CA ALA A 68 7.18 4.01 -2.23
C ALA A 68 6.94 5.25 -3.10
N ARG A 69 7.17 6.43 -2.51
CA ARG A 69 6.97 7.68 -3.21
C ARG A 69 8.20 8.04 -4.04
N ASP A 70 9.37 7.93 -3.43
CA ASP A 70 10.62 8.24 -4.11
C ASP A 70 10.74 7.46 -5.42
N HIS A 71 10.26 6.22 -5.41
CA HIS A 71 10.30 5.37 -6.59
C HIS A 71 9.00 5.44 -7.37
N CYS A 72 7.88 5.42 -6.64
CA CYS A 72 6.56 5.48 -7.27
C CYS A 72 5.75 6.64 -6.70
N LYS A 5 -13.31 0.56 -1.61
CA LYS A 5 -13.26 -0.49 -0.61
C LYS A 5 -12.15 -0.25 0.40
N CYS A 6 -10.90 -0.37 -0.05
CA CYS A 6 -9.76 -0.16 0.82
C CYS A 6 -9.84 1.21 1.51
N LEU A 7 -10.36 2.20 0.79
CA LEU A 7 -10.50 3.54 1.33
C LEU A 7 -11.37 3.54 2.58
N ALA A 8 -12.53 2.91 2.49
CA ALA A 8 -13.45 2.83 3.61
C ALA A 8 -12.91 1.92 4.71
N GLU A 9 -12.40 0.76 4.31
CA GLU A 9 -11.84 -0.20 5.27
C GLU A 9 -10.71 0.44 6.07
N HIS A 10 -9.76 1.04 5.38
CA HIS A 10 -8.62 1.68 6.03
C HIS A 10 -9.08 2.86 6.87
N HIS A 11 -9.84 3.76 6.25
CA HIS A 11 -10.34 4.94 6.96
C HIS A 11 -11.07 4.55 8.24
N GLU A 12 -12.00 3.60 8.11
CA GLU A 12 -12.77 3.13 9.26
C GLU A 12 -11.88 2.41 10.25
N LYS A 13 -10.90 1.67 9.74
CA LYS A 13 -9.98 0.92 10.59
C LYS A 13 -9.18 1.88 11.48
N SER A 14 -8.81 3.02 10.93
CA SER A 14 -8.04 4.01 11.68
C SER A 14 -8.95 4.85 12.57
N LYS A 15 -10.11 5.24 12.03
CA LYS A 15 -11.06 6.04 12.78
C LYS A 15 -11.59 5.27 13.99
N SER A 16 -12.12 4.08 13.74
CA SER A 16 -12.66 3.24 14.81
C SER A 16 -11.64 3.07 15.93
N THR A 17 -10.62 2.27 15.67
CA THR A 17 -9.56 2.01 16.65
C THR A 17 -8.20 2.40 16.11
N HIS A 18 -7.23 2.57 17.01
CA HIS A 18 -5.87 2.93 16.62
C HIS A 18 -5.24 1.86 15.75
N SER A 19 -4.92 2.22 14.51
CA SER A 19 -4.31 1.28 13.58
C SER A 19 -2.79 1.38 13.62
N GLN A 20 -2.15 0.29 14.03
CA GLN A 20 -0.70 0.25 14.11
C GLN A 20 -0.16 -1.11 13.68
N VAL A 21 -0.84 -2.17 14.11
CA VAL A 21 -0.43 -3.52 13.77
C VAL A 21 -0.80 -3.86 12.33
N GLY A 22 -0.10 -3.24 11.38
CA GLY A 22 -0.38 -3.49 9.98
C GLY A 22 0.73 -4.28 9.30
N ASP A 23 0.34 -5.15 8.37
CA ASP A 23 1.31 -5.97 7.65
C ASP A 23 0.91 -6.14 6.19
N ASP A 24 -0.11 -6.96 5.96
CA ASP A 24 -0.61 -7.19 4.60
C ASP A 24 -1.75 -6.25 4.26
N ILE A 25 -1.45 -4.96 4.22
CA ILE A 25 -2.46 -3.95 3.91
C ILE A 25 -2.37 -3.51 2.45
N PRO A 26 -3.52 -3.46 1.77
CA PRO A 26 -3.58 -3.04 0.36
C PRO A 26 -3.29 -1.56 0.18
N LYS A 27 -2.05 -1.25 -0.18
CA LYS A 27 -1.65 0.13 -0.39
C LYS A 27 -2.26 0.69 -1.68
N CYS A 28 -3.52 1.09 -1.60
CA CYS A 28 -4.22 1.64 -2.76
C CYS A 28 -4.07 3.16 -2.81
N ASN A 29 -3.68 3.67 -3.98
CA ASN A 29 -3.49 5.10 -4.16
C ASN A 29 -4.84 5.81 -4.35
N LEU A 30 -5.03 6.90 -3.62
CA LEU A 30 -6.26 7.66 -3.70
C LEU A 30 -6.50 8.17 -5.12
N ALA A 31 -5.45 8.19 -5.92
CA ALA A 31 -5.54 8.64 -7.30
C ALA A 31 -6.65 7.91 -8.04
N SER A 32 -6.67 6.59 -7.90
CA SER A 32 -7.67 5.77 -8.57
C SER A 32 -8.54 5.03 -7.54
N GLY A 33 -7.97 4.77 -6.38
CA GLY A 33 -8.70 4.08 -5.33
C GLY A 33 -8.54 2.57 -5.41
N TYR A 34 -7.56 2.12 -6.18
CA TYR A 34 -7.31 0.70 -6.35
C TYR A 34 -6.03 0.28 -5.62
N TYR A 35 -6.00 -0.96 -5.14
CA TYR A 35 -4.84 -1.47 -4.43
C TYR A 35 -3.87 -2.16 -5.39
N GLU A 36 -3.98 -1.83 -6.67
CA GLU A 36 -3.12 -2.41 -7.69
C GLU A 36 -2.01 -1.43 -8.08
N GLN A 37 -1.96 -0.30 -7.39
CA GLN A 37 -0.95 0.71 -7.67
C GLN A 37 0.28 0.50 -6.81
N MET A 38 0.07 0.42 -5.49
CA MET A 38 1.17 0.22 -4.56
C MET A 38 0.91 -0.99 -3.66
N GLN A 39 1.98 -1.64 -3.20
CA GLN A 39 1.86 -2.81 -2.33
C GLN A 39 2.96 -2.82 -1.28
N CYS A 40 2.69 -2.21 -0.14
CA CYS A 40 3.66 -2.16 0.95
C CYS A 40 3.33 -3.19 2.02
N ASN A 41 4.37 -3.82 2.57
CA ASN A 41 4.19 -4.82 3.61
C ASN A 41 5.29 -4.73 4.66
N THR A 42 5.13 -5.46 5.76
CA THR A 42 6.10 -5.46 6.83
C THR A 42 7.44 -6.04 6.38
N GLN A 43 7.38 -7.11 5.60
CA GLN A 43 8.58 -7.76 5.09
C GLN A 43 9.28 -6.88 4.06
N GLN A 44 8.50 -6.35 3.13
CA GLN A 44 9.04 -5.48 2.09
C GLN A 44 7.95 -4.64 1.45
N HIS A 45 8.35 -3.69 0.62
CA HIS A 45 7.40 -2.81 -0.06
C HIS A 45 7.65 -2.80 -1.57
N TRP A 46 6.66 -3.27 -2.32
CA TRP A 46 6.77 -3.32 -3.78
C TRP A 46 5.65 -2.53 -4.44
N CYS A 47 5.82 -2.21 -5.72
CA CYS A 47 4.83 -1.45 -6.46
C CYS A 47 4.16 -2.32 -7.52
N VAL A 48 2.89 -2.06 -7.77
CA VAL A 48 2.13 -2.82 -8.77
C VAL A 48 1.44 -1.89 -9.76
N ASP A 49 0.76 -2.49 -10.73
CA ASP A 49 0.04 -1.72 -11.74
C ASP A 49 -1.43 -2.07 -11.76
N PRO A 50 -2.28 -1.09 -12.10
CA PRO A 50 -3.74 -1.27 -12.16
C PRO A 50 -4.15 -2.17 -13.32
N GLU A 51 -3.29 -2.28 -14.32
CA GLU A 51 -3.57 -3.10 -15.49
C GLU A 51 -4.01 -4.50 -15.08
N SER A 52 -3.19 -5.16 -14.27
CA SER A 52 -3.49 -6.51 -13.81
C SER A 52 -3.29 -6.62 -12.30
N GLY A 53 -2.28 -5.91 -11.78
CA GLY A 53 -1.99 -5.95 -10.36
C GLY A 53 -0.73 -6.73 -10.04
N THR A 54 0.22 -6.70 -10.96
CA THR A 54 1.48 -7.41 -10.77
C THR A 54 2.62 -6.44 -10.42
N ALA A 55 3.67 -6.97 -9.80
CA ALA A 55 4.81 -6.16 -9.42
C ALA A 55 5.47 -5.52 -10.63
N LEU A 56 6.01 -4.32 -10.45
CA LEU A 56 6.66 -3.61 -11.54
C LEU A 56 8.18 -3.77 -11.47
N GLY A 57 8.71 -3.73 -10.26
CA GLY A 57 10.15 -3.88 -10.06
C GLY A 57 10.49 -4.72 -8.85
N GLU A 58 11.78 -4.77 -8.52
CA GLU A 58 12.23 -5.56 -7.37
C GLU A 58 11.78 -4.93 -6.07
N ARG A 59 12.15 -5.55 -4.95
CA ARG A 59 11.78 -5.05 -3.63
C ARG A 59 12.97 -4.39 -2.95
N ARG A 60 12.69 -3.52 -1.99
CA ARG A 60 13.73 -2.81 -1.26
C ARG A 60 13.46 -2.84 0.25
N SER A 61 14.36 -2.25 1.02
CA SER A 61 14.21 -2.21 2.47
C SER A 61 14.20 -0.77 2.97
N GLY A 62 13.51 -0.54 4.09
CA GLY A 62 13.42 0.79 4.66
C GLY A 62 12.00 1.20 4.97
N GLY A 63 11.74 2.51 4.98
CA GLY A 63 10.41 3.00 5.28
C GLY A 63 9.37 2.48 4.31
N CYS A 64 8.10 2.68 4.63
CA CYS A 64 7.01 2.22 3.79
C CYS A 64 6.59 3.31 2.80
N THR A 65 5.91 4.34 3.31
CA THR A 65 5.46 5.44 2.48
C THR A 65 6.63 6.21 1.88
N GLU A 66 7.71 6.33 2.67
CA GLU A 66 8.90 7.04 2.22
C GLU A 66 9.42 6.46 0.90
N ALA A 67 9.63 5.15 0.87
CA ALA A 67 10.13 4.49 -0.32
C ALA A 67 9.01 4.30 -1.34
N ALA A 68 7.80 4.05 -0.86
CA ALA A 68 6.64 3.86 -1.73
C ALA A 68 6.39 5.09 -2.59
N ARG A 69 6.54 6.27 -1.97
CA ARG A 69 6.33 7.52 -2.68
C ARG A 69 7.58 7.95 -3.43
N ASP A 70 8.73 7.89 -2.76
CA ASP A 70 9.99 8.26 -3.37
C ASP A 70 10.22 7.49 -4.67
N HIS A 71 9.79 6.23 -4.68
CA HIS A 71 9.95 5.39 -5.86
C HIS A 71 8.69 5.40 -6.72
N CYS A 72 7.53 5.28 -6.06
CA CYS A 72 6.26 5.28 -6.75
C CYS A 72 5.41 6.47 -6.34
N LYS A 5 -13.70 1.00 -1.56
CA LYS A 5 -13.58 -0.24 -0.81
C LYS A 5 -12.38 -0.18 0.14
N CYS A 6 -11.25 0.29 -0.37
CA CYS A 6 -10.03 0.40 0.44
C CYS A 6 -10.22 1.44 1.54
N LEU A 7 -10.54 2.67 1.14
CA LEU A 7 -10.73 3.75 2.10
C LEU A 7 -11.85 3.42 3.08
N ALA A 8 -12.91 2.80 2.58
CA ALA A 8 -14.04 2.42 3.40
C ALA A 8 -13.64 1.39 4.45
N GLU A 9 -12.98 0.33 3.99
CA GLU A 9 -12.53 -0.73 4.88
C GLU A 9 -11.50 -0.22 5.88
N HIS A 10 -10.47 0.43 5.36
CA HIS A 10 -9.41 0.99 6.20
C HIS A 10 -9.98 1.94 7.25
N HIS A 11 -10.96 2.74 6.84
CA HIS A 11 -11.59 3.70 7.73
C HIS A 11 -12.37 2.98 8.83
N GLU A 12 -13.22 2.04 8.43
CA GLU A 12 -14.03 1.29 9.38
C GLU A 12 -13.14 0.57 10.41
N LYS A 13 -12.06 -0.03 9.92
CA LYS A 13 -11.13 -0.74 10.78
C LYS A 13 -10.41 0.22 11.72
N SER A 14 -9.87 1.30 11.16
CA SER A 14 -9.15 2.30 11.94
C SER A 14 -10.04 2.88 13.04
N LYS A 15 -11.28 3.20 12.67
CA LYS A 15 -12.23 3.76 13.63
C LYS A 15 -12.58 2.74 14.71
N SER A 16 -12.90 1.52 14.29
CA SER A 16 -13.26 0.46 15.22
C SER A 16 -12.15 0.26 16.25
N THR A 17 -10.91 0.40 15.81
CA THR A 17 -9.76 0.23 16.70
C THR A 17 -8.53 0.92 16.14
N HIS A 18 -8.24 2.12 16.65
CA HIS A 18 -7.09 2.90 16.20
C HIS A 18 -5.87 2.59 17.06
N SER A 19 -5.60 1.31 17.28
CA SER A 19 -4.46 0.88 18.08
C SER A 19 -4.08 -0.56 17.77
N GLN A 20 -2.96 -0.73 17.08
CA GLN A 20 -2.47 -2.05 16.71
C GLN A 20 -3.46 -2.76 15.78
N VAL A 21 -3.24 -4.04 15.55
CA VAL A 21 -4.10 -4.83 14.68
C VAL A 21 -4.16 -4.25 13.28
N GLY A 22 -3.04 -4.36 12.56
CA GLY A 22 -2.98 -3.84 11.20
C GLY A 22 -1.71 -4.27 10.48
N ASP A 23 -1.88 -5.06 9.43
CA ASP A 23 -0.74 -5.54 8.65
C ASP A 23 -1.21 -6.24 7.38
N ASP A 24 -0.46 -6.05 6.30
CA ASP A 24 -0.80 -6.67 5.02
C ASP A 24 -2.14 -6.14 4.50
N ILE A 25 -2.18 -4.85 4.17
CA ILE A 25 -3.40 -4.22 3.67
C ILE A 25 -3.16 -3.58 2.31
N PRO A 26 -4.25 -3.34 1.57
CA PRO A 26 -4.19 -2.73 0.24
C PRO A 26 -3.81 -1.26 0.30
N LYS A 27 -2.65 -0.94 -0.30
CA LYS A 27 -2.17 0.44 -0.30
C LYS A 27 -2.78 1.22 -1.47
N CYS A 28 -4.10 1.36 -1.46
CA CYS A 28 -4.80 2.08 -2.52
C CYS A 28 -4.19 3.46 -2.73
N ASN A 29 -3.88 3.78 -3.98
CA ASN A 29 -3.29 5.07 -4.32
C ASN A 29 -4.11 6.22 -3.71
N LEU A 30 -3.46 7.35 -3.50
CA LEU A 30 -4.13 8.52 -2.94
C LEU A 30 -5.14 9.10 -3.92
N ALA A 31 -4.69 9.36 -5.14
CA ALA A 31 -5.56 9.91 -6.17
C ALA A 31 -6.21 8.80 -6.99
N SER A 32 -5.42 7.78 -7.33
CA SER A 32 -5.92 6.67 -8.13
C SER A 32 -6.89 5.82 -7.32
N GLY A 33 -6.70 5.81 -6.00
CA GLY A 33 -7.57 5.03 -5.13
C GLY A 33 -7.55 3.56 -5.45
N TYR A 34 -6.52 3.13 -6.18
CA TYR A 34 -6.38 1.73 -6.55
C TYR A 34 -5.25 1.06 -5.78
N TYR A 35 -5.52 -0.12 -5.25
CA TYR A 35 -4.54 -0.86 -4.47
C TYR A 35 -3.71 -1.77 -5.37
N GLU A 36 -3.71 -1.47 -6.67
CA GLU A 36 -2.95 -2.25 -7.63
C GLU A 36 -1.80 -1.44 -8.23
N GLN A 37 -1.64 -0.22 -7.73
CA GLN A 37 -0.58 0.66 -8.21
C GLN A 37 0.63 0.61 -7.29
N MET A 38 0.39 0.75 -6.00
CA MET A 38 1.46 0.72 -5.01
C MET A 38 1.12 -0.25 -3.87
N GLN A 39 2.16 -0.85 -3.30
CA GLN A 39 1.98 -1.80 -2.20
C GLN A 39 3.06 -1.63 -1.13
N CYS A 40 2.76 -0.78 -0.15
CA CYS A 40 3.71 -0.52 0.93
C CYS A 40 3.29 -1.24 2.20
N ASN A 41 4.25 -1.90 2.84
CA ASN A 41 3.98 -2.65 4.07
C ASN A 41 5.17 -2.56 5.02
N THR A 42 4.89 -2.72 6.31
CA THR A 42 5.94 -2.66 7.32
C THR A 42 7.09 -3.60 6.99
N GLN A 43 6.75 -4.76 6.46
CA GLN A 43 7.76 -5.76 6.10
C GLN A 43 8.58 -5.28 4.90
N GLN A 44 7.89 -4.78 3.88
CA GLN A 44 8.56 -4.29 2.68
C GLN A 44 7.64 -3.39 1.87
N HIS A 45 8.22 -2.61 0.97
CA HIS A 45 7.45 -1.70 0.12
C HIS A 45 7.70 -1.98 -1.36
N TRP A 46 6.72 -2.59 -2.02
CA TRP A 46 6.85 -2.90 -3.43
C TRP A 46 5.76 -2.20 -4.25
N CYS A 47 5.92 -2.22 -5.57
CA CYS A 47 4.95 -1.59 -6.46
C CYS A 47 4.22 -2.64 -7.31
N VAL A 48 3.04 -2.27 -7.80
CA VAL A 48 2.25 -3.18 -8.63
C VAL A 48 1.58 -2.42 -9.77
N ASP A 49 1.26 -3.14 -10.83
CA ASP A 49 0.61 -2.54 -11.99
C ASP A 49 -0.90 -2.50 -11.81
N PRO A 50 -1.53 -1.39 -12.25
CA PRO A 50 -2.97 -1.20 -12.14
C PRO A 50 -3.75 -2.13 -13.06
N GLU A 51 -3.08 -2.62 -14.10
CA GLU A 51 -3.71 -3.52 -15.06
C GLU A 51 -4.42 -4.66 -14.35
N SER A 52 -3.67 -5.38 -13.52
CA SER A 52 -4.23 -6.52 -12.78
C SER A 52 -3.95 -6.37 -11.29
N GLY A 53 -2.79 -5.82 -10.96
CA GLY A 53 -2.42 -5.64 -9.56
C GLY A 53 -1.31 -6.57 -9.13
N THR A 54 -0.42 -6.90 -10.06
CA THR A 54 0.69 -7.80 -9.78
C THR A 54 2.01 -7.03 -9.68
N ALA A 55 2.98 -7.60 -8.97
CA ALA A 55 4.28 -6.97 -8.81
C ALA A 55 4.94 -6.69 -10.15
N LEU A 56 5.92 -5.81 -10.15
CA LEU A 56 6.64 -5.46 -11.37
C LEU A 56 8.10 -5.91 -11.31
N GLY A 57 8.76 -5.58 -10.20
CA GLY A 57 10.14 -5.97 -10.03
C GLY A 57 10.42 -6.60 -8.68
N GLU A 58 11.58 -6.31 -8.11
CA GLU A 58 11.95 -6.86 -6.81
C GLU A 58 11.63 -5.89 -5.69
N ARG A 59 12.10 -6.19 -4.49
CA ARG A 59 11.86 -5.34 -3.33
C ARG A 59 13.12 -4.56 -2.96
N ARG A 60 12.94 -3.49 -2.20
CA ARG A 60 14.06 -2.66 -1.76
C ARG A 60 13.88 -2.19 -0.33
N SER A 61 14.83 -1.39 0.15
CA SER A 61 14.77 -0.87 1.51
C SER A 61 14.50 0.63 1.51
N GLY A 62 14.40 1.20 2.71
CA GLY A 62 14.14 2.63 2.83
C GLY A 62 12.77 2.92 3.41
N GLY A 63 12.35 4.18 3.35
CA GLY A 63 11.05 4.56 3.87
C GLY A 63 9.91 3.88 3.14
N CYS A 64 8.70 4.39 3.34
CA CYS A 64 7.52 3.84 2.70
C CYS A 64 7.23 4.56 1.39
N THR A 65 6.70 5.78 1.49
CA THR A 65 6.37 6.57 0.32
C THR A 65 7.61 7.23 -0.26
N GLU A 66 8.53 7.63 0.61
CA GLU A 66 9.76 8.28 0.17
C GLU A 66 10.49 7.42 -0.86
N ALA A 67 10.73 6.16 -0.51
CA ALA A 67 11.41 5.23 -1.41
C ALA A 67 10.49 4.77 -2.53
N ALA A 68 9.22 4.61 -2.20
CA ALA A 68 8.23 4.17 -3.19
C ALA A 68 8.18 5.12 -4.38
N ARG A 69 8.21 6.42 -4.11
CA ARG A 69 8.17 7.42 -5.17
C ARG A 69 9.57 7.68 -5.73
N ASP A 70 10.55 7.74 -4.84
CA ASP A 70 11.93 7.97 -5.24
C ASP A 70 12.41 6.89 -6.21
N HIS A 71 12.01 5.65 -5.95
CA HIS A 71 12.39 4.53 -6.79
C HIS A 71 11.75 3.23 -6.30
N CYS A 72 10.45 3.28 -6.04
CA CYS A 72 9.71 2.11 -5.57
C CYS A 72 10.30 1.60 -4.25
N LYS A 5 -13.82 0.78 -1.50
CA LYS A 5 -13.94 -0.44 -0.72
C LYS A 5 -12.89 -0.47 0.39
N CYS A 6 -11.63 -0.57 0.02
CA CYS A 6 -10.54 -0.61 0.98
C CYS A 6 -10.59 0.60 1.92
N LEU A 7 -10.97 1.74 1.36
CA LEU A 7 -11.07 2.98 2.15
C LEU A 7 -12.13 2.85 3.24
N ALA A 8 -13.31 2.38 2.86
CA ALA A 8 -14.40 2.20 3.81
C ALA A 8 -14.03 1.18 4.88
N GLU A 9 -13.45 0.06 4.45
CA GLU A 9 -13.06 -1.00 5.37
C GLU A 9 -11.95 -0.51 6.32
N HIS A 10 -10.96 0.17 5.76
CA HIS A 10 -9.85 0.69 6.55
C HIS A 10 -10.35 1.67 7.61
N HIS A 11 -11.15 2.65 7.18
CA HIS A 11 -11.68 3.66 8.10
C HIS A 11 -12.64 3.01 9.09
N GLU A 12 -13.51 2.14 8.60
CA GLU A 12 -14.48 1.46 9.45
C GLU A 12 -13.77 0.64 10.53
N LYS A 13 -12.67 0.00 10.15
CA LYS A 13 -11.90 -0.82 11.07
C LYS A 13 -11.21 0.05 12.12
N SER A 14 -10.55 1.10 11.67
CA SER A 14 -9.84 2.00 12.57
C SER A 14 -10.82 2.70 13.52
N LYS A 15 -11.98 3.04 12.99
CA LYS A 15 -13.01 3.71 13.79
C LYS A 15 -13.70 2.73 14.74
N SER A 16 -13.95 1.52 14.24
CA SER A 16 -14.60 0.49 15.04
C SER A 16 -13.80 0.19 16.31
N THR A 17 -12.68 -0.50 16.15
CA THR A 17 -11.83 -0.85 17.29
C THR A 17 -10.36 -0.59 16.97
N HIS A 18 -9.51 -0.74 17.97
CA HIS A 18 -8.08 -0.53 17.80
C HIS A 18 -7.52 -1.46 16.73
N SER A 19 -7.26 -0.92 15.55
CA SER A 19 -6.72 -1.70 14.44
C SER A 19 -5.21 -1.55 14.35
N GLN A 20 -4.59 -2.33 13.46
CA GLN A 20 -3.15 -2.28 13.28
C GLN A 20 -2.76 -1.07 12.44
N VAL A 21 -2.28 -0.02 13.10
CA VAL A 21 -1.87 1.20 12.41
C VAL A 21 -0.88 0.88 11.28
N GLY A 22 -1.36 1.00 10.05
CA GLY A 22 -0.51 0.74 8.91
C GLY A 22 0.12 -0.64 8.96
N ASP A 23 1.37 -0.75 8.52
CA ASP A 23 2.09 -2.01 8.53
C ASP A 23 1.51 -2.97 7.50
N ASP A 24 0.35 -3.54 7.82
CA ASP A 24 -0.31 -4.47 6.92
C ASP A 24 -1.51 -3.82 6.24
N ILE A 25 -1.36 -2.54 5.91
CA ILE A 25 -2.42 -1.79 5.26
C ILE A 25 -2.05 -1.46 3.81
N PRO A 26 -3.00 -1.71 2.88
CA PRO A 26 -2.79 -1.46 1.46
C PRO A 26 -2.73 0.04 1.14
N LYS A 27 -2.15 0.37 0.00
CA LYS A 27 -2.03 1.76 -0.43
C LYS A 27 -2.94 2.05 -1.62
N CYS A 28 -4.21 2.31 -1.34
CA CYS A 28 -5.17 2.59 -2.39
C CYS A 28 -4.96 3.99 -2.97
N ASN A 29 -5.03 4.10 -4.30
CA ASN A 29 -4.83 5.38 -4.98
C ASN A 29 -5.78 6.45 -4.41
N LEU A 30 -5.43 7.70 -4.60
CA LEU A 30 -6.24 8.81 -4.12
C LEU A 30 -7.55 8.90 -4.90
N ALA A 31 -7.43 8.95 -6.23
CA ALA A 31 -8.60 9.03 -7.10
C ALA A 31 -9.09 7.65 -7.50
N SER A 32 -8.14 6.78 -7.85
CA SER A 32 -8.47 5.43 -8.28
C SER A 32 -9.01 4.60 -7.10
N GLY A 33 -8.56 4.95 -5.89
CA GLY A 33 -9.00 4.24 -4.71
C GLY A 33 -8.65 2.76 -4.75
N TYR A 34 -7.73 2.40 -5.63
CA TYR A 34 -7.31 1.01 -5.78
C TYR A 34 -5.90 0.81 -5.23
N TYR A 35 -5.70 -0.28 -4.50
CA TYR A 35 -4.40 -0.60 -3.92
C TYR A 35 -3.53 -1.37 -4.91
N GLU A 36 -3.88 -1.28 -6.19
CA GLU A 36 -3.12 -1.97 -7.23
C GLU A 36 -2.08 -1.05 -7.85
N GLN A 37 -1.98 0.16 -7.31
CA GLN A 37 -1.02 1.14 -7.81
C GLN A 37 0.28 1.09 -7.01
N MET A 38 0.15 1.11 -5.69
CA MET A 38 1.31 1.07 -4.80
C MET A 38 1.08 0.11 -3.64
N GLN A 39 2.15 -0.51 -3.16
CA GLN A 39 2.05 -1.45 -2.05
C GLN A 39 3.28 -1.36 -1.15
N CYS A 40 3.21 -0.49 -0.14
CA CYS A 40 4.32 -0.30 0.79
C CYS A 40 4.01 -0.92 2.14
N ASN A 41 5.04 -1.44 2.80
CA ASN A 41 4.86 -2.07 4.11
C ASN A 41 6.00 -1.68 5.05
N THR A 42 5.85 -2.03 6.32
CA THR A 42 6.87 -1.71 7.33
C THR A 42 8.14 -2.51 7.09
N GLN A 43 7.99 -3.75 6.62
CA GLN A 43 9.13 -4.62 6.34
C GLN A 43 9.42 -4.67 4.85
N GLN A 44 8.37 -4.74 4.04
CA GLN A 44 8.51 -4.80 2.59
C GLN A 44 7.99 -3.53 1.93
N HIS A 45 8.09 -3.47 0.62
CA HIS A 45 7.62 -2.31 -0.13
C HIS A 45 7.85 -2.50 -1.63
N TRP A 46 6.81 -2.22 -2.42
CA TRP A 46 6.91 -2.37 -3.87
C TRP A 46 5.74 -1.67 -4.55
N CYS A 47 5.82 -1.53 -5.87
CA CYS A 47 4.77 -0.89 -6.64
C CYS A 47 4.02 -1.91 -7.48
N VAL A 48 2.86 -1.50 -8.01
CA VAL A 48 2.04 -2.37 -8.84
C VAL A 48 1.19 -1.56 -9.82
N ASP A 49 0.52 -2.27 -10.73
CA ASP A 49 -0.33 -1.63 -11.72
C ASP A 49 -1.80 -1.97 -11.47
N PRO A 50 -2.69 -1.03 -11.84
CA PRO A 50 -4.14 -1.21 -11.69
C PRO A 50 -4.70 -2.27 -12.63
N GLU A 51 -3.98 -2.53 -13.72
CA GLU A 51 -4.41 -3.52 -14.70
C GLU A 51 -4.77 -4.84 -14.02
N SER A 52 -3.82 -5.38 -13.25
CA SER A 52 -4.03 -6.64 -12.55
C SER A 52 -3.53 -6.54 -11.10
N GLY A 53 -2.44 -5.81 -10.90
CA GLY A 53 -1.88 -5.66 -9.58
C GLY A 53 -0.56 -6.39 -9.41
N THR A 54 0.20 -6.48 -10.50
CA THR A 54 1.50 -7.15 -10.48
C THR A 54 2.63 -6.16 -10.27
N ALA A 55 3.76 -6.65 -9.75
CA ALA A 55 4.92 -5.80 -9.52
C ALA A 55 5.53 -5.32 -10.83
N LEU A 56 6.09 -4.12 -10.82
CA LEU A 56 6.71 -3.56 -12.00
C LEU A 56 8.22 -3.52 -11.87
N GLY A 57 8.70 -3.27 -10.65
CA GLY A 57 10.13 -3.23 -10.41
C GLY A 57 10.63 -4.45 -9.65
N GLU A 58 11.23 -4.21 -8.50
CA GLU A 58 11.76 -5.29 -7.67
C GLU A 58 11.51 -5.02 -6.19
N ARG A 59 12.00 -5.92 -5.35
CA ARG A 59 11.82 -5.79 -3.90
C ARG A 59 13.16 -5.53 -3.21
N ARG A 60 13.13 -4.73 -2.15
CA ARG A 60 14.33 -4.41 -1.41
C ARG A 60 14.00 -4.03 0.04
N SER A 61 15.01 -3.59 0.77
CA SER A 61 14.82 -3.20 2.17
C SER A 61 15.18 -1.73 2.38
N GLY A 62 14.65 -1.15 3.45
CA GLY A 62 14.92 0.25 3.75
C GLY A 62 13.65 1.05 3.97
N GLY A 63 13.75 2.38 3.86
CA GLY A 63 12.60 3.24 4.05
C GLY A 63 11.42 2.83 3.19
N CYS A 64 10.29 3.48 3.40
CA CYS A 64 9.08 3.18 2.64
C CYS A 64 9.00 4.06 1.39
N THR A 65 8.67 5.33 1.59
CA THR A 65 8.55 6.27 0.48
C THR A 65 9.90 6.49 -0.20
N GLU A 66 10.96 6.49 0.60
CA GLU A 66 12.31 6.69 0.07
C GLU A 66 12.63 5.65 -0.99
N ALA A 67 12.46 4.38 -0.64
CA ALA A 67 12.74 3.29 -1.57
C ALA A 67 11.65 3.16 -2.61
N ALA A 68 10.41 3.43 -2.20
CA ALA A 68 9.26 3.34 -3.11
C ALA A 68 9.39 4.34 -4.25
N ARG A 69 9.82 5.56 -3.93
CA ARG A 69 9.99 6.60 -4.93
C ARG A 69 11.31 6.42 -5.68
N ASP A 70 12.39 6.20 -4.93
CA ASP A 70 13.70 6.01 -5.52
C ASP A 70 13.68 4.88 -6.54
N HIS A 71 12.91 3.84 -6.25
CA HIS A 71 12.80 2.69 -7.14
C HIS A 71 11.76 2.93 -8.23
N CYS A 72 10.57 3.35 -7.81
CA CYS A 72 9.47 3.61 -8.74
C CYS A 72 9.49 5.08 -9.17
N LYS A 5 -13.98 -0.14 -1.38
CA LYS A 5 -13.69 -1.26 -0.50
C LYS A 5 -12.43 -1.01 0.32
N CYS A 6 -11.28 -0.99 -0.37
CA CYS A 6 -10.00 -0.75 0.28
C CYS A 6 -9.99 0.60 0.98
N LEU A 7 -10.64 1.58 0.37
CA LEU A 7 -10.70 2.93 0.92
C LEU A 7 -11.48 2.94 2.24
N ALA A 8 -12.65 2.32 2.23
CA ALA A 8 -13.49 2.24 3.42
C ALA A 8 -12.82 1.42 4.51
N GLU A 9 -12.24 0.29 4.14
CA GLU A 9 -11.57 -0.58 5.08
C GLU A 9 -10.34 0.10 5.68
N HIS A 10 -9.56 0.76 4.82
CA HIS A 10 -8.36 1.45 5.26
C HIS A 10 -8.71 2.60 6.22
N HIS A 11 -9.70 3.39 5.83
CA HIS A 11 -10.13 4.52 6.65
C HIS A 11 -10.75 4.04 7.96
N GLU A 12 -11.54 2.97 7.86
CA GLU A 12 -12.20 2.42 9.05
C GLU A 12 -11.17 1.87 10.03
N LYS A 13 -10.20 1.12 9.52
CA LYS A 13 -9.16 0.54 10.35
C LYS A 13 -8.32 1.63 11.01
N SER A 14 -7.88 2.60 10.21
CA SER A 14 -7.06 3.69 10.72
C SER A 14 -7.83 4.51 11.75
N LYS A 15 -9.12 4.73 11.48
CA LYS A 15 -9.97 5.49 12.39
C LYS A 15 -10.23 4.72 13.67
N SER A 16 -10.87 3.57 13.55
CA SER A 16 -11.18 2.74 14.71
C SER A 16 -9.92 2.46 15.52
N THR A 17 -9.85 3.06 16.71
CA THR A 17 -8.70 2.88 17.59
C THR A 17 -7.42 3.34 16.92
N HIS A 18 -6.33 3.32 17.68
CA HIS A 18 -5.03 3.73 17.15
C HIS A 18 -4.17 2.52 16.81
N SER A 19 -3.64 2.49 15.60
CA SER A 19 -2.79 1.38 15.15
C SER A 19 -1.50 1.91 14.53
N GLN A 20 -0.55 1.00 14.32
CA GLN A 20 0.73 1.37 13.74
C GLN A 20 0.83 0.89 12.30
N VAL A 21 0.78 -0.42 12.10
CA VAL A 21 0.86 -1.01 10.77
C VAL A 21 0.11 -2.34 10.70
N GLY A 22 -0.62 -2.53 9.60
CA GLY A 22 -1.38 -3.76 9.44
C GLY A 22 -0.50 -4.98 9.26
N ASP A 23 -0.60 -5.62 8.10
CA ASP A 23 0.20 -6.81 7.82
C ASP A 23 0.06 -7.22 6.35
N ASP A 24 -1.16 -7.09 5.83
CA ASP A 24 -1.42 -7.45 4.43
C ASP A 24 -2.31 -6.40 3.77
N ILE A 25 -1.95 -5.14 3.94
CA ILE A 25 -2.71 -4.04 3.36
C ILE A 25 -2.58 -4.03 1.84
N PRO A 26 -3.73 -3.89 1.16
CA PRO A 26 -3.76 -3.86 -0.31
C PRO A 26 -3.16 -2.59 -0.89
N LYS A 27 -3.43 -1.47 -0.24
CA LYS A 27 -2.90 -0.17 -0.69
C LYS A 27 -3.47 0.20 -2.05
N CYS A 28 -4.39 1.14 -2.06
CA CYS A 28 -5.01 1.60 -3.30
C CYS A 28 -4.96 3.13 -3.41
N ASN A 29 -4.42 3.61 -4.52
CA ASN A 29 -4.31 5.05 -4.75
C ASN A 29 -5.68 5.67 -5.02
N LEU A 30 -6.01 6.73 -4.30
CA LEU A 30 -7.27 7.42 -4.46
C LEU A 30 -7.46 7.91 -5.89
N ALA A 31 -6.36 8.01 -6.62
CA ALA A 31 -6.39 8.46 -8.00
C ALA A 31 -7.39 7.66 -8.82
N SER A 32 -7.34 6.34 -8.67
CA SER A 32 -8.24 5.46 -9.40
C SER A 32 -9.13 4.67 -8.44
N GLY A 33 -8.63 4.45 -7.23
CA GLY A 33 -9.39 3.72 -6.24
C GLY A 33 -9.12 2.22 -6.29
N TYR A 34 -8.06 1.83 -6.98
CA TYR A 34 -7.70 0.43 -7.11
C TYR A 34 -6.45 0.11 -6.30
N TYR A 35 -6.37 -1.12 -5.81
CA TYR A 35 -5.22 -1.56 -5.02
C TYR A 35 -4.14 -2.16 -5.91
N GLU A 36 -4.18 -1.83 -7.19
CA GLU A 36 -3.20 -2.34 -8.14
C GLU A 36 -2.12 -1.30 -8.42
N GLN A 37 -2.20 -0.17 -7.74
CA GLN A 37 -1.24 0.90 -7.92
C GLN A 37 -0.09 0.77 -6.93
N MET A 38 -0.42 0.45 -5.68
CA MET A 38 0.58 0.31 -4.63
C MET A 38 0.30 -0.93 -3.78
N GLN A 39 1.32 -1.41 -3.09
CA GLN A 39 1.19 -2.59 -2.24
C GLN A 39 2.20 -2.56 -1.10
N CYS A 40 1.79 -2.00 0.04
CA CYS A 40 2.66 -1.91 1.20
C CYS A 40 2.23 -2.92 2.27
N ASN A 41 3.23 -3.53 2.92
CA ASN A 41 2.97 -4.51 3.97
C ASN A 41 4.00 -4.42 5.07
N THR A 42 3.73 -5.08 6.20
CA THR A 42 4.63 -5.06 7.34
C THR A 42 5.97 -5.71 6.98
N GLN A 43 5.92 -6.77 6.20
CA GLN A 43 7.12 -7.47 5.78
C GLN A 43 7.95 -6.63 4.81
N GLN A 44 7.26 -6.05 3.83
CA GLN A 44 7.93 -5.21 2.83
C GLN A 44 6.93 -4.30 2.12
N HIS A 45 7.44 -3.32 1.39
CA HIS A 45 6.59 -2.39 0.67
C HIS A 45 6.98 -2.32 -0.81
N TRP A 46 6.02 -2.62 -1.68
CA TRP A 46 6.28 -2.60 -3.12
C TRP A 46 5.14 -1.89 -3.85
N CYS A 47 5.36 -1.61 -5.13
CA CYS A 47 4.35 -0.94 -5.95
C CYS A 47 3.86 -1.85 -7.07
N VAL A 48 2.75 -1.47 -7.70
CA VAL A 48 2.18 -2.26 -8.79
C VAL A 48 1.47 -1.37 -9.79
N ASP A 49 0.98 -1.96 -10.87
CA ASP A 49 0.28 -1.22 -11.91
C ASP A 49 -1.17 -1.69 -12.02
N PRO A 50 -2.05 -0.76 -12.42
CA PRO A 50 -3.49 -1.05 -12.59
C PRO A 50 -3.76 -1.97 -13.77
N GLU A 51 -2.82 -2.02 -14.71
CA GLU A 51 -2.97 -2.85 -15.90
C GLU A 51 -3.32 -4.28 -15.52
N SER A 52 -2.50 -4.88 -14.65
CA SER A 52 -2.72 -6.25 -14.20
C SER A 52 -2.54 -6.36 -12.70
N GLY A 53 -1.59 -5.60 -12.15
CA GLY A 53 -1.32 -5.63 -10.73
C GLY A 53 -0.01 -6.29 -10.40
N THR A 54 0.97 -6.16 -11.29
CA THR A 54 2.28 -6.75 -11.08
C THR A 54 3.29 -5.70 -10.61
N ALA A 55 4.38 -6.16 -10.01
CA ALA A 55 5.42 -5.27 -9.52
C ALA A 55 6.09 -4.53 -10.67
N LEU A 56 6.60 -3.35 -10.38
CA LEU A 56 7.28 -2.53 -11.39
C LEU A 56 8.77 -2.44 -11.10
N GLY A 57 9.11 -2.14 -9.84
CA GLY A 57 10.50 -2.03 -9.46
C GLY A 57 10.94 -3.14 -8.51
N GLU A 58 11.66 -2.76 -7.46
CA GLU A 58 12.13 -3.72 -6.48
C GLU A 58 11.28 -3.69 -5.22
N ARG A 59 11.74 -4.38 -4.17
CA ARG A 59 11.01 -4.43 -2.91
C ARG A 59 11.89 -3.95 -1.76
N ARG A 60 13.16 -4.31 -1.80
CA ARG A 60 14.11 -3.92 -0.76
C ARG A 60 14.13 -2.40 -0.60
N SER A 61 13.77 -1.94 0.60
CA SER A 61 13.75 -0.51 0.89
C SER A 61 13.33 -0.26 2.33
N GLY A 62 13.52 0.98 2.78
CA GLY A 62 13.16 1.34 4.15
C GLY A 62 11.97 2.28 4.20
N GLY A 63 11.16 2.15 5.24
CA GLY A 63 9.99 3.00 5.40
C GLY A 63 8.93 2.71 4.35
N CYS A 64 7.71 2.44 4.80
CA CYS A 64 6.61 2.15 3.89
C CYS A 64 6.35 3.32 2.96
N THR A 65 5.75 4.38 3.50
CA THR A 65 5.43 5.57 2.71
C THR A 65 6.70 6.23 2.20
N GLU A 66 7.76 6.19 3.01
CA GLU A 66 9.04 6.79 2.63
C GLU A 66 9.50 6.27 1.27
N ALA A 67 9.63 4.96 1.16
CA ALA A 67 10.06 4.34 -0.09
C ALA A 67 8.93 4.32 -1.11
N ALA A 68 7.71 4.13 -0.63
CA ALA A 68 6.54 4.09 -1.51
C ALA A 68 6.41 5.38 -2.30
N ARG A 69 6.65 6.51 -1.64
CA ARG A 69 6.55 7.81 -2.29
C ARG A 69 7.86 8.17 -3.00
N ASP A 70 8.97 7.97 -2.31
CA ASP A 70 10.28 8.28 -2.87
C ASP A 70 10.50 7.51 -4.17
N HIS A 71 9.98 6.28 -4.23
CA HIS A 71 10.11 5.45 -5.42
C HIS A 71 8.89 5.59 -6.32
N CYS A 72 7.71 5.53 -5.73
CA CYS A 72 6.47 5.65 -6.48
C CYS A 72 5.66 6.85 -5.99
N LYS A 5 -13.11 0.38 -1.15
CA LYS A 5 -12.93 -0.63 -0.10
C LYS A 5 -11.75 -0.27 0.79
N CYS A 6 -10.55 -0.28 0.22
CA CYS A 6 -9.34 0.05 0.97
C CYS A 6 -9.44 1.44 1.58
N LEU A 7 -10.09 2.36 0.88
CA LEU A 7 -10.26 3.72 1.35
C LEU A 7 -11.06 3.75 2.65
N ALA A 8 -12.18 3.06 2.66
CA ALA A 8 -13.03 3.00 3.84
C ALA A 8 -12.33 2.30 5.00
N GLU A 9 -11.81 1.10 4.74
CA GLU A 9 -11.10 0.34 5.76
C GLU A 9 -9.93 1.12 6.32
N HIS A 10 -9.08 1.64 5.43
CA HIS A 10 -7.92 2.41 5.84
C HIS A 10 -8.33 3.65 6.61
N HIS A 11 -9.44 4.27 6.20
CA HIS A 11 -9.95 5.47 6.85
C HIS A 11 -10.41 5.14 8.27
N GLU A 12 -11.33 4.19 8.39
CA GLU A 12 -11.87 3.80 9.69
C GLU A 12 -10.76 3.25 10.58
N LYS A 13 -9.81 2.54 9.97
CA LYS A 13 -8.70 1.96 10.72
C LYS A 13 -7.82 3.05 11.33
N SER A 14 -7.43 4.03 10.51
CA SER A 14 -6.60 5.12 10.97
C SER A 14 -7.34 5.99 11.98
N LYS A 15 -8.64 6.16 11.77
CA LYS A 15 -9.47 6.96 12.66
C LYS A 15 -9.73 6.21 13.97
N SER A 16 -10.60 5.21 13.91
CA SER A 16 -10.94 4.42 15.09
C SER A 16 -9.70 3.76 15.67
N THR A 17 -9.84 3.21 16.87
CA THR A 17 -8.73 2.54 17.54
C THR A 17 -9.21 1.34 18.35
N HIS A 18 -8.71 0.16 18.00
CA HIS A 18 -9.09 -1.07 18.69
C HIS A 18 -8.29 -2.26 18.17
N SER A 19 -8.50 -2.61 16.90
CA SER A 19 -7.79 -3.73 16.28
C SER A 19 -7.06 -3.28 15.03
N GLN A 20 -5.76 -3.61 14.97
CA GLN A 20 -4.94 -3.24 13.82
C GLN A 20 -3.88 -4.29 13.55
N VAL A 21 -3.40 -4.35 12.31
CA VAL A 21 -2.38 -5.31 11.92
C VAL A 21 -1.10 -4.61 11.46
N GLY A 22 -1.28 -3.53 10.70
CA GLY A 22 -0.13 -2.78 10.21
C GLY A 22 0.54 -3.46 9.03
N ASP A 23 0.99 -4.69 9.23
CA ASP A 23 1.65 -5.44 8.17
C ASP A 23 0.64 -5.96 7.16
N ASP A 24 1.06 -6.06 5.90
CA ASP A 24 0.19 -6.55 4.84
C ASP A 24 -1.01 -5.62 4.65
N ILE A 25 -0.77 -4.49 3.98
CA ILE A 25 -1.83 -3.52 3.74
C ILE A 25 -1.85 -3.09 2.27
N PRO A 26 -3.05 -3.08 1.68
CA PRO A 26 -3.24 -2.70 0.27
C PRO A 26 -3.00 -1.21 0.05
N LYS A 27 -1.80 -0.86 -0.37
CA LYS A 27 -1.44 0.54 -0.62
C LYS A 27 -2.10 1.03 -1.90
N CYS A 28 -3.40 1.34 -1.83
CA CYS A 28 -4.15 1.83 -2.97
C CYS A 28 -4.01 3.34 -3.10
N ASN A 29 -3.68 3.79 -4.31
CA ASN A 29 -3.51 5.22 -4.58
C ASN A 29 -4.87 5.90 -4.77
N LEU A 30 -4.98 7.13 -4.30
CA LEU A 30 -6.22 7.90 -4.41
C LEU A 30 -6.50 8.25 -5.87
N ALA A 31 -5.47 8.20 -6.69
CA ALA A 31 -5.60 8.51 -8.12
C ALA A 31 -6.72 7.70 -8.75
N SER A 32 -6.73 6.39 -8.48
CA SER A 32 -7.75 5.50 -9.03
C SER A 32 -8.57 4.87 -7.92
N GLY A 33 -7.96 4.72 -6.74
CA GLY A 33 -8.66 4.13 -5.62
C GLY A 33 -8.51 2.62 -5.57
N TYR A 34 -7.57 2.10 -6.35
CA TYR A 34 -7.33 0.67 -6.40
C TYR A 34 -6.03 0.30 -5.70
N TYR A 35 -5.97 -0.91 -5.15
CA TYR A 35 -4.79 -1.38 -4.44
C TYR A 35 -3.85 -2.12 -5.39
N GLU A 36 -4.01 -1.85 -6.69
CA GLU A 36 -3.17 -2.49 -7.70
C GLU A 36 -2.12 -1.52 -8.23
N GLN A 37 -2.08 -0.33 -7.65
CA GLN A 37 -1.13 0.69 -8.07
C GLN A 37 0.15 0.61 -7.24
N MET A 38 -0.01 0.46 -5.92
CA MET A 38 1.13 0.37 -5.02
C MET A 38 0.87 -0.65 -3.92
N GLN A 39 1.93 -1.08 -3.25
CA GLN A 39 1.82 -2.05 -2.17
C GLN A 39 2.86 -1.78 -1.09
N CYS A 40 2.43 -1.90 0.16
CA CYS A 40 3.32 -1.67 1.30
C CYS A 40 3.14 -2.75 2.37
N ASN A 41 4.25 -3.30 2.84
CA ASN A 41 4.20 -4.35 3.87
C ASN A 41 5.31 -4.15 4.90
N THR A 42 5.02 -4.50 6.14
CA THR A 42 5.99 -4.37 7.22
C THR A 42 7.33 -5.01 6.85
N GLN A 43 7.26 -6.10 6.10
CA GLN A 43 8.47 -6.81 5.68
C GLN A 43 9.18 -6.04 4.57
N GLN A 44 8.43 -5.59 3.58
CA GLN A 44 8.99 -4.85 2.45
C GLN A 44 7.91 -4.09 1.70
N HIS A 45 8.31 -3.36 0.67
CA HIS A 45 7.38 -2.59 -0.14
C HIS A 45 7.60 -2.85 -1.63
N TRP A 46 6.61 -2.47 -2.44
CA TRP A 46 6.70 -2.67 -3.89
C TRP A 46 5.52 -2.02 -4.60
N CYS A 47 5.69 -1.75 -5.89
CA CYS A 47 4.64 -1.13 -6.68
C CYS A 47 4.01 -2.13 -7.63
N VAL A 48 2.77 -1.85 -8.04
CA VAL A 48 2.06 -2.73 -8.95
C VAL A 48 1.27 -1.93 -9.99
N ASP A 49 0.61 -2.64 -10.90
CA ASP A 49 -0.17 -1.99 -11.95
C ASP A 49 -1.64 -2.39 -11.85
N PRO A 50 -2.53 -1.47 -12.23
CA PRO A 50 -3.98 -1.71 -12.20
C PRO A 50 -4.43 -2.72 -13.25
N GLU A 51 -3.61 -2.90 -14.27
CA GLU A 51 -3.92 -3.85 -15.35
C GLU A 51 -4.29 -5.21 -14.77
N SER A 52 -3.41 -5.76 -13.95
CA SER A 52 -3.63 -7.07 -13.35
C SER A 52 -3.36 -7.03 -11.85
N GLY A 53 -2.35 -6.25 -11.46
CA GLY A 53 -2.00 -6.12 -10.06
C GLY A 53 -0.70 -6.83 -9.73
N THR A 54 0.22 -6.86 -10.69
CA THR A 54 1.51 -7.51 -10.50
C THR A 54 2.62 -6.48 -10.31
N ALA A 55 3.76 -6.93 -9.79
CA ALA A 55 4.90 -6.05 -9.57
C ALA A 55 5.48 -5.56 -10.88
N LEU A 56 6.18 -4.43 -10.83
CA LEU A 56 6.79 -3.85 -12.02
C LEU A 56 8.30 -3.81 -11.91
N GLY A 57 8.79 -3.30 -10.79
CA GLY A 57 10.22 -3.22 -10.57
C GLY A 57 10.70 -4.13 -9.45
N GLU A 58 11.61 -3.63 -8.63
CA GLU A 58 12.14 -4.41 -7.52
C GLU A 58 11.36 -4.13 -6.23
N ARG A 59 11.88 -4.63 -5.11
CA ARG A 59 11.23 -4.43 -3.82
C ARG A 59 12.20 -3.81 -2.82
N ARG A 60 13.35 -4.45 -2.64
CA ARG A 60 14.37 -3.96 -1.71
C ARG A 60 14.68 -2.50 -1.97
N SER A 61 14.86 -1.74 -0.90
CA SER A 61 15.17 -0.32 -1.02
C SER A 61 15.35 0.31 0.36
N GLY A 62 14.29 0.30 1.15
CA GLY A 62 14.34 0.87 2.49
C GLY A 62 12.98 0.99 3.13
N GLY A 63 12.65 2.18 3.60
CA GLY A 63 11.36 2.39 4.25
C GLY A 63 10.20 1.93 3.38
N CYS A 64 9.00 1.90 3.96
CA CYS A 64 7.81 1.48 3.23
C CYS A 64 7.13 2.66 2.58
N THR A 65 6.85 3.69 3.36
CA THR A 65 6.18 4.88 2.86
C THR A 65 7.18 5.82 2.18
N GLU A 66 8.28 6.11 2.86
CA GLU A 66 9.31 6.99 2.33
C GLU A 66 9.77 6.51 0.95
N ALA A 67 9.96 5.20 0.83
CA ALA A 67 10.41 4.60 -0.43
C ALA A 67 9.26 4.54 -1.43
N ALA A 68 8.06 4.30 -0.94
CA ALA A 68 6.88 4.22 -1.79
C ALA A 68 6.66 5.51 -2.56
N ARG A 69 6.82 6.64 -1.87
CA ARG A 69 6.64 7.95 -2.48
C ARG A 69 7.89 8.38 -3.23
N ASP A 70 9.05 8.20 -2.59
CA ASP A 70 10.33 8.56 -3.20
C ASP A 70 10.54 7.82 -4.51
N HIS A 71 10.07 6.58 -4.56
CA HIS A 71 10.21 5.75 -5.76
C HIS A 71 8.97 5.87 -6.64
N CYS A 72 7.81 5.60 -6.07
CA CYS A 72 6.55 5.68 -6.80
C CYS A 72 5.77 6.93 -6.40
N LYS A 5 -13.52 0.14 -1.05
CA LYS A 5 -13.29 -0.84 0.00
C LYS A 5 -12.02 -0.52 0.78
N CYS A 6 -10.88 -0.56 0.09
CA CYS A 6 -9.59 -0.26 0.71
C CYS A 6 -9.61 1.13 1.35
N LEU A 7 -10.28 2.06 0.69
CA LEU A 7 -10.38 3.43 1.20
C LEU A 7 -11.14 3.49 2.51
N ALA A 8 -12.29 2.82 2.54
CA ALA A 8 -13.11 2.78 3.75
C ALA A 8 -12.38 2.11 4.90
N GLU A 9 -11.73 0.98 4.61
CA GLU A 9 -11.00 0.24 5.62
C GLU A 9 -9.78 1.04 6.11
N HIS A 10 -8.98 1.51 5.16
CA HIS A 10 -7.79 2.28 5.49
C HIS A 10 -8.14 3.47 6.37
N HIS A 11 -9.19 4.20 5.98
CA HIS A 11 -9.63 5.37 6.73
C HIS A 11 -10.26 4.96 8.06
N GLU A 12 -10.98 3.83 8.03
CA GLU A 12 -11.64 3.33 9.23
C GLU A 12 -10.63 3.11 10.36
N LYS A 13 -9.58 2.34 10.06
CA LYS A 13 -8.55 2.04 11.04
C LYS A 13 -7.67 3.27 11.28
N SER A 14 -7.42 4.03 10.22
CA SER A 14 -6.59 5.23 10.32
C SER A 14 -7.11 6.16 11.41
N LYS A 15 -8.39 6.48 11.33
CA LYS A 15 -9.02 7.37 12.31
C LYS A 15 -9.31 6.63 13.61
N SER A 16 -9.90 5.44 13.50
CA SER A 16 -10.23 4.63 14.66
C SER A 16 -9.07 3.71 15.03
N THR A 17 -8.39 4.05 16.13
CA THR A 17 -7.26 3.26 16.58
C THR A 17 -7.72 2.11 17.48
N HIS A 18 -7.30 0.89 17.13
CA HIS A 18 -7.67 -0.29 17.90
C HIS A 18 -6.90 -1.51 17.42
N SER A 19 -6.72 -1.62 16.10
CA SER A 19 -6.01 -2.74 15.51
C SER A 19 -4.64 -2.91 16.16
N GLN A 20 -4.31 -4.15 16.55
CA GLN A 20 -3.04 -4.43 17.19
C GLN A 20 -1.90 -4.39 16.16
N VAL A 21 -2.09 -5.05 15.03
CA VAL A 21 -1.09 -5.09 13.98
C VAL A 21 -1.68 -4.63 12.65
N GLY A 22 -0.80 -4.14 11.76
CA GLY A 22 -1.25 -3.67 10.47
C GLY A 22 -0.31 -4.06 9.35
N ASP A 23 0.04 -5.34 9.28
CA ASP A 23 0.94 -5.85 8.26
C ASP A 23 0.17 -6.60 7.18
N ASP A 24 -0.84 -5.95 6.62
CA ASP A 24 -1.66 -6.56 5.57
C ASP A 24 -2.51 -5.51 4.87
N ILE A 25 -1.88 -4.41 4.46
CA ILE A 25 -2.58 -3.34 3.77
C ILE A 25 -2.46 -3.48 2.27
N PRO A 26 -3.60 -3.38 1.57
CA PRO A 26 -3.64 -3.48 0.11
C PRO A 26 -3.00 -2.29 -0.58
N LYS A 27 -3.17 -1.11 0.00
CA LYS A 27 -2.60 0.11 -0.56
C LYS A 27 -3.20 0.41 -1.94
N CYS A 28 -4.07 1.41 -1.99
CA CYS A 28 -4.72 1.80 -3.25
C CYS A 28 -4.59 3.31 -3.47
N ASN A 29 -3.98 3.68 -4.59
CA ASN A 29 -3.80 5.09 -4.93
C ASN A 29 -5.14 5.76 -5.19
N LEU A 30 -5.36 6.89 -4.53
CA LEU A 30 -6.61 7.64 -4.70
C LEU A 30 -6.81 8.04 -6.15
N ALA A 31 -5.73 8.04 -6.92
CA ALA A 31 -5.80 8.40 -8.33
C ALA A 31 -6.87 7.60 -9.06
N SER A 32 -6.89 6.29 -8.82
CA SER A 32 -7.87 5.41 -9.45
C SER A 32 -8.78 4.76 -8.40
N GLY A 33 -8.25 4.61 -7.19
CA GLY A 33 -9.02 4.00 -6.11
C GLY A 33 -8.85 2.49 -6.07
N TYR A 34 -7.86 1.98 -6.79
CA TYR A 34 -7.60 0.55 -6.83
C TYR A 34 -6.33 0.20 -6.07
N TYR A 35 -6.29 -1.00 -5.52
CA TYR A 35 -5.13 -1.46 -4.76
C TYR A 35 -4.13 -2.17 -5.66
N GLU A 36 -4.23 -1.90 -6.96
CA GLU A 36 -3.32 -2.52 -7.93
C GLU A 36 -2.24 -1.55 -8.37
N GLN A 37 -2.23 -0.37 -7.76
CA GLN A 37 -1.24 0.66 -8.08
C GLN A 37 -0.03 0.55 -7.18
N MET A 38 -0.28 0.41 -5.88
CA MET A 38 0.81 0.28 -4.91
C MET A 38 0.52 -0.83 -3.92
N GLN A 39 1.57 -1.33 -3.26
CA GLN A 39 1.43 -2.40 -2.29
C GLN A 39 2.51 -2.30 -1.22
N CYS A 40 2.20 -1.59 -0.14
CA CYS A 40 3.14 -1.41 0.96
C CYS A 40 2.71 -2.24 2.18
N ASN A 41 3.69 -2.88 2.82
CA ASN A 41 3.41 -3.71 3.99
C ASN A 41 4.55 -3.59 5.01
N THR A 42 4.30 -4.09 6.21
CA THR A 42 5.30 -4.05 7.28
C THR A 42 6.52 -4.89 6.92
N GLN A 43 6.28 -6.02 6.26
CA GLN A 43 7.37 -6.91 5.86
C GLN A 43 8.18 -6.30 4.74
N GLN A 44 7.50 -5.75 3.75
CA GLN A 44 8.18 -5.13 2.61
C GLN A 44 7.24 -4.17 1.88
N HIS A 45 7.80 -3.38 0.97
CA HIS A 45 7.02 -2.41 0.21
C HIS A 45 7.31 -2.53 -1.28
N TRP A 46 6.26 -2.75 -2.07
CA TRP A 46 6.41 -2.89 -3.52
C TRP A 46 5.27 -2.18 -4.24
N CYS A 47 5.44 -1.99 -5.55
CA CYS A 47 4.43 -1.33 -6.36
C CYS A 47 3.81 -2.30 -7.37
N VAL A 48 2.66 -1.93 -7.92
CA VAL A 48 1.98 -2.77 -8.90
C VAL A 48 1.26 -1.92 -9.94
N ASP A 49 0.64 -2.59 -10.90
CA ASP A 49 -0.08 -1.88 -11.97
C ASP A 49 -1.55 -2.30 -11.99
N PRO A 50 -2.43 -1.37 -12.38
CA PRO A 50 -3.87 -1.61 -12.46
C PRO A 50 -4.24 -2.57 -13.58
N GLU A 51 -3.36 -2.70 -14.56
CA GLU A 51 -3.59 -3.59 -15.68
C GLU A 51 -3.98 -4.99 -15.21
N SER A 52 -3.14 -5.58 -14.36
CA SER A 52 -3.40 -6.90 -13.83
C SER A 52 -3.20 -6.94 -12.32
N GLY A 53 -2.22 -6.18 -11.84
CA GLY A 53 -1.94 -6.13 -10.42
C GLY A 53 -0.66 -6.85 -10.06
N THR A 54 0.32 -6.83 -10.97
CA THR A 54 1.59 -7.48 -10.75
C THR A 54 2.68 -6.47 -10.42
N ALA A 55 3.79 -6.95 -9.87
CA ALA A 55 4.90 -6.09 -9.52
C ALA A 55 5.57 -5.51 -10.76
N LEU A 56 6.19 -4.34 -10.61
CA LEU A 56 6.86 -3.68 -11.73
C LEU A 56 8.37 -3.65 -11.51
N GLY A 57 8.78 -3.36 -10.28
CA GLY A 57 10.20 -3.31 -9.95
C GLY A 57 10.62 -4.41 -9.01
N GLU A 58 11.52 -4.09 -8.09
CA GLU A 58 12.01 -5.06 -7.13
C GLU A 58 11.53 -4.74 -5.72
N ARG A 59 12.04 -5.45 -4.74
CA ARG A 59 11.65 -5.24 -3.35
C ARG A 59 12.81 -4.65 -2.54
N ARG A 60 12.47 -3.77 -1.60
CA ARG A 60 13.49 -3.13 -0.77
C ARG A 60 12.97 -2.92 0.65
N SER A 61 13.82 -2.37 1.51
CA SER A 61 13.45 -2.13 2.90
C SER A 61 13.41 -0.63 3.20
N GLY A 62 13.14 -0.28 4.45
CA GLY A 62 13.07 1.11 4.84
C GLY A 62 11.65 1.59 5.06
N GLY A 63 11.48 2.90 5.20
CA GLY A 63 10.17 3.46 5.41
C GLY A 63 9.17 3.01 4.37
N CYS A 64 7.89 3.17 4.67
CA CYS A 64 6.82 2.77 3.75
C CYS A 64 6.59 3.84 2.69
N THR A 65 6.01 4.96 3.11
CA THR A 65 5.73 6.05 2.18
C THR A 65 7.03 6.66 1.64
N GLU A 66 8.05 6.71 2.49
CA GLU A 66 9.34 7.27 2.08
C GLU A 66 9.88 6.55 0.85
N ALA A 67 9.94 5.22 0.92
CA ALA A 67 10.44 4.42 -0.19
C ALA A 67 9.39 4.30 -1.30
N ALA A 68 8.13 4.22 -0.89
CA ALA A 68 7.03 4.11 -1.84
C ALA A 68 6.97 5.32 -2.76
N ARG A 69 7.20 6.50 -2.21
CA ARG A 69 7.17 7.73 -2.98
C ARG A 69 8.51 7.97 -3.66
N ASP A 70 9.60 7.79 -2.92
CA ASP A 70 10.94 7.98 -3.46
C ASP A 70 11.16 7.11 -4.69
N HIS A 71 10.59 5.91 -4.68
CA HIS A 71 10.72 4.98 -5.81
C HIS A 71 9.53 5.10 -6.76
N CYS A 72 8.33 5.03 -6.19
CA CYS A 72 7.10 5.12 -6.98
C CYS A 72 6.34 6.39 -6.66
N LYS A 5 -13.11 -0.49 -2.07
CA LYS A 5 -13.02 -1.58 -1.10
C LYS A 5 -11.94 -1.29 -0.06
N CYS A 6 -10.73 -1.04 -0.52
CA CYS A 6 -9.61 -0.75 0.37
C CYS A 6 -9.90 0.50 1.22
N LEU A 7 -10.35 1.56 0.55
CA LEU A 7 -10.67 2.81 1.24
C LEU A 7 -11.78 2.60 2.27
N ALA A 8 -12.76 1.79 1.90
CA ALA A 8 -13.88 1.50 2.80
C ALA A 8 -13.41 0.71 4.02
N GLU A 9 -12.83 -0.46 3.78
CA GLU A 9 -12.34 -1.31 4.86
C GLU A 9 -11.33 -0.56 5.73
N HIS A 10 -10.32 0.02 5.09
CA HIS A 10 -9.29 0.77 5.79
C HIS A 10 -9.91 1.86 6.66
N HIS A 11 -10.68 2.74 6.04
CA HIS A 11 -11.32 3.83 6.76
C HIS A 11 -12.21 3.29 7.87
N GLU A 12 -12.85 2.16 7.62
CA GLU A 12 -13.73 1.55 8.61
C GLU A 12 -12.95 1.17 9.88
N LYS A 13 -11.81 0.52 9.68
CA LYS A 13 -10.97 0.11 10.81
C LYS A 13 -10.43 1.32 11.56
N SER A 14 -9.94 2.30 10.80
CA SER A 14 -9.39 3.51 11.39
C SER A 14 -10.46 4.30 12.14
N LYS A 15 -11.68 4.30 11.59
CA LYS A 15 -12.80 5.00 12.20
C LYS A 15 -13.19 4.35 13.52
N SER A 16 -13.34 3.03 13.50
CA SER A 16 -13.72 2.29 14.70
C SER A 16 -12.60 2.34 15.74
N THR A 17 -12.64 3.37 16.59
CA THR A 17 -11.64 3.53 17.63
C THR A 17 -10.30 3.95 17.04
N HIS A 18 -9.66 3.06 16.31
CA HIS A 18 -8.37 3.34 15.68
C HIS A 18 -7.89 2.16 14.85
N SER A 19 -7.08 2.44 13.85
CA SER A 19 -6.55 1.39 12.97
C SER A 19 -5.39 0.66 13.63
N GLN A 20 -4.24 1.32 13.68
CA GLN A 20 -3.05 0.74 14.29
C GLN A 20 -2.67 -0.56 13.59
N VAL A 21 -1.56 -1.15 14.01
CA VAL A 21 -1.08 -2.40 13.43
C VAL A 21 -0.99 -2.30 11.91
N GLY A 22 -0.08 -1.47 11.43
CA GLY A 22 0.09 -1.29 10.00
C GLY A 22 1.39 -1.89 9.49
N ASP A 23 1.28 -3.06 8.85
CA ASP A 23 2.45 -3.74 8.31
C ASP A 23 2.11 -4.48 7.02
N ASP A 24 0.96 -5.16 7.03
CA ASP A 24 0.51 -5.92 5.87
C ASP A 24 -0.76 -5.31 5.28
N ILE A 25 -0.78 -3.98 5.19
CA ILE A 25 -1.94 -3.28 4.64
C ILE A 25 -1.80 -3.08 3.14
N PRO A 26 -2.87 -3.38 2.40
CA PRO A 26 -2.90 -3.24 0.94
C PRO A 26 -2.89 -1.78 0.50
N LYS A 27 -1.70 -1.25 0.25
CA LYS A 27 -1.55 0.13 -0.18
C LYS A 27 -2.46 0.44 -1.37
N CYS A 28 -3.35 1.41 -1.19
CA CYS A 28 -4.27 1.80 -2.25
C CYS A 28 -4.33 3.31 -2.41
N ASN A 29 -4.20 3.79 -3.64
CA ASN A 29 -4.23 5.22 -3.91
C ASN A 29 -5.66 5.73 -3.92
N LEU A 30 -5.86 6.91 -3.33
CA LEU A 30 -7.19 7.52 -3.27
C LEU A 30 -7.66 7.94 -4.66
N ALA A 31 -6.72 8.07 -5.58
CA ALA A 31 -7.05 8.47 -6.95
C ALA A 31 -8.12 7.57 -7.54
N SER A 32 -7.97 6.27 -7.36
CA SER A 32 -8.94 5.30 -7.88
C SER A 32 -9.57 4.51 -6.74
N GLY A 33 -8.84 4.38 -5.64
CA GLY A 33 -9.36 3.65 -4.50
C GLY A 33 -9.04 2.16 -4.56
N TYR A 34 -8.07 1.81 -5.39
CA TYR A 34 -7.67 0.41 -5.55
C TYR A 34 -6.31 0.16 -4.90
N TYR A 35 -6.10 -1.06 -4.43
CA TYR A 35 -4.84 -1.43 -3.79
C TYR A 35 -3.85 -2.00 -4.81
N GLU A 36 -4.09 -1.69 -6.09
CA GLU A 36 -3.23 -2.17 -7.16
C GLU A 36 -2.26 -1.07 -7.60
N GLN A 37 -2.29 0.06 -6.91
CA GLN A 37 -1.42 1.18 -7.23
C GLN A 37 -0.06 1.03 -6.55
N MET A 38 -0.08 0.82 -5.24
CA MET A 38 1.15 0.67 -4.47
C MET A 38 1.03 -0.51 -3.50
N GLN A 39 2.17 -0.92 -2.94
CA GLN A 39 2.19 -2.03 -1.99
C GLN A 39 3.38 -1.91 -1.05
N CYS A 40 3.18 -1.25 0.08
CA CYS A 40 4.23 -1.07 1.07
C CYS A 40 3.95 -1.88 2.33
N ASN A 41 4.97 -2.57 2.81
CA ASN A 41 4.84 -3.40 4.01
C ASN A 41 6.06 -3.26 4.91
N THR A 42 5.97 -3.82 6.11
CA THR A 42 7.07 -3.75 7.07
C THR A 42 8.25 -4.61 6.62
N GLN A 43 7.94 -5.81 6.13
CA GLN A 43 8.97 -6.73 5.66
C GLN A 43 9.62 -6.21 4.38
N GLN A 44 8.79 -5.78 3.43
CA GLN A 44 9.28 -5.26 2.16
C GLN A 44 8.36 -4.17 1.63
N HIS A 45 8.74 -3.59 0.49
CA HIS A 45 7.94 -2.53 -0.12
C HIS A 45 8.07 -2.57 -1.64
N TRP A 46 7.02 -2.16 -2.33
CA TRP A 46 7.01 -2.15 -3.79
C TRP A 46 5.76 -1.49 -4.33
N CYS A 47 5.69 -1.32 -5.64
CA CYS A 47 4.54 -0.71 -6.28
C CYS A 47 3.87 -1.67 -7.26
N VAL A 48 2.66 -1.33 -7.68
CA VAL A 48 1.91 -2.16 -8.61
C VAL A 48 1.08 -1.31 -9.57
N ASP A 49 0.36 -1.97 -10.48
CA ASP A 49 -0.48 -1.28 -11.44
C ASP A 49 -1.91 -1.78 -11.37
N PRO A 50 -2.87 -0.87 -11.63
CA PRO A 50 -4.30 -1.20 -11.61
C PRO A 50 -4.71 -2.11 -12.76
N GLU A 51 -3.90 -2.12 -13.81
CA GLU A 51 -4.19 -2.94 -14.98
C GLU A 51 -4.46 -4.39 -14.56
N SER A 52 -3.53 -4.98 -13.83
CA SER A 52 -3.66 -6.35 -13.37
C SER A 52 -3.36 -6.47 -11.88
N GLY A 53 -2.41 -5.67 -11.41
CA GLY A 53 -2.04 -5.70 -10.02
C GLY A 53 -0.70 -6.37 -9.77
N THR A 54 0.21 -6.26 -10.74
CA THR A 54 1.53 -6.86 -10.64
C THR A 54 2.59 -5.81 -10.33
N ALA A 55 3.75 -6.27 -9.89
CA ALA A 55 4.86 -5.37 -9.55
C ALA A 55 5.40 -4.69 -10.80
N LEU A 56 6.02 -3.53 -10.62
CA LEU A 56 6.60 -2.79 -11.73
C LEU A 56 8.10 -2.62 -11.55
N GLY A 57 8.50 -2.12 -10.39
CA GLY A 57 9.91 -1.91 -10.12
C GLY A 57 10.57 -3.13 -9.50
N GLU A 58 11.33 -2.92 -8.44
CA GLU A 58 12.02 -4.01 -7.76
C GLU A 58 11.70 -4.01 -6.26
N ARG A 59 12.38 -4.87 -5.52
CA ARG A 59 12.16 -4.98 -4.08
C ARG A 59 13.49 -5.03 -3.34
N ARG A 60 13.44 -5.33 -2.05
CA ARG A 60 14.64 -5.40 -1.23
C ARG A 60 15.32 -4.04 -1.14
N SER A 61 14.98 -3.27 -0.11
CA SER A 61 15.57 -1.94 0.07
C SER A 61 15.33 -1.44 1.50
N GLY A 62 15.66 -0.18 1.73
CA GLY A 62 15.48 0.41 3.05
C GLY A 62 14.42 1.49 3.06
N GLY A 63 13.64 1.55 4.14
CA GLY A 63 12.59 2.54 4.25
C GLY A 63 11.41 2.23 3.37
N CYS A 64 10.23 2.10 3.98
CA CYS A 64 9.02 1.80 3.24
C CYS A 64 8.58 3.00 2.39
N THR A 65 8.31 4.12 3.05
CA THR A 65 7.89 5.33 2.37
C THR A 65 9.05 5.96 1.60
N GLU A 66 10.25 5.86 2.16
CA GLU A 66 11.44 6.42 1.53
C GLU A 66 11.61 5.86 0.11
N ALA A 67 11.58 4.53 0.00
CA ALA A 67 11.73 3.87 -1.28
C ALA A 67 10.46 3.97 -2.11
N ALA A 68 9.31 3.91 -1.44
CA ALA A 68 8.02 3.99 -2.10
C ALA A 68 7.85 5.33 -2.82
N ARG A 69 8.32 6.40 -2.18
CA ARG A 69 8.23 7.74 -2.76
C ARG A 69 9.39 7.99 -3.71
N ASP A 70 10.60 7.66 -3.27
CA ASP A 70 11.79 7.86 -4.09
C ASP A 70 11.65 7.16 -5.44
N HIS A 71 11.01 6.00 -5.44
CA HIS A 71 10.81 5.23 -6.65
C HIS A 71 9.45 5.54 -7.28
N CYS A 72 8.41 5.55 -6.45
CA CYS A 72 7.05 5.82 -6.91
C CYS A 72 6.49 7.05 -6.21
N LYS A 5 -13.83 -0.73 -2.02
CA LYS A 5 -13.74 -1.79 -1.03
C LYS A 5 -12.70 -1.44 0.04
N CYS A 6 -11.43 -1.40 -0.37
CA CYS A 6 -10.35 -1.09 0.55
C CYS A 6 -10.58 0.27 1.22
N LEU A 7 -11.14 1.20 0.47
CA LEU A 7 -11.42 2.54 0.99
C LEU A 7 -12.37 2.47 2.18
N ALA A 8 -13.43 1.69 2.04
CA ALA A 8 -14.42 1.53 3.10
C ALA A 8 -13.83 0.80 4.30
N GLU A 9 -13.17 -0.33 4.03
CA GLU A 9 -12.55 -1.12 5.09
C GLU A 9 -11.52 -0.30 5.85
N HIS A 10 -10.62 0.35 5.11
CA HIS A 10 -9.59 1.17 5.72
C HIS A 10 -10.20 2.33 6.51
N HIS A 11 -11.16 3.01 5.91
CA HIS A 11 -11.83 4.14 6.57
C HIS A 11 -12.38 3.73 7.93
N GLU A 12 -13.24 2.72 7.93
CA GLU A 12 -13.85 2.23 9.16
C GLU A 12 -12.78 1.78 10.15
N LYS A 13 -11.78 1.05 9.64
CA LYS A 13 -10.70 0.56 10.48
C LYS A 13 -9.96 1.71 11.15
N SER A 14 -9.73 2.78 10.39
CA SER A 14 -9.02 3.95 10.92
C SER A 14 -9.86 4.65 11.99
N LYS A 15 -11.12 4.91 11.67
CA LYS A 15 -12.03 5.57 12.61
C LYS A 15 -12.07 4.82 13.93
N SER A 16 -12.26 3.51 13.87
CA SER A 16 -12.32 2.68 15.07
C SER A 16 -11.24 1.62 15.05
N THR A 17 -10.01 2.01 15.40
CA THR A 17 -8.89 1.08 15.42
C THR A 17 -8.49 0.74 16.85
N HIS A 18 -8.02 1.74 17.59
CA HIS A 18 -7.60 1.54 18.96
C HIS A 18 -6.57 0.41 19.07
N SER A 19 -5.48 0.53 18.31
CA SER A 19 -4.44 -0.47 18.31
C SER A 19 -3.13 0.11 17.77
N GLN A 20 -2.09 -0.72 17.73
CA GLN A 20 -0.79 -0.29 17.23
C GLN A 20 -0.89 0.20 15.80
N VAL A 21 0.24 0.59 15.22
CA VAL A 21 0.28 1.08 13.85
C VAL A 21 -0.41 0.11 12.91
N GLY A 22 -0.62 0.54 11.66
CA GLY A 22 -1.26 -0.30 10.68
C GLY A 22 -0.30 -1.25 10.00
N ASP A 23 -0.81 -2.39 9.55
CA ASP A 23 0.02 -3.38 8.87
C ASP A 23 -0.82 -4.52 8.34
N ASP A 24 -2.03 -4.20 7.87
CA ASP A 24 -2.94 -5.20 7.33
C ASP A 24 -4.00 -4.56 6.44
N ILE A 25 -3.58 -3.52 5.71
CA ILE A 25 -4.48 -2.82 4.81
C ILE A 25 -3.95 -2.80 3.38
N PRO A 26 -4.82 -3.13 2.41
CA PRO A 26 -4.45 -3.15 1.00
C PRO A 26 -4.20 -1.76 0.44
N LYS A 27 -2.94 -1.37 0.38
CA LYS A 27 -2.56 -0.06 -0.13
C LYS A 27 -3.21 0.20 -1.50
N CYS A 28 -4.16 1.13 -1.54
CA CYS A 28 -4.84 1.46 -2.78
C CYS A 28 -4.96 2.98 -2.94
N ASN A 29 -4.36 3.50 -4.00
CA ASN A 29 -4.39 4.94 -4.27
C ASN A 29 -5.83 5.46 -4.25
N LEU A 30 -6.04 6.56 -3.57
CA LEU A 30 -7.37 7.17 -3.47
C LEU A 30 -7.81 7.73 -4.83
N ALA A 31 -6.84 7.97 -5.70
CA ALA A 31 -7.13 8.50 -7.02
C ALA A 31 -8.18 7.65 -7.75
N SER A 32 -7.99 6.33 -7.72
CA SER A 32 -8.91 5.42 -8.36
C SER A 32 -9.56 4.49 -7.35
N GLY A 33 -8.85 4.23 -6.25
CA GLY A 33 -9.38 3.37 -5.22
C GLY A 33 -9.02 1.91 -5.43
N TYR A 34 -7.96 1.67 -6.20
CA TYR A 34 -7.49 0.33 -6.49
C TYR A 34 -6.19 0.02 -5.76
N TYR A 35 -6.03 -1.22 -5.35
CA TYR A 35 -4.83 -1.64 -4.64
C TYR A 35 -3.77 -2.16 -5.62
N GLU A 36 -3.89 -1.76 -6.88
CA GLU A 36 -2.95 -2.18 -7.90
C GLU A 36 -1.94 -1.07 -8.21
N GLN A 37 -2.04 0.03 -7.46
CA GLN A 37 -1.15 1.16 -7.66
C GLN A 37 0.12 1.01 -6.81
N MET A 38 -0.05 1.05 -5.49
CA MET A 38 1.07 0.91 -4.57
C MET A 38 0.81 -0.18 -3.54
N GLN A 39 1.87 -0.86 -3.13
CA GLN A 39 1.75 -1.93 -2.15
C GLN A 39 2.86 -1.85 -1.10
N CYS A 40 2.59 -1.13 -0.03
CA CYS A 40 3.57 -0.96 1.05
C CYS A 40 3.09 -1.64 2.32
N ASN A 41 3.99 -2.41 2.94
CA ASN A 41 3.65 -3.12 4.17
C ASN A 41 4.87 -3.20 5.09
N THR A 42 4.64 -3.60 6.35
CA THR A 42 5.71 -3.71 7.33
C THR A 42 6.70 -4.79 6.94
N GLN A 43 6.19 -5.87 6.34
CA GLN A 43 7.04 -6.98 5.92
C GLN A 43 7.87 -6.59 4.70
N GLN A 44 7.23 -5.97 3.72
CA GLN A 44 7.91 -5.55 2.50
C GLN A 44 7.14 -4.43 1.81
N HIS A 45 7.76 -3.84 0.79
CA HIS A 45 7.14 -2.75 0.04
C HIS A 45 7.47 -2.86 -1.45
N TRP A 46 6.49 -2.54 -2.29
CA TRP A 46 6.67 -2.59 -3.73
C TRP A 46 5.60 -1.79 -4.45
N CYS A 47 5.84 -1.51 -5.73
CA CYS A 47 4.88 -0.75 -6.53
C CYS A 47 4.28 -1.61 -7.62
N VAL A 48 2.99 -1.40 -7.91
CA VAL A 48 2.30 -2.16 -8.93
C VAL A 48 1.55 -1.24 -9.90
N ASP A 49 0.89 -1.83 -10.89
CA ASP A 49 0.15 -1.06 -11.87
C ASP A 49 -1.30 -1.55 -11.95
N PRO A 50 -2.22 -0.61 -12.24
CA PRO A 50 -3.65 -0.92 -12.35
C PRO A 50 -3.97 -1.76 -13.58
N GLU A 51 -3.08 -1.72 -14.57
CA GLU A 51 -3.26 -2.48 -15.80
C GLU A 51 -3.58 -3.93 -15.51
N SER A 52 -2.72 -4.57 -14.72
CA SER A 52 -2.90 -5.97 -14.37
C SER A 52 -2.72 -6.18 -12.87
N GLY A 53 -1.79 -5.43 -12.28
CA GLY A 53 -1.53 -5.55 -10.85
C GLY A 53 -0.22 -6.24 -10.56
N THR A 54 0.76 -6.08 -11.45
CA THR A 54 2.05 -6.70 -11.28
C THR A 54 3.09 -5.69 -10.80
N ALA A 55 4.16 -6.20 -10.19
CA ALA A 55 5.22 -5.34 -9.68
C ALA A 55 5.93 -4.60 -10.81
N LEU A 56 6.49 -3.44 -10.50
CA LEU A 56 7.19 -2.64 -11.51
C LEU A 56 8.69 -2.61 -11.21
N GLY A 57 9.21 -3.69 -10.63
CA GLY A 57 10.61 -3.76 -10.31
C GLY A 57 10.91 -4.77 -9.21
N GLU A 58 11.81 -4.40 -8.31
CA GLU A 58 12.19 -5.28 -7.20
C GLU A 58 11.56 -4.81 -5.89
N ARG A 59 11.98 -5.41 -4.79
CA ARG A 59 11.46 -5.05 -3.47
C ARG A 59 12.41 -4.09 -2.76
N ARG A 60 13.60 -4.58 -2.44
CA ARG A 60 14.60 -3.76 -1.76
C ARG A 60 14.11 -3.35 -0.38
N SER A 61 15.00 -2.78 0.42
CA SER A 61 14.65 -2.35 1.77
C SER A 61 14.93 -0.85 1.94
N GLY A 62 14.39 -0.28 3.01
CA GLY A 62 14.59 1.14 3.29
C GLY A 62 13.29 1.87 3.54
N GLY A 63 12.77 1.74 4.76
CA GLY A 63 11.53 2.40 5.11
C GLY A 63 10.40 2.06 4.15
N CYS A 64 9.25 2.69 4.34
CA CYS A 64 8.09 2.45 3.49
C CYS A 64 8.01 3.50 2.38
N THR A 65 7.63 4.71 2.75
CA THR A 65 7.51 5.80 1.79
C THR A 65 8.86 6.13 1.17
N GLU A 66 9.92 6.02 1.96
CA GLU A 66 11.27 6.31 1.49
C GLU A 66 11.58 5.51 0.22
N ALA A 67 11.47 4.19 0.32
CA ALA A 67 11.73 3.31 -0.82
C ALA A 67 10.58 3.35 -1.82
N ALA A 68 9.36 3.46 -1.30
CA ALA A 68 8.17 3.51 -2.16
C ALA A 68 8.25 4.67 -3.15
N ARG A 69 8.70 5.81 -2.67
CA ARG A 69 8.83 7.00 -3.51
C ARG A 69 10.14 6.98 -4.28
N ASP A 70 11.23 6.68 -3.58
CA ASP A 70 12.55 6.63 -4.19
C ASP A 70 12.55 5.72 -5.43
N HIS A 71 11.77 4.64 -5.36
CA HIS A 71 11.69 3.70 -6.47
C HIS A 71 10.45 3.99 -7.32
N CYS A 72 9.34 4.31 -6.67
CA CYS A 72 8.10 4.61 -7.37
C CYS A 72 7.64 6.03 -7.08
N LYS A 5 -13.78 0.31 -0.92
CA LYS A 5 -13.53 -0.83 -0.03
C LYS A 5 -12.35 -0.54 0.90
N CYS A 6 -11.15 -0.58 0.35
CA CYS A 6 -9.94 -0.32 1.13
C CYS A 6 -10.02 1.04 1.82
N LEU A 7 -10.63 2.01 1.13
CA LEU A 7 -10.77 3.35 1.68
C LEU A 7 -11.68 3.35 2.90
N ALA A 8 -12.80 2.64 2.79
CA ALA A 8 -13.75 2.56 3.89
C ALA A 8 -13.19 1.76 5.06
N GLU A 9 -12.54 0.64 4.76
CA GLU A 9 -11.95 -0.20 5.79
C GLU A 9 -10.78 0.52 6.47
N HIS A 10 -9.87 1.05 5.66
CA HIS A 10 -8.71 1.76 6.19
C HIS A 10 -9.14 2.96 7.03
N HIS A 11 -10.03 3.78 6.47
CA HIS A 11 -10.52 4.97 7.17
C HIS A 11 -11.24 4.57 8.46
N GLU A 12 -12.17 3.65 8.36
CA GLU A 12 -12.92 3.18 9.52
C GLU A 12 -11.99 2.66 10.60
N LYS A 13 -11.01 1.85 10.18
CA LYS A 13 -10.04 1.28 11.12
C LYS A 13 -9.25 2.37 11.83
N SER A 14 -8.80 3.36 11.06
CA SER A 14 -8.02 4.47 11.62
C SER A 14 -8.88 5.31 12.54
N LYS A 15 -10.15 5.47 12.18
CA LYS A 15 -11.08 6.27 12.99
C LYS A 15 -11.50 5.50 14.24
N SER A 16 -12.36 4.50 14.06
CA SER A 16 -12.84 3.70 15.17
C SER A 16 -12.18 2.33 15.18
N THR A 17 -12.28 1.63 16.30
CA THR A 17 -11.69 0.31 16.44
C THR A 17 -10.22 0.32 16.06
N HIS A 18 -9.40 0.97 16.88
CA HIS A 18 -7.98 1.05 16.62
C HIS A 18 -7.25 -0.19 17.15
N SER A 19 -6.63 -0.93 16.24
CA SER A 19 -5.92 -2.15 16.61
C SER A 19 -4.62 -2.26 15.83
N GLN A 20 -3.95 -3.41 15.95
CA GLN A 20 -2.69 -3.65 15.26
C GLN A 20 -2.85 -3.42 13.75
N VAL A 21 -1.79 -2.92 13.13
CA VAL A 21 -1.80 -2.66 11.69
C VAL A 21 -1.74 -3.94 10.89
N GLY A 22 -0.88 -4.87 11.32
CA GLY A 22 -0.75 -6.13 10.64
C GLY A 22 0.51 -6.21 9.79
N ASP A 23 0.53 -7.11 8.83
CA ASP A 23 1.67 -7.28 7.95
C ASP A 23 1.22 -7.52 6.51
N ASP A 24 0.15 -6.85 6.11
CA ASP A 24 -0.38 -6.99 4.77
C ASP A 24 -1.61 -6.11 4.56
N ILE A 25 -1.38 -4.85 4.19
CA ILE A 25 -2.47 -3.91 3.97
C ILE A 25 -2.45 -3.37 2.54
N PRO A 26 -3.62 -3.36 1.90
CA PRO A 26 -3.76 -2.87 0.53
C PRO A 26 -3.59 -1.35 0.43
N LYS A 27 -2.38 -0.91 0.10
CA LYS A 27 -2.09 0.50 -0.03
C LYS A 27 -2.67 1.07 -1.32
N CYS A 28 -3.99 1.17 -1.37
CA CYS A 28 -4.68 1.69 -2.55
C CYS A 28 -4.54 3.22 -2.62
N ASN A 29 -4.14 3.71 -3.79
CA ASN A 29 -3.98 5.15 -4.00
C ASN A 29 -5.31 5.83 -4.23
N LEU A 30 -5.46 7.05 -3.72
CA LEU A 30 -6.69 7.81 -3.87
C LEU A 30 -6.91 8.20 -5.34
N ALA A 31 -5.83 8.18 -6.11
CA ALA A 31 -5.91 8.54 -7.52
C ALA A 31 -6.98 7.74 -8.24
N SER A 32 -6.99 6.43 -8.01
CA SER A 32 -7.97 5.56 -8.64
C SER A 32 -8.85 4.89 -7.59
N GLY A 33 -8.30 4.70 -6.39
CA GLY A 33 -9.04 4.07 -5.32
C GLY A 33 -8.89 2.57 -5.32
N TYR A 34 -7.92 2.07 -6.07
CA TYR A 34 -7.67 0.64 -6.16
C TYR A 34 -6.39 0.26 -5.43
N TYR A 35 -6.34 -0.97 -4.92
CA TYR A 35 -5.18 -1.46 -4.19
C TYR A 35 -4.20 -2.14 -5.14
N GLU A 36 -4.31 -1.83 -6.43
CA GLU A 36 -3.43 -2.42 -7.43
C GLU A 36 -2.39 -1.40 -7.91
N GLN A 37 -2.40 -0.22 -7.30
CA GLN A 37 -1.47 0.83 -7.66
C GLN A 37 -0.20 0.75 -6.82
N MET A 38 -0.37 0.63 -5.51
CA MET A 38 0.76 0.55 -4.59
C MET A 38 0.46 -0.44 -3.46
N GLN A 39 1.53 -1.00 -2.89
CA GLN A 39 1.38 -1.96 -1.80
C GLN A 39 2.61 -1.95 -0.89
N CYS A 40 2.52 -1.22 0.21
CA CYS A 40 3.63 -1.12 1.15
C CYS A 40 3.36 -1.97 2.39
N ASN A 41 4.40 -2.66 2.87
CA ASN A 41 4.27 -3.50 4.05
C ASN A 41 5.35 -3.16 5.08
N THR A 42 5.22 -3.74 6.27
CA THR A 42 6.18 -3.50 7.34
C THR A 42 7.54 -4.10 7.02
N GLN A 43 7.52 -5.33 6.50
CA GLN A 43 8.75 -6.02 6.14
C GLN A 43 9.40 -5.40 4.91
N GLN A 44 8.57 -4.95 3.98
CA GLN A 44 9.05 -4.33 2.74
C GLN A 44 7.91 -3.65 1.99
N HIS A 45 8.27 -2.76 1.07
CA HIS A 45 7.28 -2.03 0.28
C HIS A 45 7.47 -2.32 -1.21
N TRP A 46 6.38 -2.27 -1.96
CA TRP A 46 6.42 -2.51 -3.40
C TRP A 46 5.26 -1.84 -4.11
N CYS A 47 5.40 -1.64 -5.41
CA CYS A 47 4.36 -1.01 -6.21
C CYS A 47 3.74 -2.00 -7.18
N VAL A 48 2.51 -1.71 -7.62
CA VAL A 48 1.81 -2.58 -8.55
C VAL A 48 1.05 -1.76 -9.60
N ASP A 49 0.41 -2.45 -10.53
CA ASP A 49 -0.36 -1.79 -11.58
C ASP A 49 -1.82 -2.22 -11.54
N PRO A 50 -2.72 -1.30 -11.92
CA PRO A 50 -4.16 -1.56 -11.93
C PRO A 50 -4.57 -2.54 -13.03
N GLU A 51 -3.71 -2.67 -14.04
CA GLU A 51 -3.98 -3.57 -15.15
C GLU A 51 -4.34 -4.97 -14.65
N SER A 52 -3.46 -5.53 -13.81
CA SER A 52 -3.69 -6.87 -13.26
C SER A 52 -3.46 -6.87 -11.75
N GLY A 53 -2.49 -6.08 -11.31
CA GLY A 53 -2.19 -6.01 -9.89
C GLY A 53 -0.89 -6.71 -9.54
N THR A 54 0.06 -6.71 -10.46
CA THR A 54 1.35 -7.35 -10.24
C THR A 54 2.44 -6.32 -9.97
N ALA A 55 3.56 -6.78 -9.43
CA ALA A 55 4.68 -5.91 -9.11
C ALA A 55 5.33 -5.37 -10.39
N LEU A 56 6.03 -4.26 -10.26
CA LEU A 56 6.70 -3.64 -11.41
C LEU A 56 8.22 -3.57 -11.18
N GLY A 57 8.61 -3.22 -9.96
CA GLY A 57 10.02 -3.12 -9.63
C GLY A 57 10.46 -4.18 -8.64
N GLU A 58 11.32 -3.80 -7.71
CA GLU A 58 11.82 -4.72 -6.70
C GLU A 58 11.24 -4.40 -5.33
N ARG A 59 11.76 -5.06 -4.30
CA ARG A 59 11.30 -4.84 -2.93
C ARG A 59 12.47 -4.85 -1.96
N ARG A 60 13.10 -3.69 -1.77
CA ARG A 60 14.24 -3.57 -0.86
C ARG A 60 14.76 -2.14 -0.84
N SER A 61 14.67 -1.51 0.32
CA SER A 61 15.14 -0.14 0.48
C SER A 61 14.96 0.34 1.93
N GLY A 62 15.14 1.63 2.15
CA GLY A 62 15.00 2.19 3.48
C GLY A 62 13.56 2.25 3.93
N GLY A 63 13.09 3.45 4.24
CA GLY A 63 11.72 3.62 4.68
C GLY A 63 10.72 3.15 3.65
N CYS A 64 9.44 3.44 3.89
CA CYS A 64 8.37 3.04 2.98
C CYS A 64 8.13 4.12 1.93
N THR A 65 7.51 5.22 2.34
CA THR A 65 7.21 6.31 1.43
C THR A 65 8.49 6.92 0.85
N GLU A 66 9.55 6.92 1.66
CA GLU A 66 10.83 7.47 1.23
C GLU A 66 11.28 6.82 -0.09
N ALA A 67 11.44 5.50 -0.06
CA ALA A 67 11.85 4.76 -1.25
C ALA A 67 10.71 4.64 -2.25
N ALA A 68 9.49 4.50 -1.74
CA ALA A 68 8.32 4.37 -2.59
C ALA A 68 8.19 5.57 -3.53
N ARG A 69 8.41 6.76 -2.99
CA ARG A 69 8.32 7.99 -3.78
C ARG A 69 9.62 8.27 -4.52
N ASP A 70 10.74 8.00 -3.85
CA ASP A 70 12.06 8.22 -4.44
C ASP A 70 12.24 7.36 -5.69
N HIS A 71 11.75 6.13 -5.64
CA HIS A 71 11.86 5.22 -6.77
C HIS A 71 11.13 3.91 -6.47
N CYS A 72 9.92 4.01 -5.93
CA CYS A 72 9.13 2.84 -5.61
C CYS A 72 9.85 1.94 -4.61
N LYS A 5 -13.79 -0.20 -1.13
CA LYS A 5 -13.60 -1.12 -0.01
C LYS A 5 -12.43 -0.68 0.86
N CYS A 6 -11.23 -0.72 0.29
CA CYS A 6 -10.03 -0.32 1.02
C CYS A 6 -10.20 1.08 1.63
N LEU A 7 -10.89 1.95 0.92
CA LEU A 7 -11.13 3.31 1.38
C LEU A 7 -11.87 3.30 2.72
N ALA A 8 -12.96 2.55 2.78
CA ALA A 8 -13.75 2.45 4.00
C ALA A 8 -13.01 1.65 5.07
N GLU A 9 -12.44 0.53 4.67
CA GLU A 9 -11.70 -0.32 5.60
C GLU A 9 -10.57 0.45 6.28
N HIS A 10 -9.75 1.12 5.47
CA HIS A 10 -8.64 1.90 5.98
C HIS A 10 -9.14 3.09 6.79
N HIS A 11 -10.00 3.89 6.19
CA HIS A 11 -10.55 5.07 6.85
C HIS A 11 -11.18 4.69 8.19
N GLU A 12 -11.79 3.51 8.25
CA GLU A 12 -12.42 3.04 9.47
C GLU A 12 -11.37 2.60 10.49
N LYS A 13 -10.42 1.80 10.03
CA LYS A 13 -9.35 1.30 10.90
C LYS A 13 -8.58 2.46 11.53
N SER A 14 -8.40 3.53 10.78
CA SER A 14 -7.68 4.70 11.27
C SER A 14 -8.58 5.55 12.17
N LYS A 15 -9.79 5.83 11.70
CA LYS A 15 -10.74 6.63 12.46
C LYS A 15 -11.01 5.99 13.82
N SER A 16 -11.53 4.77 13.81
CA SER A 16 -11.84 4.06 15.04
C SER A 16 -10.58 3.46 15.65
N THR A 17 -10.76 2.62 16.68
CA THR A 17 -9.64 1.99 17.35
C THR A 17 -9.50 0.53 16.93
N HIS A 18 -8.26 0.04 16.90
CA HIS A 18 -8.00 -1.34 16.52
C HIS A 18 -6.60 -1.76 16.96
N SER A 19 -6.33 -3.06 16.87
CA SER A 19 -5.03 -3.60 17.28
C SER A 19 -4.59 -4.72 16.34
N GLN A 20 -3.38 -5.22 16.55
CA GLN A 20 -2.85 -6.29 15.72
C GLN A 20 -2.95 -5.94 14.23
N VAL A 21 -2.15 -4.97 13.80
CA VAL A 21 -2.15 -4.54 12.41
C VAL A 21 -0.73 -4.40 11.88
N GLY A 22 -0.31 -5.36 11.06
CA GLY A 22 1.03 -5.32 10.49
C GLY A 22 1.19 -6.28 9.32
N ASP A 23 0.22 -6.27 8.41
CA ASP A 23 0.27 -7.15 7.26
C ASP A 23 0.27 -6.34 5.96
N ASP A 24 0.22 -7.04 4.83
CA ASP A 24 0.23 -6.38 3.53
C ASP A 24 -1.07 -5.59 3.31
N ILE A 25 -1.07 -4.33 3.75
CA ILE A 25 -2.24 -3.48 3.60
C ILE A 25 -2.35 -2.93 2.19
N PRO A 26 -3.55 -3.01 1.61
CA PRO A 26 -3.81 -2.52 0.25
C PRO A 26 -3.76 -1.00 0.17
N LYS A 27 -2.58 -0.47 -0.15
CA LYS A 27 -2.40 0.98 -0.26
C LYS A 27 -3.01 1.50 -1.57
N CYS A 28 -4.34 1.48 -1.65
CA CYS A 28 -5.04 1.95 -2.84
C CYS A 28 -4.97 3.47 -2.94
N ASN A 29 -4.54 3.97 -4.10
CA ASN A 29 -4.44 5.40 -4.32
C ASN A 29 -5.79 5.99 -4.72
N LEU A 30 -6.13 7.13 -4.12
CA LEU A 30 -7.39 7.81 -4.41
C LEU A 30 -7.50 8.14 -5.89
N ALA A 31 -6.37 8.17 -6.59
CA ALA A 31 -6.35 8.47 -8.00
C ALA A 31 -7.32 7.59 -8.77
N SER A 32 -7.29 6.28 -8.49
CA SER A 32 -8.17 5.33 -9.15
C SER A 32 -9.11 4.67 -8.14
N GLY A 33 -8.67 4.58 -6.90
CA GLY A 33 -9.47 3.96 -5.86
C GLY A 33 -9.24 2.47 -5.75
N TYR A 34 -8.24 1.98 -6.47
CA TYR A 34 -7.91 0.55 -6.46
C TYR A 34 -6.63 0.29 -5.68
N TYR A 35 -6.50 -0.91 -5.14
CA TYR A 35 -5.33 -1.28 -4.37
C TYR A 35 -4.27 -1.92 -5.27
N GLU A 36 -4.37 -1.66 -6.56
CA GLU A 36 -3.43 -2.20 -7.53
C GLU A 36 -2.42 -1.15 -7.97
N GLN A 37 -2.50 0.03 -7.35
CA GLN A 37 -1.60 1.12 -7.67
C GLN A 37 -0.31 1.01 -6.87
N MET A 38 -0.41 1.16 -5.56
CA MET A 38 0.75 1.06 -4.68
C MET A 38 0.46 0.17 -3.48
N GLN A 39 1.52 -0.34 -2.86
CA GLN A 39 1.38 -1.21 -1.70
C GLN A 39 2.52 -1.00 -0.71
N CYS A 40 2.33 -0.08 0.22
CA CYS A 40 3.34 0.22 1.22
C CYS A 40 2.92 -0.28 2.60
N ASN A 41 3.84 -0.94 3.30
CA ASN A 41 3.57 -1.47 4.63
C ASN A 41 4.81 -1.38 5.51
N THR A 42 4.60 -1.54 6.82
CA THR A 42 5.70 -1.47 7.78
C THR A 42 6.70 -2.59 7.54
N GLN A 43 6.19 -3.78 7.21
CA GLN A 43 7.04 -4.93 6.97
C GLN A 43 7.83 -4.76 5.68
N GLN A 44 7.15 -4.34 4.62
CA GLN A 44 7.79 -4.13 3.33
C GLN A 44 7.02 -3.11 2.50
N HIS A 45 7.59 -2.72 1.37
CA HIS A 45 6.96 -1.75 0.47
C HIS A 45 7.18 -2.12 -0.99
N TRP A 46 6.12 -2.03 -1.79
CA TRP A 46 6.21 -2.36 -3.21
C TRP A 46 5.11 -1.64 -3.99
N CYS A 47 5.27 -1.59 -5.31
CA CYS A 47 4.30 -0.94 -6.17
C CYS A 47 3.65 -1.96 -7.12
N VAL A 48 2.49 -1.60 -7.65
CA VAL A 48 1.77 -2.47 -8.57
C VAL A 48 1.05 -1.67 -9.65
N ASP A 49 0.36 -2.37 -10.53
CA ASP A 49 -0.38 -1.71 -11.61
C ASP A 49 -1.83 -2.20 -11.64
N PRO A 50 -2.74 -1.29 -12.03
CA PRO A 50 -4.17 -1.59 -12.11
C PRO A 50 -4.50 -2.55 -13.25
N GLU A 51 -3.60 -2.62 -14.23
CA GLU A 51 -3.79 -3.50 -15.38
C GLU A 51 -4.14 -4.92 -14.94
N SER A 52 -3.28 -5.49 -14.08
CA SER A 52 -3.49 -6.83 -13.58
C SER A 52 -3.32 -6.88 -12.07
N GLY A 53 -2.40 -6.08 -11.55
CA GLY A 53 -2.16 -6.05 -10.12
C GLY A 53 -0.87 -6.74 -9.73
N THR A 54 0.12 -6.68 -10.61
CA THR A 54 1.41 -7.30 -10.36
C THR A 54 2.47 -6.28 -10.02
N ALA A 55 3.59 -6.73 -9.46
CA ALA A 55 4.67 -5.83 -9.08
C ALA A 55 5.37 -5.27 -10.31
N LEU A 56 6.01 -4.11 -10.15
CA LEU A 56 6.71 -3.47 -11.26
C LEU A 56 8.20 -3.35 -10.95
N GLY A 57 8.72 -4.31 -10.20
CA GLY A 57 10.13 -4.29 -9.86
C GLY A 57 10.40 -4.89 -8.49
N GLU A 58 11.49 -4.45 -7.84
CA GLU A 58 11.85 -4.94 -6.53
C GLU A 58 10.94 -4.35 -5.45
N ARG A 59 11.22 -4.68 -4.20
CA ARG A 59 10.43 -4.19 -3.08
C ARG A 59 11.33 -3.65 -1.97
N ARG A 60 12.06 -4.54 -1.32
CA ARG A 60 12.96 -4.15 -0.25
C ARG A 60 13.91 -3.04 -0.70
N SER A 61 14.29 -2.18 0.25
CA SER A 61 15.19 -1.08 -0.06
C SER A 61 15.49 -0.26 1.20
N GLY A 62 14.50 0.51 1.65
CA GLY A 62 14.68 1.32 2.84
C GLY A 62 13.36 1.86 3.36
N GLY A 63 13.21 3.17 3.32
CA GLY A 63 11.99 3.80 3.81
C GLY A 63 10.78 3.45 2.96
N CYS A 64 9.63 3.27 3.61
CA CYS A 64 8.40 2.93 2.90
C CYS A 64 8.15 3.91 1.76
N THR A 65 7.89 5.17 2.12
CA THR A 65 7.63 6.21 1.14
C THR A 65 8.92 6.69 0.48
N GLU A 66 9.99 6.73 1.26
CA GLU A 66 11.29 7.17 0.75
C GLU A 66 11.69 6.38 -0.49
N ALA A 67 11.68 5.06 -0.37
CA ALA A 67 12.03 4.19 -1.48
C ALA A 67 10.91 4.12 -2.51
N ALA A 68 9.67 4.16 -2.03
CA ALA A 68 8.51 4.11 -2.90
C ALA A 68 8.54 5.24 -3.92
N ARG A 69 8.87 6.44 -3.47
CA ARG A 69 8.93 7.60 -4.34
C ARG A 69 10.27 7.66 -5.07
N ASP A 70 11.34 7.38 -4.34
CA ASP A 70 12.69 7.41 -4.91
C ASP A 70 12.79 6.44 -6.09
N HIS A 71 12.19 5.27 -5.94
CA HIS A 71 12.21 4.26 -6.98
C HIS A 71 11.37 3.05 -6.59
N CYS A 72 10.14 3.30 -6.16
CA CYS A 72 9.24 2.24 -5.75
C CYS A 72 9.86 1.39 -4.64
N LYS A 5 -13.99 0.95 -1.75
CA LYS A 5 -13.82 -0.12 -0.78
C LYS A 5 -12.57 0.09 0.06
N CYS A 6 -11.41 0.06 -0.61
CA CYS A 6 -10.14 0.25 0.06
C CYS A 6 -10.12 1.56 0.85
N LEU A 7 -10.56 2.64 0.20
CA LEU A 7 -10.61 3.95 0.84
C LEU A 7 -11.49 3.93 2.07
N ALA A 8 -12.69 3.36 1.93
CA ALA A 8 -13.64 3.28 3.03
C ALA A 8 -13.04 2.52 4.21
N GLU A 9 -12.48 1.35 3.93
CA GLU A 9 -11.86 0.52 4.97
C GLU A 9 -10.69 1.26 5.63
N HIS A 10 -9.78 1.75 4.79
CA HIS A 10 -8.61 2.47 5.29
C HIS A 10 -9.02 3.60 6.24
N HIS A 11 -9.94 4.45 5.77
CA HIS A 11 -10.41 5.56 6.56
C HIS A 11 -11.06 5.07 7.86
N GLU A 12 -11.95 4.09 7.74
CA GLU A 12 -12.64 3.54 8.89
C GLU A 12 -11.64 3.03 9.93
N LYS A 13 -10.65 2.27 9.47
CA LYS A 13 -9.63 1.73 10.36
C LYS A 13 -8.85 2.84 11.05
N SER A 14 -8.45 3.85 10.27
CA SER A 14 -7.70 4.97 10.81
C SER A 14 -8.48 5.67 11.92
N LYS A 15 -9.78 5.83 11.70
CA LYS A 15 -10.65 6.49 12.67
C LYS A 15 -10.81 5.62 13.92
N SER A 16 -10.93 4.32 13.71
CA SER A 16 -11.08 3.39 14.83
C SER A 16 -10.64 1.99 14.43
N THR A 17 -9.57 1.50 15.06
CA THR A 17 -9.05 0.18 14.77
C THR A 17 -8.84 -0.63 16.05
N HIS A 18 -8.34 0.03 17.08
CA HIS A 18 -8.10 -0.62 18.36
C HIS A 18 -7.18 -1.83 18.20
N SER A 19 -5.96 -1.57 17.76
CA SER A 19 -4.98 -2.64 17.55
C SER A 19 -3.64 -2.06 17.10
N GLN A 20 -2.57 -2.80 17.37
CA GLN A 20 -1.22 -2.37 17.00
C GLN A 20 -0.61 -3.31 15.96
N VAL A 21 -1.36 -3.54 14.88
CA VAL A 21 -0.89 -4.42 13.82
C VAL A 21 -1.46 -3.99 12.46
N GLY A 22 -0.73 -4.31 11.39
CA GLY A 22 -1.18 -3.95 10.06
C GLY A 22 -0.08 -4.12 9.02
N ASP A 23 0.37 -5.34 8.83
CA ASP A 23 1.42 -5.63 7.87
C ASP A 23 0.86 -5.64 6.44
N ASP A 24 0.05 -6.65 6.14
CA ASP A 24 -0.55 -6.77 4.81
C ASP A 24 -1.68 -5.77 4.64
N ILE A 25 -1.34 -4.57 4.21
CA ILE A 25 -2.34 -3.52 4.00
C ILE A 25 -2.33 -3.02 2.56
N PRO A 26 -3.52 -2.92 1.96
CA PRO A 26 -3.67 -2.46 0.58
C PRO A 26 -3.36 -0.97 0.42
N LYS A 27 -2.13 -0.69 -0.02
CA LYS A 27 -1.70 0.69 -0.22
C LYS A 27 -2.29 1.27 -1.51
N CYS A 28 -3.61 1.31 -1.59
CA CYS A 28 -4.30 1.84 -2.76
C CYS A 28 -4.08 3.34 -2.89
N ASN A 29 -3.59 3.77 -4.05
CA ASN A 29 -3.33 5.17 -4.31
C ASN A 29 -4.63 5.92 -4.64
N LEU A 30 -4.79 7.10 -4.05
CA LEU A 30 -5.98 7.90 -4.30
C LEU A 30 -6.13 8.24 -5.77
N ALA A 31 -5.03 8.13 -6.51
CA ALA A 31 -5.03 8.41 -7.93
C ALA A 31 -6.14 7.64 -8.65
N SER A 32 -6.24 6.36 -8.35
CA SER A 32 -7.26 5.50 -8.96
C SER A 32 -8.22 4.96 -7.91
N GLY A 33 -7.74 4.83 -6.68
CA GLY A 33 -8.58 4.33 -5.61
C GLY A 33 -8.51 2.82 -5.48
N TYR A 34 -7.61 2.20 -6.24
CA TYR A 34 -7.46 0.75 -6.21
C TYR A 34 -6.17 0.35 -5.51
N TYR A 35 -6.15 -0.85 -4.96
CA TYR A 35 -4.97 -1.35 -4.25
C TYR A 35 -4.05 -2.11 -5.19
N GLU A 36 -4.20 -1.85 -6.49
CA GLU A 36 -3.38 -2.50 -7.51
C GLU A 36 -2.31 -1.55 -8.05
N GLN A 37 -2.26 -0.35 -7.48
CA GLN A 37 -1.29 0.65 -7.91
C GLN A 37 -0.02 0.57 -7.08
N MET A 38 -0.16 0.63 -5.76
CA MET A 38 0.98 0.57 -4.85
C MET A 38 0.71 -0.41 -3.71
N GLN A 39 1.74 -1.12 -3.29
CA GLN A 39 1.62 -2.08 -2.21
C GLN A 39 2.68 -1.84 -1.13
N CYS A 40 2.24 -1.72 0.11
CA CYS A 40 3.15 -1.48 1.23
C CYS A 40 2.90 -2.49 2.35
N ASN A 41 3.97 -3.08 2.85
CA ASN A 41 3.87 -4.06 3.93
C ASN A 41 4.98 -3.86 4.96
N THR A 42 4.72 -4.27 6.19
CA THR A 42 5.70 -4.13 7.27
C THR A 42 6.97 -4.92 6.96
N GLN A 43 6.81 -6.05 6.27
CA GLN A 43 7.95 -6.88 5.91
C GLN A 43 8.71 -6.29 4.73
N GLN A 44 7.97 -5.70 3.81
CA GLN A 44 8.58 -5.09 2.62
C GLN A 44 7.56 -4.28 1.84
N HIS A 45 8.00 -3.67 0.74
CA HIS A 45 7.12 -2.87 -0.09
C HIS A 45 7.35 -3.17 -1.57
N TRP A 46 6.36 -2.85 -2.40
CA TRP A 46 6.45 -3.10 -3.83
C TRP A 46 5.33 -2.39 -4.58
N CYS A 47 5.56 -2.08 -5.85
CA CYS A 47 4.57 -1.40 -6.67
C CYS A 47 3.85 -2.38 -7.59
N VAL A 48 2.61 -2.07 -7.93
CA VAL A 48 1.81 -2.93 -8.80
C VAL A 48 1.06 -2.10 -9.84
N ASP A 49 0.34 -2.80 -10.72
CA ASP A 49 -0.43 -2.12 -11.77
C ASP A 49 -1.91 -2.50 -11.67
N PRO A 50 -2.78 -1.54 -12.04
CA PRO A 50 -4.23 -1.75 -12.00
C PRO A 50 -4.70 -2.74 -13.06
N GLU A 51 -3.89 -2.93 -14.10
CA GLU A 51 -4.23 -3.84 -15.18
C GLU A 51 -4.63 -5.21 -14.62
N SER A 52 -3.75 -5.80 -13.81
CA SER A 52 -4.01 -7.11 -13.22
C SER A 52 -3.72 -7.08 -11.72
N GLY A 53 -2.70 -6.33 -11.32
CA GLY A 53 -2.35 -6.24 -9.93
C GLY A 53 -1.07 -6.99 -9.60
N THR A 54 -0.15 -7.04 -10.56
CA THR A 54 1.11 -7.75 -10.38
C THR A 54 2.24 -6.77 -10.13
N ALA A 55 3.34 -7.27 -9.58
CA ALA A 55 4.50 -6.42 -9.29
C ALA A 55 5.16 -5.95 -10.57
N LEU A 56 5.93 -4.86 -10.47
CA LEU A 56 6.61 -4.30 -11.62
C LEU A 56 8.11 -4.19 -11.36
N GLY A 57 8.46 -3.71 -10.17
CA GLY A 57 9.87 -3.55 -9.82
C GLY A 57 10.29 -4.50 -8.72
N GLU A 58 11.07 -3.98 -7.76
CA GLU A 58 11.54 -4.79 -6.65
C GLU A 58 11.15 -4.17 -5.31
N ARG A 59 11.57 -4.79 -4.23
CA ARG A 59 11.27 -4.30 -2.89
C ARG A 59 12.47 -3.59 -2.28
N ARG A 60 12.33 -3.14 -1.03
CA ARG A 60 13.41 -2.45 -0.34
C ARG A 60 13.01 -2.15 1.11
N SER A 61 13.90 -1.47 1.82
CA SER A 61 13.64 -1.11 3.22
C SER A 61 13.83 0.39 3.44
N GLY A 62 13.82 0.79 4.70
CA GLY A 62 13.99 2.20 5.03
C GLY A 62 12.83 3.05 4.55
N GLY A 63 11.79 3.15 5.38
CA GLY A 63 10.63 3.93 5.02
C GLY A 63 9.85 3.32 3.87
N CYS A 64 8.54 3.12 4.08
CA CYS A 64 7.69 2.53 3.06
C CYS A 64 7.40 3.54 1.95
N THR A 65 6.71 4.62 2.30
CA THR A 65 6.36 5.66 1.35
C THR A 65 7.61 6.38 0.84
N GLU A 66 8.59 6.54 1.72
CA GLU A 66 9.83 7.22 1.37
C GLU A 66 10.46 6.59 0.13
N ALA A 67 10.73 5.28 0.20
CA ALA A 67 11.32 4.56 -0.91
C ALA A 67 10.30 4.31 -2.02
N ALA A 68 9.05 4.07 -1.62
CA ALA A 68 7.98 3.84 -2.58
C ALA A 68 7.85 4.97 -3.57
N ARG A 69 7.88 6.20 -3.07
CA ARG A 69 7.77 7.39 -3.91
C ARG A 69 9.12 7.75 -4.52
N ASP A 70 10.17 7.67 -3.71
CA ASP A 70 11.51 7.98 -4.17
C ASP A 70 11.89 7.14 -5.39
N HIS A 71 11.56 5.85 -5.32
CA HIS A 71 11.86 4.94 -6.42
C HIS A 71 11.25 3.56 -6.16
N CYS A 72 9.98 3.54 -5.79
CA CYS A 72 9.29 2.29 -5.50
C CYS A 72 9.93 1.57 -4.32
N LYS A 5 -13.39 0.26 -1.06
CA LYS A 5 -13.21 -0.71 0.02
C LYS A 5 -12.00 -0.36 0.88
N CYS A 6 -10.82 -0.43 0.27
CA CYS A 6 -9.58 -0.12 0.99
C CYS A 6 -9.66 1.26 1.63
N LEU A 7 -10.32 2.20 0.95
CA LEU A 7 -10.45 3.56 1.45
C LEU A 7 -11.31 3.58 2.71
N ALA A 8 -12.43 2.87 2.68
CA ALA A 8 -13.32 2.81 3.83
C ALA A 8 -12.68 2.05 4.99
N GLU A 9 -12.09 0.91 4.68
CA GLU A 9 -11.43 0.09 5.70
C GLU A 9 -10.25 0.83 6.33
N HIS A 10 -9.39 1.38 5.47
CA HIS A 10 -8.23 2.12 5.94
C HIS A 10 -8.65 3.34 6.77
N HIS A 11 -9.64 4.07 6.27
CA HIS A 11 -10.13 5.26 6.97
C HIS A 11 -10.65 4.89 8.35
N GLU A 12 -11.53 3.90 8.40
CA GLU A 12 -12.11 3.45 9.67
C GLU A 12 -11.02 3.00 10.64
N LYS A 13 -10.11 2.18 10.14
CA LYS A 13 -9.01 1.66 10.95
C LYS A 13 -8.19 2.80 11.54
N SER A 14 -7.81 3.74 10.68
CA SER A 14 -7.01 4.88 11.12
C SER A 14 -7.74 5.69 12.19
N LYS A 15 -9.03 5.94 11.95
CA LYS A 15 -9.85 6.69 12.89
C LYS A 15 -9.97 5.95 14.22
N SER A 16 -10.57 4.76 14.18
CA SER A 16 -10.75 3.96 15.39
C SER A 16 -9.96 2.66 15.29
N THR A 17 -8.65 2.75 15.47
CA THR A 17 -7.79 1.58 15.40
C THR A 17 -7.99 0.68 16.61
N HIS A 18 -8.41 -0.56 16.35
CA HIS A 18 -8.64 -1.53 17.42
C HIS A 18 -7.71 -2.73 17.28
N SER A 19 -7.51 -3.17 16.04
CA SER A 19 -6.65 -4.32 15.77
C SER A 19 -5.41 -3.90 14.99
N GLN A 20 -4.28 -3.83 15.69
CA GLN A 20 -3.02 -3.43 15.07
C GLN A 20 -2.26 -4.65 14.56
N VAL A 21 -1.08 -4.41 13.99
CA VAL A 21 -0.25 -5.49 13.48
C VAL A 21 -1.00 -6.30 12.43
N GLY A 22 -1.23 -5.70 11.27
CA GLY A 22 -1.95 -6.38 10.21
C GLY A 22 -1.02 -6.82 9.08
N ASP A 23 -0.17 -5.90 8.63
CA ASP A 23 0.76 -6.19 7.56
C ASP A 23 0.03 -6.50 6.26
N ASP A 24 0.73 -6.39 5.14
CA ASP A 24 0.14 -6.67 3.84
C ASP A 24 -1.10 -5.80 3.61
N ILE A 25 -0.94 -4.50 3.83
CA ILE A 25 -2.04 -3.56 3.65
C ILE A 25 -2.09 -3.05 2.21
N PRO A 26 -3.31 -3.05 1.63
CA PRO A 26 -3.53 -2.59 0.25
C PRO A 26 -3.35 -1.08 0.12
N LYS A 27 -2.15 -0.65 -0.26
CA LYS A 27 -1.87 0.76 -0.43
C LYS A 27 -2.48 1.30 -1.72
N CYS A 28 -3.80 1.36 -1.76
CA CYS A 28 -4.51 1.85 -2.94
C CYS A 28 -4.39 3.37 -3.06
N ASN A 29 -4.02 3.84 -4.25
CA ASN A 29 -3.86 5.26 -4.49
C ASN A 29 -5.21 5.91 -4.82
N LEU A 30 -5.46 7.06 -4.21
CA LEU A 30 -6.71 7.78 -4.43
C LEU A 30 -6.88 8.13 -5.90
N ALA A 31 -5.77 8.11 -6.64
CA ALA A 31 -5.81 8.43 -8.06
C ALA A 31 -6.85 7.59 -8.79
N SER A 32 -6.86 6.29 -8.52
CA SER A 32 -7.80 5.38 -9.15
C SER A 32 -8.72 4.74 -8.11
N GLY A 33 -8.20 4.61 -6.89
CA GLY A 33 -8.99 4.01 -5.82
C GLY A 33 -8.80 2.51 -5.74
N TYR A 34 -7.82 1.99 -6.46
CA TYR A 34 -7.55 0.56 -6.48
C TYR A 34 -6.26 0.24 -5.73
N TYR A 35 -6.19 -0.95 -5.17
CA TYR A 35 -5.00 -1.37 -4.42
C TYR A 35 -4.00 -2.09 -5.33
N GLU A 36 -4.12 -1.84 -6.63
CA GLU A 36 -3.22 -2.45 -7.60
C GLU A 36 -2.17 -1.46 -8.08
N GLN A 37 -2.18 -0.27 -7.49
CA GLN A 37 -1.23 0.77 -7.85
C GLN A 37 0.01 0.71 -6.95
N MET A 38 -0.22 0.69 -5.64
CA MET A 38 0.87 0.64 -4.68
C MET A 38 0.58 -0.38 -3.58
N GLN A 39 1.63 -1.02 -3.07
CA GLN A 39 1.49 -2.02 -2.03
C GLN A 39 2.60 -1.90 -1.00
N CYS A 40 2.27 -1.35 0.17
CA CYS A 40 3.24 -1.17 1.23
C CYS A 40 3.05 -2.22 2.32
N ASN A 41 4.16 -2.61 2.96
CA ASN A 41 4.12 -3.61 4.02
C ASN A 41 4.79 -3.10 5.29
N THR A 42 4.65 -3.85 6.38
CA THR A 42 5.23 -3.46 7.66
C THR A 42 6.76 -3.53 7.59
N GLN A 43 7.27 -4.59 6.99
CA GLN A 43 8.71 -4.78 6.88
C GLN A 43 9.14 -4.85 5.41
N GLN A 44 8.36 -4.21 4.55
CA GLN A 44 8.65 -4.20 3.12
C GLN A 44 7.75 -3.21 2.38
N HIS A 45 7.94 -3.11 1.07
CA HIS A 45 7.14 -2.20 0.26
C HIS A 45 7.44 -2.41 -1.23
N TRP A 46 6.39 -2.41 -2.04
CA TRP A 46 6.54 -2.60 -3.48
C TRP A 46 5.41 -1.91 -4.24
N CYS A 47 5.63 -1.67 -5.53
CA CYS A 47 4.63 -1.02 -6.37
C CYS A 47 4.00 -2.02 -7.35
N VAL A 48 2.75 -1.78 -7.71
CA VAL A 48 2.05 -2.65 -8.65
C VAL A 48 1.31 -1.84 -9.71
N ASP A 49 0.67 -2.53 -10.64
CA ASP A 49 -0.08 -1.86 -11.71
C ASP A 49 -1.53 -2.29 -11.69
N PRO A 50 -2.43 -1.37 -12.09
CA PRO A 50 -3.87 -1.63 -12.13
C PRO A 50 -4.25 -2.62 -13.23
N GLU A 51 -3.38 -2.77 -14.22
CA GLU A 51 -3.63 -3.68 -15.33
C GLU A 51 -4.00 -5.07 -14.81
N SER A 52 -3.14 -5.63 -13.96
CA SER A 52 -3.38 -6.96 -13.40
C SER A 52 -3.18 -6.95 -11.89
N GLY A 53 -2.21 -6.16 -11.43
CA GLY A 53 -1.93 -6.07 -10.01
C GLY A 53 -0.64 -6.77 -9.63
N THR A 54 0.32 -6.76 -10.55
CA THR A 54 1.61 -7.40 -10.30
C THR A 54 2.70 -6.37 -10.08
N ALA A 55 3.83 -6.81 -9.53
CA ALA A 55 4.95 -5.91 -9.27
C ALA A 55 5.59 -5.43 -10.56
N LEU A 56 6.19 -4.25 -10.51
CA LEU A 56 6.83 -3.66 -11.69
C LEU A 56 8.36 -3.66 -11.52
N GLY A 57 8.87 -4.66 -10.81
CA GLY A 57 10.31 -4.75 -10.59
C GLY A 57 10.67 -5.66 -9.45
N GLU A 58 11.17 -5.08 -8.37
CA GLU A 58 11.56 -5.86 -7.19
C GLU A 58 10.99 -5.23 -5.91
N ARG A 59 11.42 -5.76 -4.77
CA ARG A 59 10.96 -5.25 -3.49
C ARG A 59 12.12 -4.70 -2.67
N ARG A 60 11.80 -4.03 -1.56
CA ARG A 60 12.81 -3.45 -0.70
C ARG A 60 12.25 -3.16 0.69
N SER A 61 13.12 -2.74 1.60
CA SER A 61 12.71 -2.44 2.97
C SER A 61 13.29 -1.10 3.44
N GLY A 62 12.67 -0.51 4.45
CA GLY A 62 13.15 0.76 4.97
C GLY A 62 12.40 1.94 4.37
N GLY A 63 11.51 2.53 5.17
CA GLY A 63 10.74 3.67 4.70
C GLY A 63 9.64 3.27 3.74
N CYS A 64 8.39 3.38 4.21
CA CYS A 64 7.24 3.02 3.38
C CYS A 64 7.01 4.06 2.29
N THR A 65 6.50 5.23 2.69
CA THR A 65 6.23 6.30 1.76
C THR A 65 7.52 6.81 1.11
N GLU A 66 8.59 6.84 1.89
CA GLU A 66 9.88 7.30 1.40
C GLU A 66 10.29 6.53 0.14
N ALA A 67 10.33 5.21 0.25
CA ALA A 67 10.71 4.36 -0.87
C ALA A 67 9.57 4.26 -1.89
N ALA A 68 8.34 4.25 -1.39
CA ALA A 68 7.17 4.16 -2.25
C ALA A 68 7.11 5.33 -3.23
N ARG A 69 7.40 6.53 -2.74
CA ARG A 69 7.38 7.72 -3.57
C ARG A 69 8.69 7.87 -4.35
N ASP A 70 9.80 7.69 -3.65
CA ASP A 70 11.12 7.79 -4.28
C ASP A 70 11.23 6.86 -5.47
N HIS A 71 10.61 5.68 -5.36
CA HIS A 71 10.63 4.70 -6.44
C HIS A 71 9.46 4.90 -7.39
N CYS A 72 8.25 4.95 -6.83
CA CYS A 72 7.05 5.13 -7.62
C CYS A 72 6.09 6.11 -6.94
N LYS A 5 -14.21 0.59 -1.30
CA LYS A 5 -14.00 -0.58 -0.45
C LYS A 5 -12.74 -0.43 0.38
N CYS A 6 -11.58 -0.52 -0.27
CA CYS A 6 -10.30 -0.40 0.41
C CYS A 6 -10.22 0.92 1.17
N LEU A 7 -10.79 1.96 0.60
CA LEU A 7 -10.79 3.29 1.23
C LEU A 7 -11.58 3.27 2.53
N ALA A 8 -12.76 2.67 2.49
CA ALA A 8 -13.61 2.58 3.68
C ALA A 8 -12.97 1.69 4.75
N GLU A 9 -12.51 0.52 4.34
CA GLU A 9 -11.89 -0.42 5.26
C GLU A 9 -10.62 0.17 5.86
N HIS A 10 -9.77 0.75 5.01
CA HIS A 10 -8.53 1.36 5.46
C HIS A 10 -8.80 2.54 6.38
N HIS A 11 -9.80 3.34 6.04
CA HIS A 11 -10.17 4.50 6.84
C HIS A 11 -10.67 4.07 8.22
N GLU A 12 -11.54 3.08 8.25
CA GLU A 12 -12.08 2.58 9.51
C GLU A 12 -10.97 2.03 10.40
N LYS A 13 -10.17 1.13 9.86
CA LYS A 13 -9.07 0.52 10.61
C LYS A 13 -8.12 1.59 11.12
N SER A 14 -7.78 2.56 10.26
CA SER A 14 -6.87 3.63 10.63
C SER A 14 -7.45 4.45 11.79
N LYS A 15 -8.75 4.73 11.71
CA LYS A 15 -9.42 5.50 12.75
C LYS A 15 -9.49 4.72 14.06
N SER A 16 -9.69 3.41 13.95
CA SER A 16 -9.79 2.54 15.12
C SER A 16 -8.54 2.69 15.99
N THR A 17 -7.39 2.32 15.43
CA THR A 17 -6.13 2.40 16.16
C THR A 17 -4.94 2.20 15.24
N HIS A 18 -5.05 1.21 14.35
CA HIS A 18 -3.98 0.91 13.41
C HIS A 18 -2.72 0.48 14.13
N SER A 19 -1.63 0.35 13.38
CA SER A 19 -0.35 -0.06 13.96
C SER A 19 -0.45 -1.48 14.52
N GLN A 20 0.70 -2.07 14.82
CA GLN A 20 0.75 -3.43 15.37
C GLN A 20 0.12 -4.42 14.40
N VAL A 21 0.59 -4.40 13.15
CA VAL A 21 0.08 -5.30 12.13
C VAL A 21 1.14 -5.61 11.08
N GLY A 22 0.78 -6.46 10.12
CA GLY A 22 1.71 -6.82 9.07
C GLY A 22 1.07 -6.81 7.69
N ASP A 23 1.69 -7.49 6.74
CA ASP A 23 1.17 -7.56 5.38
C ASP A 23 -0.28 -8.02 5.38
N ASP A 24 -1.16 -7.17 4.87
CA ASP A 24 -2.59 -7.49 4.81
C ASP A 24 -3.36 -6.38 4.11
N ILE A 25 -2.94 -5.14 4.32
CA ILE A 25 -3.60 -4.00 3.72
C ILE A 25 -3.38 -3.98 2.21
N PRO A 26 -4.48 -3.77 1.46
CA PRO A 26 -4.44 -3.73 -0.01
C PRO A 26 -3.72 -2.48 -0.53
N LYS A 27 -3.95 -1.35 0.11
CA LYS A 27 -3.33 -0.10 -0.29
C LYS A 27 -3.78 0.32 -1.68
N CYS A 28 -4.63 1.35 -1.73
CA CYS A 28 -5.15 1.84 -3.01
C CYS A 28 -4.96 3.35 -3.11
N ASN A 29 -4.19 3.78 -4.11
CA ASN A 29 -3.93 5.19 -4.32
C ASN A 29 -5.22 5.93 -4.69
N LEU A 30 -5.47 7.04 -4.01
CA LEU A 30 -6.66 7.85 -4.27
C LEU A 30 -6.70 8.32 -5.71
N ALA A 31 -5.53 8.32 -6.36
CA ALA A 31 -5.43 8.74 -7.75
C ALA A 31 -6.45 8.02 -8.63
N SER A 32 -6.54 6.69 -8.45
CA SER A 32 -7.48 5.89 -9.23
C SER A 32 -8.51 5.25 -8.32
N GLY A 33 -8.14 5.02 -7.07
CA GLY A 33 -9.06 4.41 -6.12
C GLY A 33 -8.96 2.90 -6.11
N TYR A 34 -7.95 2.36 -6.81
CA TYR A 34 -7.75 0.92 -6.88
C TYR A 34 -6.55 0.48 -6.06
N TYR A 35 -6.58 -0.76 -5.59
CA TYR A 35 -5.49 -1.30 -4.78
C TYR A 35 -4.44 -1.97 -5.65
N GLU A 36 -4.43 -1.61 -6.94
CA GLU A 36 -3.47 -2.18 -7.88
C GLU A 36 -2.41 -1.16 -8.26
N GLN A 37 -2.47 0.02 -7.64
CA GLN A 37 -1.51 1.08 -7.92
C GLN A 37 -0.32 1.00 -6.97
N MET A 38 -0.60 0.89 -5.68
CA MET A 38 0.44 0.79 -4.67
C MET A 38 0.17 -0.34 -3.70
N GLN A 39 1.23 -0.85 -3.06
CA GLN A 39 1.10 -1.94 -2.10
C GLN A 39 2.16 -1.84 -1.02
N CYS A 40 1.83 -1.14 0.07
CA CYS A 40 2.75 -0.97 1.18
C CYS A 40 2.30 -1.78 2.39
N ASN A 41 3.27 -2.37 3.09
CA ASN A 41 2.98 -3.19 4.27
C ASN A 41 4.07 -3.03 5.31
N THR A 42 3.83 -3.57 6.50
CA THR A 42 4.80 -3.50 7.59
C THR A 42 6.06 -4.28 7.26
N GLN A 43 5.88 -5.44 6.62
CA GLN A 43 7.01 -6.29 6.25
C GLN A 43 7.83 -5.63 5.14
N GLN A 44 7.15 -5.11 4.13
CA GLN A 44 7.82 -4.46 3.01
C GLN A 44 6.86 -3.55 2.26
N HIS A 45 7.42 -2.70 1.39
CA HIS A 45 6.61 -1.77 0.61
C HIS A 45 6.96 -1.86 -0.88
N TRP A 46 5.95 -2.09 -1.70
CA TRP A 46 6.15 -2.20 -3.15
C TRP A 46 5.02 -1.53 -3.90
N CYS A 47 5.20 -1.36 -5.21
CA CYS A 47 4.20 -0.74 -6.05
C CYS A 47 3.66 -1.71 -7.10
N VAL A 48 2.47 -1.43 -7.61
CA VAL A 48 1.84 -2.29 -8.61
C VAL A 48 1.16 -1.46 -9.69
N ASP A 49 0.59 -2.13 -10.68
CA ASP A 49 -0.10 -1.47 -11.77
C ASP A 49 -1.56 -1.91 -11.86
N PRO A 50 -2.43 -1.00 -12.29
CA PRO A 50 -3.87 -1.28 -12.42
C PRO A 50 -4.17 -2.24 -13.57
N GLU A 51 -3.24 -2.34 -14.50
CA GLU A 51 -3.40 -3.22 -15.65
C GLU A 51 -3.78 -4.64 -15.20
N SER A 52 -2.97 -5.21 -14.31
CA SER A 52 -3.21 -6.55 -13.80
C SER A 52 -3.09 -6.59 -12.28
N GLY A 53 -2.16 -5.80 -11.74
CA GLY A 53 -1.95 -5.74 -10.31
C GLY A 53 -0.68 -6.45 -9.89
N THR A 54 0.34 -6.41 -10.76
CA THR A 54 1.62 -7.04 -10.46
C THR A 54 2.66 -6.02 -10.04
N ALA A 55 3.72 -6.48 -9.39
CA ALA A 55 4.79 -5.60 -8.94
C ALA A 55 5.54 -5.00 -10.12
N LEU A 56 6.22 -3.88 -9.88
CA LEU A 56 6.99 -3.22 -10.93
C LEU A 56 8.45 -3.07 -10.53
N GLY A 57 8.94 -4.02 -9.74
CA GLY A 57 10.32 -3.98 -9.30
C GLY A 57 10.59 -4.91 -8.13
N GLU A 58 11.38 -4.45 -7.18
CA GLU A 58 11.70 -5.25 -6.00
C GLU A 58 11.02 -4.70 -4.75
N ARG A 59 11.40 -5.22 -3.59
CA ARG A 59 10.82 -4.80 -2.33
C ARG A 59 11.80 -5.00 -1.17
N ARG A 60 12.43 -3.92 -0.73
CA ARG A 60 13.40 -3.99 0.35
C ARG A 60 13.95 -2.60 0.68
N SER A 61 13.33 -1.93 1.65
CA SER A 61 13.77 -0.60 2.06
C SER A 61 13.02 -0.14 3.31
N GLY A 62 13.33 1.06 3.76
CA GLY A 62 12.69 1.59 4.95
C GLY A 62 11.57 2.56 4.62
N GLY A 63 10.76 2.90 5.63
CA GLY A 63 9.66 3.81 5.41
C GLY A 63 8.60 3.25 4.48
N CYS A 64 7.36 3.70 4.65
CA CYS A 64 6.26 3.22 3.81
C CYS A 64 6.02 4.18 2.65
N THR A 65 5.42 5.34 2.95
CA THR A 65 5.13 6.32 1.92
C THR A 65 6.38 7.08 1.52
N GLU A 66 7.27 7.32 2.48
CA GLU A 66 8.51 8.03 2.23
C GLU A 66 9.28 7.38 1.08
N ALA A 67 9.54 6.09 1.21
CA ALA A 67 10.26 5.35 0.19
C ALA A 67 9.38 5.09 -1.04
N ALA A 68 8.09 4.86 -0.78
CA ALA A 68 7.16 4.59 -1.86
C ALA A 68 7.13 5.73 -2.87
N ARG A 69 7.12 6.96 -2.36
CA ARG A 69 7.09 8.15 -3.22
C ARG A 69 8.50 8.51 -3.67
N ASP A 70 9.46 8.41 -2.76
CA ASP A 70 10.85 8.73 -3.08
C ASP A 70 11.36 7.85 -4.22
N HIS A 71 10.99 6.57 -4.19
CA HIS A 71 11.42 5.63 -5.22
C HIS A 71 10.77 4.27 -5.01
N CYS A 72 9.46 4.27 -4.76
CA CYS A 72 8.72 3.03 -4.54
C CYS A 72 9.32 2.25 -3.37
N LYS A 5 -13.44 0.95 -2.49
CA LYS A 5 -13.54 -0.19 -1.58
C LYS A 5 -12.50 -0.10 -0.49
N CYS A 6 -11.24 0.07 -0.88
CA CYS A 6 -10.14 0.18 0.07
C CYS A 6 -10.34 1.37 1.01
N LEU A 7 -10.69 2.52 0.42
CA LEU A 7 -10.92 3.73 1.19
C LEU A 7 -12.09 3.55 2.16
N ALA A 8 -13.14 2.87 1.69
CA ALA A 8 -14.32 2.64 2.52
C ALA A 8 -13.99 1.74 3.70
N GLU A 9 -13.44 0.58 3.42
CA GLU A 9 -13.08 -0.37 4.48
C GLU A 9 -12.04 0.24 5.42
N HIS A 10 -10.98 0.80 4.85
CA HIS A 10 -9.92 1.42 5.65
C HIS A 10 -10.50 2.50 6.56
N HIS A 11 -11.38 3.33 6.00
CA HIS A 11 -12.00 4.41 6.77
C HIS A 11 -12.82 3.85 7.91
N GLU A 12 -13.65 2.85 7.63
CA GLU A 12 -14.50 2.24 8.64
C GLU A 12 -13.66 1.64 9.77
N LYS A 13 -12.71 0.80 9.40
CA LYS A 13 -11.83 0.16 10.38
C LYS A 13 -11.07 1.21 11.19
N SER A 14 -10.49 2.18 10.50
CA SER A 14 -9.74 3.24 11.15
C SER A 14 -10.58 3.93 12.22
N LYS A 15 -11.79 4.31 11.84
CA LYS A 15 -12.71 4.99 12.75
C LYS A 15 -13.03 4.10 13.96
N SER A 16 -13.34 2.84 13.68
CA SER A 16 -13.67 1.89 14.74
C SER A 16 -12.40 1.29 15.35
N THR A 17 -12.57 0.27 16.18
CA THR A 17 -11.44 -0.39 16.83
C THR A 17 -10.56 -1.10 15.80
N HIS A 18 -9.27 -0.79 15.83
CA HIS A 18 -8.32 -1.41 14.92
C HIS A 18 -6.90 -1.33 15.46
N SER A 19 -5.97 -1.99 14.78
CA SER A 19 -4.57 -1.99 15.20
C SER A 19 -3.70 -1.22 14.21
N GLN A 20 -2.42 -1.09 14.54
CA GLN A 20 -1.48 -0.38 13.67
C GLN A 20 -0.18 -1.16 13.51
N VAL A 21 0.17 -1.46 12.27
CA VAL A 21 1.39 -2.21 11.98
C VAL A 21 2.11 -1.64 10.76
N GLY A 22 1.35 -1.29 9.73
CA GLY A 22 1.92 -0.74 8.53
C GLY A 22 2.40 -1.81 7.58
N ASP A 23 1.61 -2.87 7.43
CA ASP A 23 1.95 -3.97 6.54
C ASP A 23 0.70 -4.58 5.92
N ASP A 24 -0.09 -5.25 6.74
CA ASP A 24 -1.32 -5.88 6.27
C ASP A 24 -2.23 -4.86 5.58
N ILE A 25 -2.23 -3.63 6.10
CA ILE A 25 -3.05 -2.56 5.54
C ILE A 25 -2.77 -2.38 4.06
N PRO A 26 -3.84 -2.29 3.26
CA PRO A 26 -3.74 -2.11 1.81
C PRO A 26 -3.22 -0.73 1.44
N LYS A 27 -2.03 -0.68 0.85
CA LYS A 27 -1.42 0.59 0.44
C LYS A 27 -2.08 1.11 -0.85
N CYS A 28 -3.36 1.40 -0.78
CA CYS A 28 -4.10 1.91 -1.93
C CYS A 28 -3.93 3.42 -2.06
N ASN A 29 -3.57 3.87 -3.25
CA ASN A 29 -3.38 5.30 -3.50
C ASN A 29 -4.72 6.00 -3.69
N LEU A 30 -4.80 7.24 -3.22
CA LEU A 30 -6.02 8.02 -3.33
C LEU A 30 -6.31 8.38 -4.79
N ALA A 31 -5.28 8.30 -5.62
CA ALA A 31 -5.42 8.62 -7.04
C ALA A 31 -6.57 7.82 -7.66
N SER A 32 -6.59 6.52 -7.39
CA SER A 32 -7.63 5.65 -7.93
C SER A 32 -8.46 5.04 -6.81
N GLY A 33 -7.85 4.89 -5.64
CA GLY A 33 -8.56 4.31 -4.50
C GLY A 33 -8.44 2.81 -4.45
N TYR A 34 -7.54 2.26 -5.26
CA TYR A 34 -7.34 0.82 -5.29
C TYR A 34 -6.01 0.44 -4.65
N TYR A 35 -5.94 -0.79 -4.11
CA TYR A 35 -4.74 -1.27 -3.46
C TYR A 35 -3.84 -1.99 -4.45
N GLU A 36 -4.03 -1.71 -5.74
CA GLU A 36 -3.24 -2.33 -6.79
C GLU A 36 -2.24 -1.34 -7.38
N GLN A 37 -2.20 -0.14 -6.81
CA GLN A 37 -1.30 0.90 -7.28
C GLN A 37 0.02 0.87 -6.50
N MET A 38 -0.08 0.87 -5.18
CA MET A 38 1.10 0.83 -4.33
C MET A 38 1.03 -0.33 -3.34
N GLN A 39 2.19 -0.87 -2.98
CA GLN A 39 2.26 -1.97 -2.05
C GLN A 39 3.44 -1.83 -1.10
N CYS A 40 3.21 -1.18 0.03
CA CYS A 40 4.26 -0.96 1.02
C CYS A 40 4.01 -1.79 2.27
N ASN A 41 5.06 -2.37 2.82
CA ASN A 41 4.95 -3.20 4.02
C ASN A 41 6.12 -2.94 4.96
N THR A 42 6.03 -3.49 6.18
CA THR A 42 7.07 -3.31 7.17
C THR A 42 8.32 -4.12 6.81
N GLN A 43 8.11 -5.30 6.24
CA GLN A 43 9.22 -6.16 5.85
C GLN A 43 9.83 -5.70 4.53
N GLN A 44 8.97 -5.40 3.55
CA GLN A 44 9.43 -4.95 2.26
C GLN A 44 8.49 -3.89 1.67
N HIS A 45 8.82 -3.39 0.49
CA HIS A 45 8.00 -2.38 -0.16
C HIS A 45 8.15 -2.45 -1.68
N TRP A 46 7.10 -2.06 -2.39
CA TRP A 46 7.11 -2.09 -3.85
C TRP A 46 5.85 -1.45 -4.42
N CYS A 47 5.82 -1.29 -5.73
CA CYS A 47 4.66 -0.70 -6.41
C CYS A 47 3.99 -1.71 -7.32
N VAL A 48 2.67 -1.58 -7.47
CA VAL A 48 1.91 -2.48 -8.33
C VAL A 48 1.05 -1.70 -9.33
N ASP A 49 0.35 -2.42 -10.18
CA ASP A 49 -0.50 -1.80 -11.19
C ASP A 49 -1.95 -2.26 -11.03
N PRO A 50 -2.89 -1.35 -11.36
CA PRO A 50 -4.32 -1.63 -11.27
C PRO A 50 -4.79 -2.65 -12.29
N GLU A 51 -4.02 -2.80 -13.36
CA GLU A 51 -4.35 -3.75 -14.42
C GLU A 51 -4.65 -5.13 -13.84
N SER A 52 -3.71 -5.66 -13.07
CA SER A 52 -3.88 -6.97 -12.45
C SER A 52 -3.54 -6.93 -10.97
N GLY A 53 -2.56 -6.11 -10.61
CA GLY A 53 -2.16 -5.98 -9.22
C GLY A 53 -0.83 -6.64 -8.94
N THR A 54 0.06 -6.64 -9.93
CA THR A 54 1.37 -7.25 -9.78
C THR A 54 2.46 -6.18 -9.69
N ALA A 55 3.63 -6.57 -9.18
CA ALA A 55 4.75 -5.65 -9.06
C ALA A 55 5.25 -5.20 -10.41
N LEU A 56 5.98 -4.08 -10.43
CA LEU A 56 6.51 -3.53 -11.67
C LEU A 56 8.04 -3.43 -11.60
N GLY A 57 8.65 -4.35 -10.86
CA GLY A 57 10.10 -4.34 -10.72
C GLY A 57 10.56 -4.95 -9.41
N GLU A 58 11.63 -4.39 -8.86
CA GLU A 58 12.17 -4.88 -7.59
C GLU A 58 11.29 -4.48 -6.42
N ARG A 59 11.76 -4.72 -5.21
CA ARG A 59 11.01 -4.39 -4.01
C ARG A 59 11.94 -3.86 -2.92
N ARG A 60 12.77 -4.75 -2.37
CA ARG A 60 13.71 -4.38 -1.32
C ARG A 60 14.57 -3.21 -1.75
N SER A 61 14.97 -2.39 -0.79
CA SER A 61 15.79 -1.22 -1.07
C SER A 61 16.12 -0.45 0.21
N GLY A 62 15.07 -0.09 0.95
CA GLY A 62 15.26 0.64 2.19
C GLY A 62 13.94 1.10 2.80
N GLY A 63 13.86 2.39 3.10
CA GLY A 63 12.65 2.93 3.69
C GLY A 63 11.41 2.59 2.89
N CYS A 64 10.29 2.43 3.58
CA CYS A 64 9.03 2.10 2.92
C CYS A 64 8.56 3.23 2.03
N THR A 65 8.24 4.37 2.65
CA THR A 65 7.77 5.53 1.91
C THR A 65 8.90 6.18 1.13
N GLU A 66 10.10 6.16 1.71
CA GLU A 66 11.27 6.74 1.07
C GLU A 66 11.46 6.19 -0.34
N ALA A 67 11.51 4.87 -0.45
CA ALA A 67 11.67 4.22 -1.74
C ALA A 67 10.37 4.23 -2.54
N ALA A 68 9.25 4.09 -1.84
CA ALA A 68 7.94 4.09 -2.48
C ALA A 68 7.70 5.39 -3.25
N ARG A 69 8.11 6.50 -2.65
CA ARG A 69 7.94 7.81 -3.28
C ARG A 69 9.10 8.11 -4.24
N ASP A 70 10.32 7.86 -3.78
CA ASP A 70 11.51 8.10 -4.59
C ASP A 70 11.40 7.40 -5.94
N HIS A 71 10.79 6.21 -5.93
CA HIS A 71 10.62 5.43 -7.14
C HIS A 71 9.23 5.65 -7.74
N CYS A 72 8.22 5.65 -6.88
CA CYS A 72 6.85 5.85 -7.32
C CYS A 72 6.20 7.03 -6.59
N LYS A 5 -13.91 1.28 -2.03
CA LYS A 5 -13.91 0.20 -1.06
C LYS A 5 -12.97 0.52 0.11
N CYS A 6 -11.69 0.61 -0.18
CA CYS A 6 -10.69 0.91 0.85
C CYS A 6 -11.00 2.24 1.52
N LEU A 7 -11.51 3.19 0.75
CA LEU A 7 -11.85 4.50 1.29
C LEU A 7 -12.92 4.40 2.36
N ALA A 8 -14.00 3.69 2.04
CA ALA A 8 -15.10 3.51 2.99
C ALA A 8 -14.64 2.75 4.22
N GLU A 9 -14.02 1.60 4.02
CA GLU A 9 -13.53 0.78 5.12
C GLU A 9 -12.56 1.56 5.98
N HIS A 10 -11.60 2.22 5.35
CA HIS A 10 -10.60 3.01 6.06
C HIS A 10 -11.27 4.06 6.94
N HIS A 11 -12.15 4.86 6.35
CA HIS A 11 -12.86 5.90 7.09
C HIS A 11 -13.57 5.31 8.32
N GLU A 12 -14.37 4.28 8.09
CA GLU A 12 -15.10 3.63 9.17
C GLU A 12 -14.13 3.10 10.24
N LYS A 13 -13.06 2.45 9.79
CA LYS A 13 -12.07 1.90 10.70
C LYS A 13 -11.42 3.00 11.54
N SER A 14 -11.12 4.13 10.89
CA SER A 14 -10.49 5.26 11.58
C SER A 14 -11.42 5.81 12.65
N LYS A 15 -12.70 5.98 12.30
CA LYS A 15 -13.69 6.50 13.24
C LYS A 15 -13.91 5.54 14.40
N SER A 16 -13.85 4.24 14.11
CA SER A 16 -14.05 3.21 15.12
C SER A 16 -13.26 1.95 14.79
N THR A 17 -12.01 1.91 15.21
CA THR A 17 -11.15 0.77 14.95
C THR A 17 -11.59 -0.45 15.76
N HIS A 18 -10.89 -1.57 15.58
CA HIS A 18 -11.22 -2.79 16.30
C HIS A 18 -9.94 -3.58 16.61
N SER A 19 -9.38 -4.22 15.58
CA SER A 19 -8.17 -5.01 15.76
C SER A 19 -7.73 -5.63 14.43
N GLN A 20 -6.56 -6.25 14.43
CA GLN A 20 -6.02 -6.88 13.23
C GLN A 20 -4.70 -7.57 13.52
N VAL A 21 -4.30 -8.47 12.63
CA VAL A 21 -3.05 -9.21 12.79
C VAL A 21 -2.13 -9.01 11.58
N GLY A 22 -2.50 -9.64 10.46
CA GLY A 22 -1.70 -9.53 9.26
C GLY A 22 -2.05 -8.30 8.45
N ASP A 23 -1.04 -7.56 8.02
CA ASP A 23 -1.24 -6.35 7.23
C ASP A 23 -2.23 -5.42 7.92
N ASP A 24 -1.71 -4.58 8.83
CA ASP A 24 -2.54 -3.64 9.56
C ASP A 24 -3.38 -2.81 8.60
N ILE A 25 -2.75 -1.87 7.91
CA ILE A 25 -3.44 -1.01 6.96
C ILE A 25 -2.82 -1.09 5.58
N PRO A 26 -3.66 -1.25 4.55
CA PRO A 26 -3.19 -1.34 3.16
C PRO A 26 -2.65 -0.01 2.64
N LYS A 27 -1.87 -0.08 1.56
CA LYS A 27 -1.29 1.12 0.97
C LYS A 27 -2.13 1.61 -0.20
N CYS A 28 -3.35 2.05 0.11
CA CYS A 28 -4.26 2.55 -0.93
C CYS A 28 -3.81 3.92 -1.43
N ASN A 29 -2.82 3.92 -2.31
CA ASN A 29 -2.29 5.16 -2.87
C ASN A 29 -3.42 6.04 -3.40
N LEU A 30 -3.45 7.28 -2.96
CA LEU A 30 -4.48 8.23 -3.40
C LEU A 30 -4.47 8.39 -4.91
N ALA A 31 -3.35 8.03 -5.53
CA ALA A 31 -3.21 8.12 -6.98
C ALA A 31 -4.37 7.44 -7.68
N SER A 32 -4.70 6.22 -7.24
CA SER A 32 -5.79 5.46 -7.84
C SER A 32 -6.90 5.21 -6.82
N GLY A 33 -6.53 5.18 -5.55
CA GLY A 33 -7.51 4.96 -4.50
C GLY A 33 -7.47 3.55 -3.97
N TYR A 34 -6.80 2.66 -4.69
CA TYR A 34 -6.69 1.27 -4.29
C TYR A 34 -5.29 0.95 -3.79
N TYR A 35 -5.16 -0.18 -3.09
CA TYR A 35 -3.87 -0.60 -2.56
C TYR A 35 -3.12 -1.47 -3.56
N GLU A 36 -3.51 -1.38 -4.83
CA GLU A 36 -2.89 -2.15 -5.89
C GLU A 36 -1.94 -1.29 -6.71
N GLN A 37 -1.78 -0.04 -6.29
CA GLN A 37 -0.91 0.89 -6.99
C GLN A 37 0.47 0.94 -6.34
N MET A 38 0.50 1.21 -5.04
CA MET A 38 1.75 1.28 -4.29
C MET A 38 1.74 0.32 -3.11
N GLN A 39 2.77 -0.52 -3.01
CA GLN A 39 2.87 -1.47 -1.92
C GLN A 39 4.07 -1.18 -1.04
N CYS A 40 3.86 -1.19 0.27
CA CYS A 40 4.94 -0.92 1.23
C CYS A 40 4.70 -1.67 2.54
N ASN A 41 5.74 -2.33 3.03
CA ASN A 41 5.64 -3.09 4.27
C ASN A 41 6.96 -3.02 5.04
N THR A 42 6.88 -3.22 6.36
CA THR A 42 8.05 -3.18 7.21
C THR A 42 9.15 -4.10 6.68
N GLN A 43 8.74 -5.23 6.10
CA GLN A 43 9.69 -6.19 5.55
C GLN A 43 10.32 -5.65 4.28
N GLN A 44 9.50 -5.10 3.40
CA GLN A 44 9.99 -4.55 2.13
C GLN A 44 8.88 -3.77 1.43
N HIS A 45 9.26 -3.07 0.36
CA HIS A 45 8.30 -2.27 -0.41
C HIS A 45 8.40 -2.60 -1.89
N TRP A 46 7.34 -2.29 -2.63
CA TRP A 46 7.31 -2.55 -4.07
C TRP A 46 6.10 -1.88 -4.72
N CYS A 47 6.20 -1.63 -6.02
CA CYS A 47 5.13 -0.99 -6.76
C CYS A 47 4.24 -2.03 -7.46
N VAL A 48 2.94 -1.78 -7.47
CA VAL A 48 1.99 -2.69 -8.10
C VAL A 48 1.05 -1.94 -9.03
N ASP A 49 0.20 -2.69 -9.73
CA ASP A 49 -0.75 -2.09 -10.66
C ASP A 49 -2.18 -2.43 -10.25
N PRO A 50 -3.11 -1.48 -10.49
CA PRO A 50 -4.52 -1.66 -10.16
C PRO A 50 -5.20 -2.70 -11.04
N GLU A 51 -4.62 -2.96 -12.20
CA GLU A 51 -5.17 -3.93 -13.14
C GLU A 51 -5.46 -5.25 -12.44
N SER A 52 -4.45 -5.81 -11.78
CA SER A 52 -4.59 -7.07 -11.08
C SER A 52 -4.09 -6.96 -9.64
N GLY A 53 -3.03 -6.17 -9.47
CA GLY A 53 -2.46 -6.00 -8.14
C GLY A 53 -1.15 -6.73 -7.96
N THR A 54 -0.39 -6.85 -9.05
CA THR A 54 0.89 -7.54 -9.02
C THR A 54 2.05 -6.55 -9.14
N ALA A 55 3.25 -7.01 -8.76
CA ALA A 55 4.43 -6.15 -8.82
C ALA A 55 4.79 -5.83 -10.27
N LEU A 56 5.54 -4.75 -10.45
CA LEU A 56 5.95 -4.33 -11.79
C LEU A 56 7.47 -4.36 -11.93
N GLY A 57 8.15 -3.82 -10.93
CA GLY A 57 9.60 -3.80 -10.95
C GLY A 57 10.22 -4.69 -9.88
N GLU A 58 11.46 -4.39 -9.51
CA GLU A 58 12.15 -5.17 -8.49
C GLU A 58 12.16 -4.43 -7.16
N ARG A 59 12.40 -5.18 -6.07
CA ARG A 59 12.44 -4.61 -4.74
C ARG A 59 13.78 -3.94 -4.47
N ARG A 60 13.91 -3.32 -3.30
CA ARG A 60 15.15 -2.65 -2.93
C ARG A 60 15.19 -2.39 -1.42
N SER A 61 16.17 -1.61 -0.98
CA SER A 61 16.33 -1.29 0.43
C SER A 61 16.43 0.22 0.64
N GLY A 62 15.90 0.69 1.77
CA GLY A 62 15.95 2.10 2.06
C GLY A 62 14.59 2.67 2.43
N GLY A 63 14.45 3.99 2.35
CA GLY A 63 13.20 4.63 2.67
C GLY A 63 12.03 4.08 1.86
N CYS A 64 10.88 3.94 2.50
CA CYS A 64 9.70 3.41 1.83
C CYS A 64 9.37 4.23 0.59
N THR A 65 8.90 5.46 0.80
CA THR A 65 8.55 6.34 -0.30
C THR A 65 9.78 6.73 -1.11
N GLU A 66 10.90 6.91 -0.43
CA GLU A 66 12.15 7.27 -1.09
C GLU A 66 12.51 6.25 -2.17
N ALA A 67 12.57 4.98 -1.78
CA ALA A 67 12.90 3.92 -2.71
C ALA A 67 11.73 3.60 -3.64
N ALA A 68 10.52 3.72 -3.11
CA ALA A 68 9.31 3.45 -3.89
C ALA A 68 9.28 4.32 -5.14
N ARG A 69 9.60 5.60 -4.98
CA ARG A 69 9.59 6.53 -6.10
C ARG A 69 10.90 6.47 -6.87
N ASP A 70 12.01 6.45 -6.13
CA ASP A 70 13.33 6.39 -6.74
C ASP A 70 13.43 5.24 -7.73
N HIS A 71 12.76 4.13 -7.40
CA HIS A 71 12.77 2.95 -8.27
C HIS A 71 11.50 2.90 -9.13
N CYS A 72 10.35 3.05 -8.49
CA CYS A 72 9.08 3.03 -9.19
C CYS A 72 8.40 4.40 -9.16
N LYS A 5 -13.64 1.14 -1.12
CA LYS A 5 -13.54 0.21 -0.02
C LYS A 5 -12.26 0.47 0.80
N CYS A 6 -11.12 0.23 0.19
CA CYS A 6 -9.83 0.44 0.85
C CYS A 6 -9.73 1.86 1.40
N LEU A 7 -10.30 2.81 0.67
CA LEU A 7 -10.28 4.22 1.09
C LEU A 7 -11.06 4.40 2.39
N ALA A 8 -12.28 3.88 2.43
CA ALA A 8 -13.12 4.00 3.61
C ALA A 8 -12.52 3.22 4.78
N GLU A 9 -12.13 1.99 4.52
CA GLU A 9 -11.55 1.14 5.56
C GLU A 9 -10.27 1.76 6.12
N HIS A 10 -9.44 2.29 5.22
CA HIS A 10 -8.19 2.92 5.62
C HIS A 10 -8.45 4.15 6.50
N HIS A 11 -9.30 5.04 6.02
CA HIS A 11 -9.64 6.25 6.76
C HIS A 11 -10.21 5.91 8.13
N GLU A 12 -11.19 5.01 8.15
CA GLU A 12 -11.82 4.61 9.40
C GLU A 12 -10.81 3.95 10.33
N LYS A 13 -10.11 2.94 9.81
CA LYS A 13 -9.12 2.22 10.60
C LYS A 13 -8.07 3.18 11.17
N SER A 14 -7.74 4.21 10.40
CA SER A 14 -6.76 5.20 10.82
C SER A 14 -7.33 6.10 11.91
N LYS A 15 -8.61 6.45 11.77
CA LYS A 15 -9.27 7.31 12.74
C LYS A 15 -9.40 6.61 14.09
N SER A 16 -9.65 5.30 14.05
CA SER A 16 -9.79 4.51 15.27
C SER A 16 -9.65 3.02 14.98
N THR A 17 -9.54 2.23 16.04
CA THR A 17 -9.40 0.78 15.89
C THR A 17 -8.10 0.42 15.18
N HIS A 18 -7.16 -0.14 15.93
CA HIS A 18 -5.86 -0.52 15.37
C HIS A 18 -5.96 -1.88 14.69
N SER A 19 -4.82 -2.39 14.22
CA SER A 19 -4.77 -3.68 13.55
C SER A 19 -3.58 -4.50 14.01
N GLN A 20 -3.31 -5.59 13.31
CA GLN A 20 -2.19 -6.47 13.65
C GLN A 20 -1.01 -6.21 12.73
N VAL A 21 0.00 -7.08 12.80
CA VAL A 21 1.20 -6.94 11.98
C VAL A 21 0.99 -7.60 10.61
N GLY A 22 2.07 -7.66 9.83
CA GLY A 22 1.99 -8.26 8.52
C GLY A 22 1.05 -7.53 7.58
N ASP A 23 0.65 -8.18 6.50
CA ASP A 23 -0.26 -7.58 5.53
C ASP A 23 -1.50 -7.02 6.22
N ASP A 24 -1.60 -5.70 6.29
CA ASP A 24 -2.73 -5.05 6.92
C ASP A 24 -3.37 -4.03 5.97
N ILE A 25 -2.55 -3.18 5.38
CA ILE A 25 -3.03 -2.17 4.45
C ILE A 25 -2.86 -2.62 3.00
N PRO A 26 -3.94 -2.58 2.24
CA PRO A 26 -3.94 -2.96 0.82
C PRO A 26 -3.17 -1.98 -0.06
N LYS A 27 -3.16 -0.72 0.37
CA LYS A 27 -2.45 0.32 -0.37
C LYS A 27 -3.09 0.54 -1.74
N CYS A 28 -3.95 1.55 -1.84
CA CYS A 28 -4.63 1.87 -3.08
C CYS A 28 -4.50 3.35 -3.42
N ASN A 29 -4.21 3.65 -4.68
CA ASN A 29 -4.06 5.03 -5.13
C ASN A 29 -5.41 5.73 -5.18
N LEU A 30 -5.46 6.96 -4.66
CA LEU A 30 -6.68 7.74 -4.65
C LEU A 30 -7.09 8.15 -6.06
N ALA A 31 -6.17 7.97 -7.01
CA ALA A 31 -6.43 8.32 -8.40
C ALA A 31 -7.59 7.49 -8.97
N SER A 32 -7.55 6.19 -8.73
CA SER A 32 -8.59 5.29 -9.22
C SER A 32 -9.31 4.61 -8.06
N GLY A 33 -8.60 4.44 -6.95
CA GLY A 33 -9.18 3.80 -5.78
C GLY A 33 -8.95 2.30 -5.76
N TYR A 34 -7.93 1.85 -6.48
CA TYR A 34 -7.61 0.44 -6.55
C TYR A 34 -6.34 0.12 -5.77
N TYR A 35 -6.32 -1.04 -5.14
CA TYR A 35 -5.17 -1.47 -4.34
C TYR A 35 -4.18 -2.26 -5.21
N GLU A 36 -4.27 -2.08 -6.52
CA GLU A 36 -3.39 -2.77 -7.44
C GLU A 36 -2.26 -1.85 -7.90
N GLN A 37 -2.23 -0.64 -7.35
CA GLN A 37 -1.20 0.33 -7.72
C GLN A 37 -0.02 0.26 -6.75
N MET A 38 -0.32 0.14 -5.46
CA MET A 38 0.71 0.06 -4.44
C MET A 38 0.48 -1.14 -3.52
N GLN A 39 1.56 -1.72 -3.03
CA GLN A 39 1.49 -2.88 -2.14
C GLN A 39 2.58 -2.83 -1.10
N CYS A 40 2.29 -2.22 0.05
CA CYS A 40 3.25 -2.11 1.13
C CYS A 40 2.94 -3.10 2.25
N ASN A 41 3.95 -3.82 2.71
CA ASN A 41 3.77 -4.81 3.77
C ASN A 41 4.73 -4.52 4.93
N THR A 42 4.53 -5.23 6.04
CA THR A 42 5.38 -5.06 7.21
C THR A 42 6.78 -5.62 6.97
N GLN A 43 6.85 -6.79 6.35
CA GLN A 43 8.12 -7.42 6.07
C GLN A 43 8.86 -6.69 4.94
N GLN A 44 8.09 -6.20 3.97
CA GLN A 44 8.68 -5.47 2.84
C GLN A 44 7.61 -4.68 2.10
N HIS A 45 8.04 -3.70 1.30
CA HIS A 45 7.12 -2.88 0.54
C HIS A 45 7.45 -2.94 -0.95
N TRP A 46 6.43 -2.77 -1.79
CA TRP A 46 6.60 -2.82 -3.24
C TRP A 46 5.41 -2.18 -3.95
N CYS A 47 5.54 -1.99 -5.25
CA CYS A 47 4.48 -1.40 -6.05
C CYS A 47 3.90 -2.41 -7.03
N VAL A 48 2.64 -2.21 -7.41
CA VAL A 48 1.97 -3.10 -8.34
C VAL A 48 1.23 -2.33 -9.42
N ASP A 49 0.77 -3.03 -10.45
CA ASP A 49 0.06 -2.40 -11.54
C ASP A 49 -1.44 -2.72 -11.48
N PRO A 50 -2.27 -1.79 -11.97
CA PRO A 50 -3.72 -1.95 -11.97
C PRO A 50 -4.19 -3.04 -12.95
N GLU A 51 -3.35 -3.34 -13.94
CA GLU A 51 -3.67 -4.35 -14.93
C GLU A 51 -4.12 -5.65 -14.25
N SER A 52 -3.28 -6.16 -13.36
CA SER A 52 -3.58 -7.40 -12.66
C SER A 52 -3.26 -7.27 -11.18
N GLY A 53 -2.20 -6.54 -10.86
CA GLY A 53 -1.81 -6.34 -9.48
C GLY A 53 -0.52 -7.07 -9.14
N THR A 54 0.38 -7.19 -10.11
CA THR A 54 1.64 -7.86 -9.91
C THR A 54 2.76 -6.86 -9.63
N ALA A 55 3.77 -7.30 -8.87
CA ALA A 55 4.89 -6.45 -8.52
C ALA A 55 5.63 -5.97 -9.77
N LEU A 56 6.25 -4.80 -9.67
CA LEU A 56 7.00 -4.24 -10.79
C LEU A 56 8.47 -4.09 -10.45
N GLY A 57 8.75 -3.76 -9.19
CA GLY A 57 10.13 -3.59 -8.75
C GLY A 57 10.57 -4.70 -7.82
N GLU A 58 11.52 -4.39 -6.93
CA GLU A 58 12.03 -5.37 -5.99
C GLU A 58 12.46 -4.69 -4.68
N ARG A 59 11.48 -4.19 -3.93
CA ARG A 59 11.76 -3.53 -2.67
C ARG A 59 12.66 -2.31 -2.88
N ARG A 60 12.97 -1.62 -1.79
CA ARG A 60 13.81 -0.43 -1.86
C ARG A 60 14.87 -0.46 -0.76
N SER A 61 14.42 -0.42 0.49
CA SER A 61 15.33 -0.43 1.63
C SER A 61 14.56 -0.39 2.94
N GLY A 62 14.02 0.78 3.27
CA GLY A 62 13.26 0.94 4.50
C GLY A 62 12.02 1.80 4.31
N GLY A 63 11.29 2.03 5.40
CA GLY A 63 10.09 2.84 5.33
C GLY A 63 9.02 2.20 4.46
N CYS A 64 7.76 2.60 4.69
CA CYS A 64 6.65 2.06 3.92
C CYS A 64 6.25 3.02 2.80
N THR A 65 5.59 4.11 3.17
CA THR A 65 5.15 5.10 2.19
C THR A 65 6.31 6.00 1.76
N GLU A 66 7.21 6.29 2.70
CA GLU A 66 8.36 7.13 2.41
C GLU A 66 9.14 6.62 1.21
N ALA A 67 9.52 5.34 1.27
CA ALA A 67 10.28 4.72 0.19
C ALA A 67 9.36 4.41 -1.00
N ALA A 68 8.12 4.04 -0.71
CA ALA A 68 7.16 3.72 -1.76
C ALA A 68 6.98 4.89 -2.71
N ARG A 69 6.86 6.10 -2.16
CA ARG A 69 6.69 7.31 -2.96
C ARG A 69 8.02 7.82 -3.47
N ASP A 70 9.05 7.77 -2.60
CA ASP A 70 10.37 8.24 -2.96
C ASP A 70 10.92 7.47 -4.16
N HIS A 71 10.69 6.15 -4.16
CA HIS A 71 11.16 5.30 -5.25
C HIS A 71 10.65 3.88 -5.07
N CYS A 72 9.37 3.74 -4.76
CA CYS A 72 8.76 2.42 -4.56
C CYS A 72 9.44 1.68 -3.42
N LYS A 5 -13.63 0.30 -1.52
CA LYS A 5 -13.58 -0.70 -0.46
C LYS A 5 -12.36 -0.49 0.42
N CYS A 6 -11.17 -0.48 -0.20
CA CYS A 6 -9.92 -0.29 0.53
C CYS A 6 -9.94 1.04 1.27
N LEU A 7 -10.55 2.06 0.67
CA LEU A 7 -10.63 3.38 1.27
C LEU A 7 -11.43 3.34 2.57
N ALA A 8 -12.57 2.65 2.53
CA ALA A 8 -13.43 2.52 3.70
C ALA A 8 -12.76 1.70 4.78
N GLU A 9 -12.21 0.55 4.40
CA GLU A 9 -11.53 -0.34 5.35
C GLU A 9 -10.32 0.36 5.97
N HIS A 10 -9.53 1.01 5.13
CA HIS A 10 -8.34 1.71 5.60
C HIS A 10 -8.71 2.86 6.52
N HIS A 11 -9.74 3.62 6.15
CA HIS A 11 -10.20 4.74 6.93
C HIS A 11 -10.74 4.28 8.29
N GLU A 12 -11.57 3.24 8.25
CA GLU A 12 -12.16 2.70 9.47
C GLU A 12 -11.07 2.20 10.43
N LYS A 13 -10.14 1.41 9.89
CA LYS A 13 -9.06 0.86 10.68
C LYS A 13 -8.22 1.98 11.29
N SER A 14 -7.88 2.97 10.49
CA SER A 14 -7.07 4.11 10.94
C SER A 14 -7.82 4.91 11.99
N LYS A 15 -9.13 5.06 11.80
CA LYS A 15 -9.96 5.81 12.73
C LYS A 15 -10.01 5.12 14.09
N SER A 16 -10.23 3.80 14.07
CA SER A 16 -10.31 3.03 15.30
C SER A 16 -8.93 2.86 15.93
N THR A 17 -8.90 2.61 17.23
CA THR A 17 -7.65 2.44 17.96
C THR A 17 -7.76 1.31 18.99
N HIS A 18 -6.93 0.30 18.83
CA HIS A 18 -6.93 -0.84 19.74
C HIS A 18 -5.78 -1.80 19.44
N SER A 19 -5.79 -2.34 18.23
CA SER A 19 -4.75 -3.28 17.80
C SER A 19 -4.40 -3.07 16.33
N GLN A 20 -3.30 -2.37 16.09
CA GLN A 20 -2.85 -2.10 14.72
C GLN A 20 -1.61 -2.92 14.39
N VAL A 21 -1.50 -3.35 13.13
CA VAL A 21 -0.37 -4.14 12.68
C VAL A 21 0.37 -3.44 11.54
N GLY A 22 -0.39 -2.86 10.62
CA GLY A 22 0.21 -2.16 9.49
C GLY A 22 0.33 -3.05 8.28
N ASP A 23 0.58 -4.33 8.50
CA ASP A 23 0.72 -5.30 7.41
C ASP A 23 -0.64 -5.74 6.90
N ASP A 24 -0.63 -6.66 5.93
CA ASP A 24 -1.87 -7.17 5.35
C ASP A 24 -2.71 -6.04 4.78
N ILE A 25 -2.05 -5.03 4.22
CA ILE A 25 -2.75 -3.89 3.64
C ILE A 25 -2.63 -3.89 2.11
N PRO A 26 -3.77 -3.69 1.43
CA PRO A 26 -3.81 -3.65 -0.03
C PRO A 26 -3.13 -2.41 -0.61
N LYS A 27 -3.34 -1.27 0.06
CA LYS A 27 -2.74 -0.02 -0.40
C LYS A 27 -3.28 0.39 -1.75
N CYS A 28 -4.14 1.40 -1.76
CA CYS A 28 -4.73 1.90 -3.01
C CYS A 28 -4.55 3.41 -3.13
N ASN A 29 -3.86 3.82 -4.18
CA ASN A 29 -3.62 5.25 -4.42
C ASN A 29 -4.92 5.98 -4.73
N LEU A 30 -5.14 7.10 -4.04
CA LEU A 30 -6.36 7.88 -4.23
C LEU A 30 -6.47 8.35 -5.68
N ALA A 31 -5.35 8.34 -6.39
CA ALA A 31 -5.33 8.75 -7.79
C ALA A 31 -6.40 8.02 -8.60
N SER A 32 -6.47 6.71 -8.40
CA SER A 32 -7.44 5.88 -9.13
C SER A 32 -8.42 5.24 -8.16
N GLY A 33 -7.97 5.03 -6.92
CA GLY A 33 -8.82 4.41 -5.92
C GLY A 33 -8.72 2.90 -5.91
N TYR A 34 -7.75 2.38 -6.65
CA TYR A 34 -7.55 0.93 -6.73
C TYR A 34 -6.30 0.51 -5.96
N TYR A 35 -6.30 -0.73 -5.48
CA TYR A 35 -5.16 -1.25 -4.73
C TYR A 35 -4.17 -1.94 -5.66
N GLU A 36 -4.22 -1.58 -6.94
CA GLU A 36 -3.31 -2.16 -7.94
C GLU A 36 -2.26 -1.14 -8.35
N GLN A 37 -2.27 0.02 -7.71
CA GLN A 37 -1.32 1.08 -8.04
C GLN A 37 -0.05 0.92 -7.21
N MET A 38 -0.19 0.96 -5.89
CA MET A 38 0.95 0.82 -4.99
C MET A 38 0.68 -0.24 -3.93
N GLN A 39 1.74 -0.90 -3.48
CA GLN A 39 1.62 -1.94 -2.47
C GLN A 39 2.69 -1.79 -1.40
N CYS A 40 2.31 -1.24 -0.25
CA CYS A 40 3.23 -1.04 0.86
C CYS A 40 3.03 -2.10 1.94
N ASN A 41 4.14 -2.56 2.51
CA ASN A 41 4.09 -3.58 3.56
C ASN A 41 4.78 -3.09 4.82
N THR A 42 4.63 -3.86 5.90
CA THR A 42 5.24 -3.51 7.18
C THR A 42 6.76 -3.59 7.10
N GLN A 43 7.26 -4.56 6.34
CA GLN A 43 8.70 -4.75 6.18
C GLN A 43 9.13 -4.49 4.74
N GLN A 44 8.27 -4.84 3.80
CA GLN A 44 8.55 -4.64 2.38
C GLN A 44 7.68 -3.55 1.79
N HIS A 45 7.87 -3.28 0.50
CA HIS A 45 7.09 -2.25 -0.18
C HIS A 45 7.41 -2.23 -1.67
N TRP A 46 6.43 -2.57 -2.49
CA TRP A 46 6.60 -2.59 -3.94
C TRP A 46 5.47 -1.85 -4.64
N CYS A 47 5.59 -1.70 -5.95
CA CYS A 47 4.57 -1.02 -6.74
C CYS A 47 3.91 -1.97 -7.72
N VAL A 48 2.65 -1.68 -8.06
CA VAL A 48 1.90 -2.52 -8.99
C VAL A 48 1.19 -1.67 -10.04
N ASP A 49 0.49 -2.34 -10.96
CA ASP A 49 -0.23 -1.64 -12.02
C ASP A 49 -1.70 -2.06 -12.04
N PRO A 50 -2.58 -1.11 -12.41
CA PRO A 50 -4.02 -1.36 -12.48
C PRO A 50 -4.39 -2.30 -13.62
N GLU A 51 -3.51 -2.42 -14.61
CA GLU A 51 -3.75 -3.28 -15.76
C GLU A 51 -4.14 -4.69 -15.30
N SER A 52 -3.29 -5.28 -14.47
CA SER A 52 -3.55 -6.63 -13.97
C SER A 52 -3.34 -6.69 -12.46
N GLY A 53 -2.36 -5.93 -11.97
CA GLY A 53 -2.08 -5.91 -10.55
C GLY A 53 -0.80 -6.64 -10.19
N THR A 54 0.16 -6.63 -11.11
CA THR A 54 1.44 -7.29 -10.89
C THR A 54 2.51 -6.31 -10.41
N ALA A 55 3.47 -6.82 -9.67
CA ALA A 55 4.56 -6.00 -9.15
C ALA A 55 5.43 -5.47 -10.28
N LEU A 56 6.07 -4.32 -10.05
CA LEU A 56 6.93 -3.71 -11.05
C LEU A 56 8.32 -3.43 -10.47
N GLY A 57 8.35 -2.83 -9.29
CA GLY A 57 9.61 -2.52 -8.64
C GLY A 57 10.13 -3.67 -7.79
N GLU A 58 10.95 -3.34 -6.80
CA GLU A 58 11.51 -4.36 -5.92
C GLU A 58 10.93 -4.24 -4.51
N ARG A 59 11.41 -5.07 -3.60
CA ARG A 59 10.94 -5.06 -2.22
C ARG A 59 12.10 -5.27 -1.24
N ARG A 60 12.47 -4.21 -0.54
CA ARG A 60 13.57 -4.27 0.42
C ARG A 60 13.78 -2.92 1.11
N SER A 61 14.78 -2.85 1.97
CA SER A 61 15.08 -1.62 2.69
C SER A 61 13.92 -1.22 3.60
N GLY A 62 14.04 -0.06 4.24
CA GLY A 62 13.00 0.41 5.13
C GLY A 62 12.19 1.54 4.53
N GLY A 63 11.39 2.21 5.36
CA GLY A 63 10.58 3.31 4.88
C GLY A 63 9.48 2.85 3.95
N CYS A 64 8.26 3.35 4.17
CA CYS A 64 7.13 2.98 3.34
C CYS A 64 6.86 4.05 2.28
N THR A 65 6.27 5.17 2.71
CA THR A 65 5.96 6.26 1.81
C THR A 65 7.22 6.84 1.19
N GLU A 66 8.32 6.82 1.95
CA GLU A 66 9.59 7.34 1.46
C GLU A 66 10.04 6.59 0.21
N ALA A 67 10.19 5.27 0.33
CA ALA A 67 10.61 4.44 -0.79
C ALA A 67 9.51 4.31 -1.82
N ALA A 68 8.27 4.33 -1.36
CA ALA A 68 7.11 4.22 -2.25
C ALA A 68 7.03 5.41 -3.20
N ARG A 69 7.04 6.62 -2.63
CA ARG A 69 6.96 7.84 -3.42
C ARG A 69 8.25 8.05 -4.21
N ASP A 70 9.38 7.80 -3.58
CA ASP A 70 10.67 7.98 -4.23
C ASP A 70 10.82 7.00 -5.39
N HIS A 71 10.45 5.74 -5.16
CA HIS A 71 10.54 4.71 -6.19
C HIS A 71 9.92 3.40 -5.71
N CYS A 72 8.59 3.40 -5.56
CA CYS A 72 7.89 2.21 -5.11
C CYS A 72 8.28 0.98 -5.92
N LYS A 5 -13.37 0.07 -1.05
CA LYS A 5 -13.15 -0.78 0.11
C LYS A 5 -11.92 -0.33 0.89
N CYS A 6 -10.75 -0.45 0.27
CA CYS A 6 -9.50 -0.05 0.90
C CYS A 6 -9.56 1.41 1.36
N LEU A 7 -10.23 2.23 0.56
CA LEU A 7 -10.36 3.66 0.89
C LEU A 7 -11.12 3.85 2.20
N ALA A 8 -12.25 3.14 2.34
CA ALA A 8 -13.06 3.24 3.56
C ALA A 8 -12.30 2.67 4.76
N GLU A 9 -11.76 1.47 4.61
CA GLU A 9 -11.02 0.82 5.68
C GLU A 9 -9.83 1.68 6.12
N HIS A 10 -9.03 2.10 5.14
CA HIS A 10 -7.85 2.91 5.41
C HIS A 10 -8.26 4.21 6.12
N HIS A 11 -9.24 4.91 5.56
CA HIS A 11 -9.70 6.16 6.14
C HIS A 11 -10.16 5.97 7.58
N GLU A 12 -11.06 5.00 7.78
CA GLU A 12 -11.58 4.72 9.11
C GLU A 12 -10.45 4.38 10.07
N LYS A 13 -9.59 3.44 9.68
CA LYS A 13 -8.47 3.04 10.51
C LYS A 13 -7.64 4.24 10.92
N SER A 14 -7.31 5.10 9.95
CA SER A 14 -6.52 6.29 10.21
C SER A 14 -7.19 7.18 11.26
N LYS A 15 -8.48 7.43 11.07
CA LYS A 15 -9.25 8.26 11.99
C LYS A 15 -9.25 7.66 13.38
N SER A 16 -9.45 6.35 13.46
CA SER A 16 -9.47 5.65 14.74
C SER A 16 -8.07 5.24 15.16
N THR A 17 -7.98 4.52 16.29
CA THR A 17 -6.69 4.07 16.81
C THR A 17 -6.17 2.87 16.02
N HIS A 18 -4.85 2.73 15.96
CA HIS A 18 -4.23 1.63 15.24
C HIS A 18 -4.56 0.29 15.91
N SER A 19 -4.40 -0.79 15.17
CA SER A 19 -4.68 -2.12 15.68
C SER A 19 -3.90 -3.18 14.92
N GLN A 20 -3.69 -4.34 15.54
CA GLN A 20 -2.96 -5.43 14.92
C GLN A 20 -3.91 -6.45 14.32
N VAL A 21 -3.83 -6.62 13.01
CA VAL A 21 -4.69 -7.58 12.30
C VAL A 21 -3.99 -8.14 11.07
N GLY A 22 -4.55 -9.23 10.53
CA GLY A 22 -3.97 -9.84 9.35
C GLY A 22 -4.11 -8.97 8.12
N ASP A 23 -3.24 -9.20 7.13
CA ASP A 23 -3.27 -8.43 5.89
C ASP A 23 -3.17 -6.93 6.19
N ASP A 24 -1.94 -6.42 6.19
CA ASP A 24 -1.71 -5.00 6.45
C ASP A 24 -2.39 -4.14 5.40
N ILE A 25 -2.07 -2.85 5.39
CA ILE A 25 -2.65 -1.92 4.44
C ILE A 25 -2.45 -2.40 3.00
N PRO A 26 -3.55 -2.47 2.24
CA PRO A 26 -3.51 -2.91 0.84
C PRO A 26 -2.83 -1.90 -0.07
N LYS A 27 -2.92 -0.62 0.30
CA LYS A 27 -2.33 0.45 -0.48
C LYS A 27 -2.97 0.56 -1.86
N CYS A 28 -3.90 1.51 -2.00
CA CYS A 28 -4.58 1.71 -3.27
C CYS A 28 -4.58 3.19 -3.66
N ASN A 29 -4.18 3.46 -4.89
CA ASN A 29 -4.13 4.83 -5.39
C ASN A 29 -5.52 5.44 -5.47
N LEU A 30 -5.65 6.68 -5.03
CA LEU A 30 -6.93 7.38 -5.05
C LEU A 30 -7.37 7.68 -6.48
N ALA A 31 -6.41 7.65 -7.41
CA ALA A 31 -6.71 7.91 -8.81
C ALA A 31 -7.83 7.01 -9.31
N SER A 32 -7.72 5.71 -9.03
CA SER A 32 -8.73 4.75 -9.46
C SER A 32 -9.38 4.08 -8.26
N GLY A 33 -8.64 3.98 -7.16
CA GLY A 33 -9.16 3.36 -5.97
C GLY A 33 -8.87 1.87 -5.91
N TYR A 34 -7.83 1.45 -6.63
CA TYR A 34 -7.45 0.04 -6.66
C TYR A 34 -6.15 -0.18 -5.90
N TYR A 35 -6.04 -1.34 -5.25
CA TYR A 35 -4.85 -1.68 -4.48
C TYR A 35 -3.84 -2.44 -5.35
N GLU A 36 -3.97 -2.28 -6.66
CA GLU A 36 -3.08 -2.96 -7.60
C GLU A 36 -1.95 -2.01 -8.04
N GLN A 37 -1.94 -0.82 -7.46
CA GLN A 37 -0.92 0.17 -7.79
C GLN A 37 0.29 0.06 -6.85
N MET A 38 0.00 -0.25 -5.59
CA MET A 38 1.06 -0.39 -4.59
C MET A 38 0.76 -1.54 -3.64
N GLN A 39 1.79 -2.31 -3.30
CA GLN A 39 1.64 -3.44 -2.40
C GLN A 39 2.67 -3.39 -1.28
N CYS A 40 2.23 -2.95 -0.10
CA CYS A 40 3.10 -2.84 1.06
C CYS A 40 2.74 -3.89 2.11
N ASN A 41 3.75 -4.57 2.64
CA ASN A 41 3.55 -5.59 3.65
C ASN A 41 4.69 -5.61 4.66
N THR A 42 4.40 -6.08 5.87
CA THR A 42 5.41 -6.14 6.92
C THR A 42 6.67 -6.86 6.43
N GLN A 43 6.48 -7.89 5.60
CA GLN A 43 7.60 -8.65 5.08
C GLN A 43 8.38 -7.83 4.05
N GLN A 44 7.66 -7.18 3.14
CA GLN A 44 8.30 -6.36 2.11
C GLN A 44 7.29 -5.39 1.50
N HIS A 45 7.80 -4.35 0.86
CA HIS A 45 6.96 -3.34 0.23
C HIS A 45 7.36 -3.12 -1.22
N TRP A 46 6.50 -3.54 -2.14
CA TRP A 46 6.77 -3.39 -3.57
C TRP A 46 5.55 -2.84 -4.30
N CYS A 47 5.80 -2.06 -5.34
CA CYS A 47 4.73 -1.46 -6.13
C CYS A 47 4.19 -2.45 -7.16
N VAL A 48 2.92 -2.27 -7.55
CA VAL A 48 2.29 -3.14 -8.53
C VAL A 48 1.54 -2.33 -9.58
N ASP A 49 1.05 -3.02 -10.61
CA ASP A 49 0.32 -2.36 -11.68
C ASP A 49 -1.17 -2.75 -11.63
N PRO A 50 -2.03 -1.84 -12.10
CA PRO A 50 -3.48 -2.06 -12.12
C PRO A 50 -3.89 -3.11 -13.14
N GLU A 51 -3.04 -3.34 -14.12
CA GLU A 51 -3.31 -4.33 -15.16
C GLU A 51 -3.70 -5.68 -14.55
N SER A 52 -2.83 -6.18 -13.67
CA SER A 52 -3.08 -7.46 -13.02
C SER A 52 -2.74 -7.38 -11.53
N GLY A 53 -1.70 -6.63 -11.21
CA GLY A 53 -1.30 -6.48 -9.81
C GLY A 53 0.03 -7.14 -9.54
N THR A 54 0.92 -7.17 -10.53
CA THR A 54 2.23 -7.77 -10.39
C THR A 54 3.31 -6.72 -10.19
N ALA A 55 4.39 -7.10 -9.51
CA ALA A 55 5.50 -6.19 -9.27
C ALA A 55 5.97 -5.53 -10.56
N LEU A 56 6.54 -4.33 -10.43
CA LEU A 56 7.03 -3.60 -11.59
C LEU A 56 8.56 -3.66 -11.66
N GLY A 57 9.20 -3.64 -10.50
CA GLY A 57 10.65 -3.71 -10.46
C GLY A 57 11.25 -2.61 -9.59
N GLU A 58 10.63 -2.35 -8.44
CA GLU A 58 11.10 -1.33 -7.53
C GLU A 58 10.95 -1.78 -6.08
N ARG A 59 11.86 -2.63 -5.63
CA ARG A 59 11.82 -3.14 -4.26
C ARG A 59 13.07 -2.70 -3.50
N ARG A 60 12.99 -1.53 -2.87
CA ARG A 60 14.12 -1.01 -2.11
C ARG A 60 13.75 -0.86 -0.63
N SER A 61 14.77 -0.80 0.22
CA SER A 61 14.55 -0.67 1.66
C SER A 61 13.76 0.59 1.98
N GLY A 62 13.55 0.85 3.27
CA GLY A 62 12.81 2.02 3.69
C GLY A 62 11.48 1.67 4.31
N GLY A 63 10.82 2.66 4.91
CA GLY A 63 9.53 2.44 5.54
C GLY A 63 8.50 1.89 4.56
N CYS A 64 7.26 1.78 5.02
CA CYS A 64 6.18 1.28 4.19
C CYS A 64 5.78 2.29 3.13
N THR A 65 5.08 3.34 3.55
CA THR A 65 4.64 4.38 2.64
C THR A 65 5.77 5.33 2.30
N GLU A 66 6.65 5.58 3.27
CA GLU A 66 7.79 6.46 3.06
C GLU A 66 8.62 6.01 1.86
N ALA A 67 9.04 4.75 1.88
CA ALA A 67 9.84 4.19 0.81
C ALA A 67 8.99 3.95 -0.44
N ALA A 68 7.74 3.55 -0.24
CA ALA A 68 6.82 3.29 -1.33
C ALA A 68 6.63 4.53 -2.19
N ARG A 69 6.36 5.67 -1.54
CA ARG A 69 6.15 6.92 -2.25
C ARG A 69 7.47 7.51 -2.73
N ASP A 70 8.48 7.44 -1.86
CA ASP A 70 9.80 7.97 -2.20
C ASP A 70 10.36 7.28 -3.45
N HIS A 71 10.46 5.95 -3.39
CA HIS A 71 10.97 5.18 -4.51
C HIS A 71 10.47 3.74 -4.46
N CYS A 72 9.17 3.58 -4.25
CA CYS A 72 8.56 2.25 -4.17
C CYS A 72 9.23 1.41 -3.08
N LYS A 5 -13.54 0.51 -1.08
CA LYS A 5 -13.29 -0.55 -0.12
C LYS A 5 -12.08 -0.24 0.75
N CYS A 6 -10.90 -0.28 0.14
CA CYS A 6 -9.66 0.00 0.85
C CYS A 6 -9.70 1.37 1.51
N LEU A 7 -10.34 2.32 0.84
CA LEU A 7 -10.47 3.68 1.35
C LEU A 7 -11.30 3.71 2.62
N ALA A 8 -12.42 2.98 2.61
CA ALA A 8 -13.30 2.92 3.76
C ALA A 8 -12.64 2.19 4.93
N GLU A 9 -12.00 1.07 4.63
CA GLU A 9 -11.33 0.27 5.64
C GLU A 9 -10.14 1.04 6.24
N HIS A 10 -9.27 1.53 5.35
CA HIS A 10 -8.09 2.27 5.77
C HIS A 10 -8.49 3.51 6.58
N HIS A 11 -9.49 4.24 6.07
CA HIS A 11 -9.96 5.45 6.74
C HIS A 11 -10.54 5.11 8.11
N GLU A 12 -11.41 4.11 8.15
CA GLU A 12 -12.04 3.69 9.40
C GLU A 12 -10.99 3.35 10.45
N LYS A 13 -9.99 2.58 10.04
CA LYS A 13 -8.91 2.19 10.94
C LYS A 13 -8.10 3.39 11.41
N SER A 14 -7.83 4.30 10.47
CA SER A 14 -7.06 5.50 10.78
C SER A 14 -7.82 6.38 11.77
N LYS A 15 -9.13 6.48 11.59
CA LYS A 15 -9.97 7.30 12.47
C LYS A 15 -10.02 6.69 13.88
N SER A 16 -10.49 5.45 13.97
CA SER A 16 -10.59 4.77 15.25
C SER A 16 -10.29 3.28 15.10
N THR A 17 -10.06 2.61 16.22
CA THR A 17 -9.75 1.19 16.22
C THR A 17 -8.35 0.92 15.68
N HIS A 18 -8.16 1.17 14.39
CA HIS A 18 -6.86 0.96 13.76
C HIS A 18 -6.45 -0.51 13.83
N SER A 19 -5.44 -0.88 13.04
CA SER A 19 -4.96 -2.25 13.01
C SER A 19 -4.24 -2.60 14.31
N GLN A 20 -3.93 -3.89 14.47
CA GLN A 20 -3.26 -4.37 15.67
C GLN A 20 -1.80 -4.71 15.37
N VAL A 21 -1.59 -5.56 14.38
CA VAL A 21 -0.25 -5.97 14.00
C VAL A 21 -0.01 -5.78 12.51
N GLY A 22 -1.04 -6.06 11.71
CA GLY A 22 -0.93 -5.90 10.27
C GLY A 22 -0.08 -6.99 9.64
N ASP A 23 -0.13 -7.09 8.32
CA ASP A 23 0.64 -8.08 7.59
C ASP A 23 0.60 -7.82 6.08
N ASP A 24 -0.57 -7.40 5.59
CA ASP A 24 -0.74 -7.12 4.18
C ASP A 24 -1.93 -6.18 3.96
N ILE A 25 -1.65 -4.90 3.85
CA ILE A 25 -2.70 -3.90 3.62
C ILE A 25 -2.65 -3.34 2.21
N PRO A 26 -3.81 -3.29 1.56
CA PRO A 26 -3.93 -2.78 0.18
C PRO A 26 -3.70 -1.28 0.10
N LYS A 27 -2.46 -0.89 -0.16
CA LYS A 27 -2.10 0.53 -0.27
C LYS A 27 -2.59 1.11 -1.58
N CYS A 28 -3.90 1.30 -1.68
CA CYS A 28 -4.50 1.86 -2.88
C CYS A 28 -4.26 3.37 -2.96
N ASN A 29 -3.75 3.83 -4.10
CA ASN A 29 -3.48 5.25 -4.29
C ASN A 29 -4.76 6.00 -4.67
N LEU A 30 -4.96 7.15 -4.04
CA LEU A 30 -6.15 7.97 -4.30
C LEU A 30 -6.21 8.37 -5.77
N ALA A 31 -5.07 8.29 -6.45
CA ALA A 31 -5.01 8.64 -7.86
C ALA A 31 -6.08 7.90 -8.66
N SER A 32 -6.19 6.59 -8.43
CA SER A 32 -7.17 5.77 -9.13
C SER A 32 -8.18 5.17 -8.15
N GLY A 33 -7.75 4.99 -6.91
CA GLY A 33 -8.62 4.43 -5.90
C GLY A 33 -8.56 2.92 -5.84
N TYR A 34 -7.60 2.34 -6.56
CA TYR A 34 -7.42 0.90 -6.59
C TYR A 34 -6.19 0.47 -5.80
N TYR A 35 -6.22 -0.75 -5.29
CA TYR A 35 -5.10 -1.28 -4.51
C TYR A 35 -4.11 -2.00 -5.42
N GLU A 36 -4.15 -1.70 -6.71
CA GLU A 36 -3.26 -2.32 -7.67
C GLU A 36 -2.17 -1.34 -8.11
N GLN A 37 -2.16 -0.16 -7.51
CA GLN A 37 -1.17 0.87 -7.83
C GLN A 37 0.06 0.73 -6.95
N MET A 38 -0.16 0.66 -5.63
CA MET A 38 0.94 0.53 -4.67
C MET A 38 0.60 -0.50 -3.60
N GLN A 39 1.63 -1.09 -3.02
CA GLN A 39 1.44 -2.09 -1.97
C GLN A 39 2.60 -2.07 -0.97
N CYS A 40 2.46 -1.27 0.07
CA CYS A 40 3.49 -1.16 1.09
C CYS A 40 3.03 -1.76 2.41
N ASN A 41 3.94 -2.43 3.11
CA ASN A 41 3.62 -3.06 4.38
C ASN A 41 4.81 -3.00 5.33
N THR A 42 4.57 -3.32 6.60
CA THR A 42 5.62 -3.29 7.61
C THR A 42 6.70 -4.32 7.30
N GLN A 43 6.29 -5.46 6.76
CA GLN A 43 7.23 -6.53 6.42
C GLN A 43 8.07 -6.13 5.20
N GLN A 44 7.41 -5.61 4.18
CA GLN A 44 8.09 -5.19 2.96
C GLN A 44 7.25 -4.19 2.18
N HIS A 45 7.89 -3.50 1.23
CA HIS A 45 7.20 -2.52 0.41
C HIS A 45 7.43 -2.79 -1.07
N TRP A 46 6.39 -2.61 -1.87
CA TRP A 46 6.48 -2.84 -3.31
C TRP A 46 5.34 -2.12 -4.05
N CYS A 47 5.54 -1.91 -5.35
CA CYS A 47 4.53 -1.24 -6.16
C CYS A 47 3.89 -2.21 -7.16
N VAL A 48 2.71 -1.86 -7.65
CA VAL A 48 2.00 -2.69 -8.60
C VAL A 48 1.32 -1.84 -9.68
N ASP A 49 0.67 -2.51 -10.62
CA ASP A 49 -0.02 -1.82 -11.70
C ASP A 49 -1.50 -2.20 -11.73
N PRO A 50 -2.35 -1.24 -12.14
CA PRO A 50 -3.80 -1.45 -12.21
C PRO A 50 -4.19 -2.41 -13.33
N GLU A 51 -3.30 -2.57 -14.31
CA GLU A 51 -3.55 -3.46 -15.43
C GLU A 51 -3.98 -4.84 -14.94
N SER A 52 -3.17 -5.44 -14.09
CA SER A 52 -3.46 -6.77 -13.55
C SER A 52 -3.30 -6.79 -12.03
N GLY A 53 -2.31 -6.04 -11.54
CA GLY A 53 -2.06 -5.98 -10.11
C GLY A 53 -0.80 -6.75 -9.71
N THR A 54 0.19 -6.76 -10.61
CA THR A 54 1.44 -7.46 -10.35
C THR A 54 2.55 -6.48 -10.01
N ALA A 55 3.62 -6.99 -9.41
CA ALA A 55 4.76 -6.16 -9.04
C ALA A 55 5.46 -5.60 -10.26
N LEU A 56 6.21 -4.52 -10.08
CA LEU A 56 6.94 -3.89 -11.17
C LEU A 56 8.43 -3.78 -10.86
N GLY A 57 8.73 -3.19 -9.70
CA GLY A 57 10.12 -3.04 -9.30
C GLY A 57 10.52 -4.03 -8.24
N GLU A 58 11.43 -3.63 -7.36
CA GLU A 58 11.91 -4.50 -6.29
C GLU A 58 11.31 -4.08 -4.94
N ARG A 59 11.82 -4.67 -3.87
CA ARG A 59 11.33 -4.36 -2.53
C ARG A 59 12.47 -3.89 -1.63
N ARG A 60 13.40 -3.14 -2.21
CA ARG A 60 14.55 -2.64 -1.46
C ARG A 60 14.53 -1.11 -1.42
N SER A 61 14.14 -0.56 -0.27
CA SER A 61 14.08 0.90 -0.11
C SER A 61 14.10 1.27 1.37
N GLY A 62 13.83 2.54 1.65
CA GLY A 62 13.81 3.01 3.03
C GLY A 62 12.41 3.08 3.60
N GLY A 63 11.94 4.30 3.86
CA GLY A 63 10.62 4.48 4.41
C GLY A 63 9.55 3.77 3.60
N CYS A 64 8.34 3.74 4.13
CA CYS A 64 7.22 3.08 3.46
C CYS A 64 6.78 3.87 2.23
N THR A 65 6.09 4.98 2.47
CA THR A 65 5.60 5.83 1.39
C THR A 65 6.72 6.70 0.83
N GLU A 66 7.61 7.15 1.72
CA GLU A 66 8.72 8.00 1.32
C GLU A 66 9.51 7.35 0.18
N ALA A 67 9.95 6.13 0.40
CA ALA A 67 10.72 5.39 -0.59
C ALA A 67 9.82 4.90 -1.73
N ALA A 68 8.59 4.53 -1.39
CA ALA A 68 7.64 4.05 -2.38
C ALA A 68 7.39 5.09 -3.46
N ARG A 69 7.24 6.34 -3.05
CA ARG A 69 7.00 7.43 -3.97
C ARG A 69 8.30 7.95 -4.57
N ASP A 70 9.34 8.03 -3.73
CA ASP A 70 10.64 8.49 -4.17
C ASP A 70 11.20 7.60 -5.27
N HIS A 71 11.02 6.29 -5.11
CA HIS A 71 11.51 5.33 -6.09
C HIS A 71 11.06 3.92 -5.74
N CYS A 72 9.77 3.77 -5.43
CA CYS A 72 9.21 2.48 -5.07
C CYS A 72 9.99 1.85 -3.92
#